data_9EX6
#
_entry.id   9EX6
#
_cell.length_a   1.00
_cell.length_b   1.00
_cell.length_c   1.00
_cell.angle_alpha   90.00
_cell.angle_beta   90.00
_cell.angle_gamma   90.00
#
_symmetry.space_group_name_H-M   'P 1'
#
loop_
_entity.id
_entity.type
_entity.pdbx_description
1 polymer 'Cys-loop ligand-gated ion channel'
2 non-polymer DODECANE
3 non-polymer N-OCTANE
4 non-polymer TETRADECANE
5 non-polymer HEXANE
6 non-polymer DECANE
7 water water
#
_entity_poly.entity_id   1
_entity_poly.type   'polypeptide(L)'
_entity_poly.pdbx_seq_one_letter_code
;MASLAAEPSDVFIGLKIDQITGINQKEENFSVVGSLRIDWRQPLLAFEHAPGEPKHRTYTLATFLKLLEEKQIRWPAFTY
HNQQGRMDFQNRLISLSEDGTVMYLERFTSTFQAPAFDFRLFPFDNQLFFIHVDSIFPQHLFRFQEMQGFSGLGDQLGEE
EWIVTEVNTHLTTHNEFTKGDASRFVLEFHAERHLNYYLMRILIPVLLIITVSWFTFFLQDYTKRIDLAGGNLLLFIAFN
FTISSDLPRLGYITLMDAFLVGTFIITALVVLGNVWLRRLENHGKQALARKLDIYAITSYPLAYLLGALTLWLLFFWRSY
;
_entity_poly.pdbx_strand_id   A,B,C,D,E
#
# COMPACT_ATOMS: atom_id res chain seq x y z
N PRO A 8 -8.71 -47.82 19.47
CA PRO A 8 -8.44 -46.60 18.67
C PRO A 8 -7.60 -46.88 17.43
N SER A 9 -7.71 -46.01 16.43
CA SER A 9 -7.04 -46.17 15.14
C SER A 9 -5.90 -45.17 15.00
N ASP A 10 -4.73 -45.65 14.59
CA ASP A 10 -3.52 -44.83 14.47
C ASP A 10 -3.51 -44.08 13.14
N VAL A 11 -3.24 -42.77 13.21
CA VAL A 11 -3.14 -41.90 12.03
C VAL A 11 -1.74 -41.29 12.01
N PHE A 12 -0.98 -41.54 10.95
CA PHE A 12 0.39 -41.03 10.82
C PHE A 12 0.39 -39.72 10.04
N ILE A 13 1.02 -38.67 10.60
CA ILE A 13 0.91 -37.33 10.04
C ILE A 13 2.26 -36.62 10.01
N GLY A 14 2.47 -35.80 8.98
CA GLY A 14 3.66 -34.98 8.87
C GLY A 14 3.44 -33.75 8.02
N LEU A 15 4.29 -32.73 8.24
CA LEU A 15 4.16 -31.44 7.58
C LEU A 15 5.52 -30.93 7.11
N LYS A 16 5.62 -30.46 5.85
CA LYS A 16 6.88 -29.90 5.33
C LYS A 16 6.64 -28.55 4.65
N ILE A 17 7.50 -27.57 4.98
CA ILE A 17 7.41 -26.21 4.45
C ILE A 17 8.48 -26.02 3.38
N ASP A 18 8.05 -25.58 2.18
CA ASP A 18 8.97 -25.32 1.08
C ASP A 18 9.65 -23.96 1.23
N GLN A 19 8.86 -22.93 1.52
CA GLN A 19 9.34 -21.55 1.44
C GLN A 19 8.52 -20.67 2.36
N ILE A 20 9.23 -19.78 3.07
CA ILE A 20 8.62 -18.74 3.88
C ILE A 20 8.34 -17.52 3.00
N THR A 21 7.06 -17.26 2.67
CA THR A 21 6.80 -16.28 1.62
C THR A 21 6.68 -14.85 2.13
N GLY A 22 6.60 -14.63 3.44
CA GLY A 22 6.64 -13.29 3.99
C GLY A 22 6.54 -13.30 5.50
N ILE A 23 7.00 -12.20 6.10
CA ILE A 23 6.97 -11.99 7.54
C ILE A 23 6.58 -10.54 7.82
N ASN A 24 5.62 -10.34 8.72
CA ASN A 24 5.04 -9.02 9.02
C ASN A 24 5.29 -8.67 10.48
N GLN A 25 6.14 -7.68 10.73
CA GLN A 25 6.55 -7.38 12.10
C GLN A 25 5.54 -6.52 12.85
N LYS A 26 4.75 -5.71 12.14
CA LYS A 26 3.76 -4.84 12.78
C LYS A 26 2.47 -5.58 13.09
N GLU A 27 2.02 -6.44 12.17
CA GLU A 27 0.80 -7.24 12.38
C GLU A 27 1.05 -8.51 13.17
N GLU A 28 2.30 -8.95 13.27
CA GLU A 28 2.68 -10.19 13.94
C GLU A 28 2.02 -11.42 13.29
N ASN A 29 2.40 -11.68 12.03
CA ASN A 29 2.02 -12.90 11.32
C ASN A 29 3.08 -13.23 10.26
N PHE A 30 3.00 -14.46 9.72
CA PHE A 30 3.91 -14.93 8.67
C PHE A 30 3.15 -15.79 7.66
N SER A 31 3.77 -16.00 6.49
CA SER A 31 3.15 -16.71 5.36
C SER A 31 4.09 -17.75 4.78
N VAL A 32 3.54 -18.85 4.25
CA VAL A 32 4.32 -20.02 3.82
C VAL A 32 3.67 -20.71 2.63
N VAL A 33 4.44 -21.61 2.00
CA VAL A 33 3.91 -22.60 1.06
C VAL A 33 4.41 -23.96 1.54
N GLY A 34 3.52 -24.96 1.62
CA GLY A 34 3.89 -26.23 2.18
C GLY A 34 2.97 -27.36 1.80
N SER A 35 3.23 -28.53 2.39
CA SER A 35 2.55 -29.78 2.04
C SER A 35 2.26 -30.60 3.29
N LEU A 36 1.02 -31.06 3.42
CA LEU A 36 0.53 -31.86 4.54
C LEU A 36 0.30 -33.29 4.08
N ARG A 37 0.83 -34.26 4.81
CA ARG A 37 0.71 -35.67 4.41
C ARG A 37 0.19 -36.58 5.52
N ILE A 38 -0.72 -37.49 5.17
CA ILE A 38 -1.30 -38.42 6.14
C ILE A 38 -1.35 -39.83 5.53
N ASP A 39 -0.91 -40.84 6.31
CA ASP A 39 -1.10 -42.25 6.01
C ASP A 39 -2.03 -42.88 7.05
N TRP A 40 -2.94 -43.76 6.59
CA TRP A 40 -3.96 -44.41 7.41
C TRP A 40 -4.35 -45.73 6.73
N ARG A 41 -4.73 -46.71 7.56
CA ARG A 41 -5.19 -47.98 7.02
C ARG A 41 -6.60 -48.27 7.50
N GLN A 42 -7.44 -48.73 6.59
CA GLN A 42 -8.84 -49.05 6.87
C GLN A 42 -9.17 -50.31 6.06
N PRO A 43 -9.14 -51.48 6.69
CA PRO A 43 -9.35 -52.74 5.95
C PRO A 43 -10.64 -52.82 5.18
N LEU A 44 -11.65 -52.04 5.56
CA LEU A 44 -12.94 -52.06 4.91
C LEU A 44 -12.88 -51.54 3.48
N LEU A 45 -11.76 -50.91 3.12
CA LEU A 45 -11.52 -50.33 1.81
C LEU A 45 -10.70 -51.22 0.89
N ALA A 46 -10.32 -52.42 1.34
CA ALA A 46 -9.54 -53.34 0.52
C ALA A 46 -10.33 -53.85 -0.68
N PHE A 47 -9.63 -54.10 -1.79
CA PHE A 47 -10.29 -54.43 -3.04
C PHE A 47 -9.39 -55.30 -3.91
N GLU A 48 -9.98 -55.88 -4.95
CA GLU A 48 -9.26 -56.61 -5.98
C GLU A 48 -9.45 -55.90 -7.32
N HIS A 49 -8.34 -55.65 -8.02
CA HIS A 49 -8.38 -54.82 -9.22
C HIS A 49 -8.96 -55.56 -10.41
N ALA A 50 -9.66 -54.81 -11.26
CA ALA A 50 -10.36 -55.43 -12.39
C ALA A 50 -9.36 -55.83 -13.47
N PRO A 51 -9.78 -56.72 -14.40
CA PRO A 51 -8.91 -57.13 -15.52
C PRO A 51 -8.32 -55.97 -16.30
N GLY A 52 -7.00 -55.82 -16.19
CA GLY A 52 -6.28 -54.75 -16.84
C GLY A 52 -6.20 -53.45 -16.06
N GLU A 53 -6.86 -53.36 -14.89
CA GLU A 53 -6.81 -52.17 -14.05
C GLU A 53 -5.46 -52.10 -13.33
N PRO A 54 -4.93 -50.90 -13.11
CA PRO A 54 -3.74 -50.73 -12.26
C PRO A 54 -4.00 -51.15 -10.82
N LYS A 55 -2.90 -51.33 -10.08
CA LYS A 55 -2.93 -51.87 -8.73
C LYS A 55 -3.25 -50.81 -7.67
N HIS A 56 -3.40 -49.54 -8.06
CA HIS A 56 -3.69 -48.47 -7.11
C HIS A 56 -4.74 -47.54 -7.70
N ARG A 57 -5.74 -47.18 -6.90
CA ARG A 57 -6.83 -46.31 -7.30
C ARG A 57 -6.57 -44.88 -6.82
N THR A 58 -7.03 -43.89 -7.58
CA THR A 58 -6.74 -42.50 -7.25
C THR A 58 -7.97 -41.61 -7.34
N TYR A 59 -8.22 -40.83 -6.30
CA TYR A 59 -9.38 -39.94 -6.29
C TYR A 59 -9.06 -38.56 -5.78
N THR A 60 -9.96 -37.60 -6.01
CA THR A 60 -9.79 -36.27 -5.44
C THR A 60 -10.45 -36.33 -4.07
N LEU A 61 -10.25 -35.34 -3.22
CA LEU A 61 -10.83 -35.47 -1.89
C LEU A 61 -12.36 -35.49 -1.97
N ALA A 62 -12.91 -34.68 -2.89
CA ALA A 62 -14.36 -34.58 -3.08
C ALA A 62 -14.95 -35.92 -3.51
N THR A 63 -14.23 -36.64 -4.36
CA THR A 63 -14.64 -37.91 -4.93
C THR A 63 -14.57 -39.01 -3.88
N PHE A 64 -13.51 -38.97 -3.07
CA PHE A 64 -13.22 -40.02 -2.11
C PHE A 64 -14.19 -39.97 -0.95
N LEU A 65 -14.56 -38.77 -0.51
CA LEU A 65 -15.49 -38.63 0.60
C LEU A 65 -16.85 -39.20 0.25
N LYS A 66 -17.27 -39.10 -1.01
CA LYS A 66 -18.49 -39.75 -1.46
C LYS A 66 -18.40 -41.26 -1.32
N LEU A 67 -17.27 -41.84 -1.72
CA LEU A 67 -17.06 -43.28 -1.57
C LEU A 67 -17.19 -43.69 -0.11
N LEU A 68 -16.58 -42.93 0.79
CA LEU A 68 -16.65 -43.24 2.21
C LEU A 68 -18.08 -43.15 2.73
N GLU A 69 -18.85 -42.18 2.24
CA GLU A 69 -20.24 -42.05 2.67
C GLU A 69 -21.09 -43.20 2.15
N GLU A 70 -20.81 -43.69 0.95
CA GLU A 70 -21.54 -44.84 0.44
C GLU A 70 -21.22 -46.11 1.22
N LYS A 71 -20.01 -46.22 1.78
CA LYS A 71 -19.68 -47.33 2.67
C LYS A 71 -19.94 -47.02 4.14
N GLN A 72 -20.34 -45.78 4.47
CA GLN A 72 -20.65 -45.34 5.83
C GLN A 72 -19.42 -45.37 6.75
N ILE A 73 -18.27 -44.96 6.21
CA ILE A 73 -16.99 -44.97 6.91
C ILE A 73 -16.63 -43.56 7.37
N ARG A 74 -16.18 -43.44 8.63
CA ARG A 74 -15.74 -42.20 9.25
C ARG A 74 -14.32 -41.83 8.84
N TRP A 75 -14.13 -40.55 8.44
CA TRP A 75 -12.88 -39.92 8.01
C TRP A 75 -12.25 -39.14 9.17
N PRO A 76 -10.95 -39.32 9.42
CA PRO A 76 -10.25 -38.56 10.49
C PRO A 76 -9.99 -37.08 10.16
N ALA A 77 -11.02 -36.26 10.39
CA ALA A 77 -10.97 -34.84 10.01
C ALA A 77 -10.13 -34.01 10.99
N PHE A 78 -9.53 -32.92 10.46
CA PHE A 78 -8.57 -32.13 11.24
C PHE A 78 -8.70 -30.66 10.83
N THR A 79 -8.07 -29.77 11.61
CA THR A 79 -8.17 -28.32 11.37
C THR A 79 -6.89 -27.59 11.79
N TYR A 80 -6.63 -26.45 11.14
CA TYR A 80 -5.44 -25.63 11.37
C TYR A 80 -5.74 -24.54 12.40
N HIS A 81 -5.17 -24.63 13.59
CA HIS A 81 -5.75 -23.86 14.69
C HIS A 81 -5.29 -22.39 14.76
N ASN A 82 -4.10 -22.04 14.25
CA ASN A 82 -3.68 -20.64 14.21
C ASN A 82 -3.65 -20.05 12.80
N GLN A 83 -4.52 -20.53 11.92
CA GLN A 83 -4.64 -19.98 10.58
C GLN A 83 -5.24 -18.58 10.62
N GLN A 84 -4.80 -17.71 9.70
CA GLN A 84 -5.30 -16.35 9.57
C GLN A 84 -5.86 -16.17 8.17
N GLY A 85 -7.14 -15.83 8.08
CA GLY A 85 -7.74 -15.57 6.78
C GLY A 85 -8.07 -16.84 6.01
N ARG A 86 -8.07 -16.71 4.69
CA ARG A 86 -8.44 -17.79 3.77
C ARG A 86 -7.19 -18.55 3.35
N MET A 87 -7.32 -19.86 3.15
CA MET A 87 -6.21 -20.68 2.69
C MET A 87 -6.48 -21.18 1.27
N ASP A 88 -5.45 -21.10 0.43
CA ASP A 88 -5.52 -21.47 -0.99
C ASP A 88 -4.86 -22.83 -1.21
N PHE A 89 -5.53 -23.70 -1.95
CA PHE A 89 -5.02 -25.05 -2.23
C PHE A 89 -4.56 -25.14 -3.68
N GLN A 90 -3.35 -25.65 -3.87
CA GLN A 90 -2.86 -25.95 -5.21
C GLN A 90 -3.22 -27.36 -5.68
N ASN A 91 -3.41 -28.30 -4.75
CA ASN A 91 -3.69 -29.70 -5.10
C ASN A 91 -4.13 -30.45 -3.86
N ARG A 92 -5.04 -31.40 -4.06
CA ARG A 92 -5.57 -32.22 -2.96
C ARG A 92 -5.87 -33.61 -3.51
N LEU A 93 -5.05 -34.61 -3.15
CA LEU A 93 -4.95 -35.85 -3.90
C LEU A 93 -4.90 -37.07 -2.99
N ILE A 94 -5.50 -38.18 -3.44
CA ILE A 94 -5.66 -39.40 -2.65
C ILE A 94 -5.24 -40.61 -3.47
N SER A 95 -4.40 -41.46 -2.88
CA SER A 95 -4.07 -42.79 -3.38
C SER A 95 -4.62 -43.88 -2.46
N LEU A 96 -5.22 -44.92 -3.05
CA LEU A 96 -5.87 -46.00 -2.30
C LEU A 96 -5.25 -47.33 -2.68
N SER A 97 -4.76 -48.05 -1.67
CA SER A 97 -4.04 -49.31 -1.85
C SER A 97 -4.98 -50.52 -1.89
N GLU A 98 -4.50 -51.58 -2.53
CA GLU A 98 -5.22 -52.85 -2.59
C GLU A 98 -5.61 -53.33 -1.19
N ASP A 99 -4.74 -53.09 -0.21
CA ASP A 99 -4.96 -53.59 1.15
C ASP A 99 -5.77 -52.64 2.02
N GLY A 100 -6.27 -51.53 1.46
CA GLY A 100 -7.04 -50.61 2.27
C GLY A 100 -6.26 -49.45 2.85
N THR A 101 -4.99 -49.30 2.47
CA THR A 101 -4.18 -48.19 2.97
C THR A 101 -4.53 -46.93 2.20
N VAL A 102 -4.79 -45.85 2.93
CA VAL A 102 -5.09 -44.55 2.33
C VAL A 102 -3.89 -43.64 2.48
N MET A 103 -3.47 -43.02 1.37
CA MET A 103 -2.43 -42.00 1.39
C MET A 103 -3.02 -40.68 0.89
N TYR A 104 -2.87 -39.63 1.69
CA TYR A 104 -3.46 -38.33 1.42
C TYR A 104 -2.38 -37.26 1.32
N LEU A 105 -2.64 -36.25 0.48
CA LEU A 105 -1.71 -35.14 0.29
C LEU A 105 -2.48 -33.87 -0.06
N GLU A 106 -2.17 -32.76 0.65
CA GLU A 106 -2.69 -31.45 0.28
C GLU A 106 -1.57 -30.41 0.31
N ARG A 107 -1.55 -29.54 -0.70
CA ARG A 107 -0.51 -28.54 -0.91
C ARG A 107 -1.14 -27.16 -0.95
N PHE A 108 -0.60 -26.20 -0.17
CA PHE A 108 -1.35 -24.98 0.07
C PHE A 108 -0.46 -23.74 0.21
N THR A 109 -1.13 -22.57 0.20
CA THR A 109 -0.55 -21.26 0.53
C THR A 109 -1.41 -20.64 1.63
N SER A 110 -0.78 -20.07 2.66
CA SER A 110 -1.58 -19.51 3.76
C SER A 110 -0.74 -18.61 4.67
N THR A 111 -1.44 -17.78 5.46
CA THR A 111 -0.88 -16.93 6.50
C THR A 111 -1.25 -17.47 7.88
N PHE A 112 -0.39 -17.21 8.89
CA PHE A 112 -0.53 -17.81 10.22
C PHE A 112 -0.25 -16.78 11.32
N GLN A 113 -0.96 -16.90 12.45
CA GLN A 113 -0.79 -15.96 13.55
C GLN A 113 0.53 -16.21 14.28
N ALA A 114 1.13 -15.15 14.81
CA ALA A 114 2.46 -15.22 15.44
C ALA A 114 2.50 -14.46 16.76
N PRO A 115 1.82 -14.95 17.81
CA PRO A 115 1.63 -14.14 19.02
C PRO A 115 2.85 -13.99 19.91
N ALA A 116 3.95 -14.69 19.63
CA ALA A 116 5.15 -14.74 20.47
C ALA A 116 6.21 -13.72 20.08
N PHE A 117 5.98 -12.94 19.02
CA PHE A 117 6.96 -12.00 18.49
C PHE A 117 7.29 -10.93 19.54
N ASP A 118 8.57 -10.55 19.63
CA ASP A 118 9.00 -9.54 20.61
C ASP A 118 10.32 -8.95 20.14
N PHE A 119 10.32 -7.65 19.84
CA PHE A 119 11.42 -7.00 19.13
C PHE A 119 12.23 -6.04 19.99
N ARG A 120 12.20 -6.19 21.32
CA ARG A 120 12.86 -5.22 22.19
C ARG A 120 14.39 -5.25 22.07
N LEU A 121 14.96 -6.38 21.66
CA LEU A 121 16.42 -6.51 21.56
C LEU A 121 16.92 -6.27 20.14
N PHE A 122 16.09 -5.72 19.26
CA PHE A 122 16.47 -5.41 17.89
C PHE A 122 17.74 -4.56 17.85
N PRO A 123 18.71 -4.88 16.97
CA PRO A 123 18.71 -5.92 15.92
C PRO A 123 19.25 -7.28 16.35
N PHE A 124 19.49 -7.52 17.65
CA PHE A 124 20.06 -8.77 18.10
C PHE A 124 18.99 -9.82 18.46
N ASP A 125 17.79 -9.72 17.88
CA ASP A 125 16.65 -10.53 18.30
C ASP A 125 16.55 -11.87 17.56
N ASN A 126 15.95 -12.86 18.24
CA ASN A 126 15.70 -14.20 17.73
C ASN A 126 14.23 -14.53 17.99
N GLN A 127 13.49 -14.91 16.93
CA GLN A 127 12.03 -15.03 16.99
C GLN A 127 11.57 -16.48 16.82
N LEU A 128 10.42 -16.79 17.43
CA LEU A 128 9.83 -18.13 17.46
C LEU A 128 8.58 -18.19 16.58
N PHE A 129 8.49 -19.23 15.74
CA PHE A 129 7.38 -19.48 14.82
C PHE A 129 6.79 -20.87 15.07
N PHE A 130 5.47 -21.04 14.85
CA PHE A 130 4.86 -22.36 14.98
C PHE A 130 3.57 -22.50 14.18
N ILE A 131 3.18 -23.76 13.93
CA ILE A 131 1.92 -24.15 13.28
C ILE A 131 1.30 -25.32 14.05
N HIS A 132 0.01 -25.21 14.39
CA HIS A 132 -0.73 -26.22 15.14
C HIS A 132 -1.77 -26.91 14.25
N VAL A 133 -1.80 -28.25 14.27
CA VAL A 133 -2.82 -29.03 13.58
C VAL A 133 -3.59 -29.87 14.59
N ASP A 134 -4.93 -29.75 14.60
CA ASP A 134 -5.78 -30.35 15.63
C ASP A 134 -6.74 -31.39 15.06
N SER A 135 -6.85 -32.52 15.76
CA SER A 135 -7.84 -33.54 15.43
C SER A 135 -9.22 -33.12 15.92
N ILE A 136 -10.24 -33.42 15.14
CA ILE A 136 -11.60 -33.03 15.54
C ILE A 136 -12.22 -34.06 16.45
N PHE A 137 -12.01 -35.34 16.20
CA PHE A 137 -12.58 -36.41 16.99
C PHE A 137 -11.72 -36.71 18.22
N PRO A 138 -12.28 -37.31 19.26
CA PRO A 138 -11.50 -37.49 20.49
C PRO A 138 -10.64 -38.76 20.42
N GLN A 139 -9.66 -38.81 21.33
CA GLN A 139 -8.48 -39.67 21.15
C GLN A 139 -8.79 -41.15 21.26
N HIS A 140 -10.01 -41.55 21.63
CA HIS A 140 -10.33 -42.96 21.66
C HIS A 140 -10.89 -43.46 20.34
N LEU A 141 -11.23 -42.55 19.42
CA LEU A 141 -11.52 -42.90 18.04
C LEU A 141 -10.24 -42.94 17.20
N PHE A 142 -9.45 -41.86 17.23
CA PHE A 142 -8.29 -41.66 16.38
C PHE A 142 -7.15 -41.04 17.19
N ARG A 143 -5.92 -41.54 16.97
CA ARG A 143 -4.73 -41.06 17.66
C ARG A 143 -3.65 -40.71 16.63
N PHE A 144 -3.12 -39.48 16.72
CA PHE A 144 -2.02 -39.05 15.86
C PHE A 144 -0.73 -39.81 16.20
N GLN A 145 0.01 -40.22 15.17
CA GLN A 145 1.38 -40.71 15.34
C GLN A 145 2.30 -39.95 14.39
N GLU A 146 3.55 -39.75 14.80
CA GLU A 146 4.48 -38.91 14.05
C GLU A 146 5.09 -39.68 12.88
N MET A 147 4.88 -39.18 11.66
CA MET A 147 5.42 -39.78 10.44
C MET A 147 6.90 -39.43 10.36
N GLN A 148 7.77 -40.42 10.53
CA GLN A 148 9.20 -40.16 10.65
C GLN A 148 9.85 -40.01 9.29
N GLY A 149 10.74 -39.04 9.17
CA GLY A 149 11.52 -38.77 7.98
C GLY A 149 11.00 -37.66 7.09
N PHE A 150 9.72 -37.26 7.25
CA PHE A 150 9.10 -36.35 6.31
C PHE A 150 9.16 -34.89 6.73
N SER A 151 8.93 -34.58 8.00
CA SER A 151 8.58 -33.23 8.42
C SER A 151 9.79 -32.32 8.53
N GLY A 152 9.55 -31.02 8.28
CA GLY A 152 10.59 -30.01 8.40
C GLY A 152 10.53 -28.87 7.41
N LEU A 153 11.71 -28.34 7.08
CA LEU A 153 11.89 -27.19 6.20
C LEU A 153 12.81 -27.59 5.06
N GLY A 154 12.58 -27.09 3.84
CA GLY A 154 13.49 -27.34 2.74
C GLY A 154 14.61 -26.30 2.68
N ASP A 155 15.53 -26.51 1.74
CA ASP A 155 16.70 -25.64 1.59
C ASP A 155 16.38 -24.42 0.73
N GLN A 156 17.02 -23.30 1.08
CA GLN A 156 16.90 -22.06 0.34
C GLN A 156 18.01 -21.95 -0.72
N LEU A 157 17.77 -21.08 -1.71
CA LEU A 157 18.47 -21.18 -2.99
C LEU A 157 19.18 -19.91 -3.46
N GLY A 158 18.96 -18.78 -2.79
CA GLY A 158 19.62 -17.55 -3.18
C GLY A 158 20.13 -16.82 -1.96
N GLU A 159 19.55 -15.67 -1.66
CA GLU A 159 19.93 -14.92 -0.47
C GLU A 159 18.68 -14.37 0.21
N GLU A 160 18.56 -14.62 1.51
CA GLU A 160 17.35 -14.20 2.24
C GLU A 160 17.58 -13.19 3.36
N GLU A 161 16.49 -12.68 3.94
CA GLU A 161 16.59 -11.73 5.05
C GLU A 161 16.75 -12.45 6.39
N TRP A 162 16.06 -13.57 6.58
CA TRP A 162 16.06 -14.28 7.85
C TRP A 162 16.73 -15.64 7.71
N ILE A 163 17.52 -16.03 8.73
CA ILE A 163 18.29 -17.28 8.70
C ILE A 163 17.68 -18.20 9.76
N VAL A 164 17.29 -19.42 9.36
CA VAL A 164 16.69 -20.36 10.31
C VAL A 164 17.77 -21.08 11.10
N THR A 165 17.60 -21.11 12.42
CA THR A 165 18.58 -21.66 13.36
C THR A 165 18.21 -23.00 13.99
N GLU A 166 16.92 -23.36 14.05
CA GLU A 166 16.48 -24.55 14.77
C GLU A 166 15.09 -24.94 14.28
N VAL A 167 14.82 -26.25 14.16
CA VAL A 167 13.53 -26.79 13.75
C VAL A 167 13.17 -28.01 14.62
N ASN A 168 11.89 -28.10 15.02
CA ASN A 168 11.37 -29.15 15.92
C ASN A 168 9.89 -29.49 15.65
N THR A 169 9.51 -30.75 15.97
CA THR A 169 8.12 -31.23 15.96
C THR A 169 7.82 -32.09 17.19
N HIS A 170 6.58 -32.01 17.71
CA HIS A 170 6.16 -32.85 18.83
C HIS A 170 4.64 -32.98 18.89
N LEU A 171 4.17 -33.88 19.76
CA LEU A 171 2.75 -34.21 19.84
C LEU A 171 2.18 -33.82 21.21
N THR A 172 0.98 -33.24 21.22
CA THR A 172 0.31 -32.84 22.47
C THR A 172 -1.18 -33.18 22.37
N THR A 173 -2.00 -32.59 23.26
CA THR A 173 -3.46 -32.76 23.22
C THR A 173 -4.18 -31.43 23.41
N HIS A 174 -5.47 -31.42 23.03
CA HIS A 174 -6.37 -30.27 23.21
C HIS A 174 -7.75 -30.79 23.57
N ASN A 175 -8.63 -29.88 24.03
CA ASN A 175 -9.94 -30.27 24.55
C ASN A 175 -11.01 -29.27 24.18
N GLU A 176 -12.19 -29.77 23.79
CA GLU A 176 -13.36 -28.96 23.50
C GLU A 176 -14.62 -29.60 24.07
N PHE A 177 -15.58 -28.75 24.46
CA PHE A 177 -16.87 -29.21 25.01
C PHE A 177 -16.68 -30.00 26.31
N THR A 178 -15.59 -29.74 27.03
CA THR A 178 -15.31 -30.42 28.31
C THR A 178 -15.60 -31.91 28.25
N LYS A 179 -15.08 -32.59 27.23
CA LYS A 179 -15.35 -34.01 27.08
C LYS A 179 -14.04 -34.77 26.91
N GLY A 180 -13.83 -35.33 25.72
CA GLY A 180 -12.63 -36.11 25.49
C GLY A 180 -11.45 -35.35 24.93
N ASP A 181 -10.26 -35.67 25.43
CA ASP A 181 -9.04 -35.07 24.90
C ASP A 181 -8.82 -35.50 23.45
N ALA A 182 -8.19 -34.64 22.66
CA ALA A 182 -7.91 -34.94 21.25
C ALA A 182 -6.48 -34.55 20.90
N SER A 183 -5.93 -35.20 19.86
CA SER A 183 -4.52 -35.02 19.52
C SER A 183 -4.24 -33.67 18.87
N ARG A 184 -3.02 -33.17 19.10
CA ARG A 184 -2.49 -31.94 18.49
C ARG A 184 -1.07 -32.20 17.98
N PHE A 185 -0.78 -31.77 16.76
CA PHE A 185 0.54 -31.87 16.15
C PHE A 185 1.17 -30.49 15.99
N VAL A 186 2.44 -30.36 16.39
CA VAL A 186 3.12 -29.06 16.43
C VAL A 186 4.40 -29.11 15.61
N LEU A 187 4.60 -28.10 14.75
CA LEU A 187 5.87 -27.81 14.10
C LEU A 187 6.30 -26.39 14.52
N GLU A 188 7.56 -26.25 14.97
CA GLU A 188 8.08 -24.98 15.47
C GLU A 188 9.50 -24.74 14.97
N PHE A 189 9.87 -23.46 14.77
CA PHE A 189 11.24 -23.10 14.35
C PHE A 189 11.63 -21.69 14.81
N HIS A 190 12.95 -21.41 14.78
CA HIS A 190 13.58 -20.18 15.27
C HIS A 190 14.47 -19.55 14.19
N ALA A 191 14.53 -18.21 14.14
CA ALA A 191 15.29 -17.53 13.07
C ALA A 191 15.88 -16.20 13.54
N GLU A 192 16.91 -15.72 12.80
CA GLU A 192 17.72 -14.55 13.15
C GLU A 192 18.06 -13.68 11.93
N ARG A 193 18.62 -12.47 12.17
CA ARG A 193 19.00 -11.54 11.11
C ARG A 193 20.51 -11.62 10.76
N HIS A 194 20.88 -10.98 9.64
CA HIS A 194 22.29 -10.73 9.30
C HIS A 194 22.77 -9.48 10.05
N LEU A 195 23.58 -9.67 11.10
CA LEU A 195 24.06 -8.52 11.86
C LEU A 195 25.10 -7.73 11.08
N ASN A 196 25.84 -8.41 10.21
CA ASN A 196 26.77 -7.82 9.26
C ASN A 196 26.19 -6.58 8.57
N TYR A 197 24.92 -6.65 8.18
CA TYR A 197 24.26 -5.58 7.44
C TYR A 197 24.07 -4.34 8.30
N TYR A 198 23.78 -4.53 9.58
CA TYR A 198 23.51 -3.40 10.45
C TYR A 198 24.80 -2.76 10.93
N LEU A 199 25.87 -3.55 11.06
CA LEU A 199 27.18 -2.99 11.33
C LEU A 199 27.57 -1.99 10.25
N MET A 200 27.40 -2.38 8.98
CA MET A 200 27.82 -1.55 7.84
C MET A 200 26.90 -0.34 7.67
N ARG A 201 25.60 -0.54 7.82
CA ARG A 201 24.67 0.55 7.54
C ARG A 201 24.46 1.56 8.64
N ILE A 202 24.67 1.19 9.90
CA ILE A 202 24.33 2.10 10.99
C ILE A 202 25.55 2.42 11.86
N LEU A 203 26.18 1.39 12.42
CA LEU A 203 27.27 1.62 13.38
C LEU A 203 28.46 2.39 12.85
N ILE A 204 29.06 1.96 11.76
CA ILE A 204 30.27 2.63 11.25
C ILE A 204 30.05 4.15 10.99
N PRO A 205 28.98 4.54 10.24
CA PRO A 205 28.81 6.00 10.05
C PRO A 205 28.49 6.78 11.32
N VAL A 206 27.75 6.20 12.28
CA VAL A 206 27.51 6.92 13.54
C VAL A 206 28.80 7.10 14.33
N LEU A 207 29.70 6.12 14.28
CA LEU A 207 30.96 6.26 14.99
C LEU A 207 31.81 7.37 14.41
N LEU A 208 31.75 7.59 13.09
CA LEU A 208 32.48 8.71 12.49
C LEU A 208 31.87 10.05 12.92
N ILE A 209 30.54 10.13 13.00
CA ILE A 209 29.89 11.38 13.41
C ILE A 209 30.28 11.74 14.84
N ILE A 210 30.37 10.72 15.69
CA ILE A 210 30.79 10.88 17.07
C ILE A 210 32.23 11.39 17.13
N THR A 211 33.06 10.94 16.18
CA THR A 211 34.47 11.33 16.19
C THR A 211 34.64 12.80 15.78
N VAL A 212 33.81 13.28 14.86
CA VAL A 212 33.88 14.67 14.42
C VAL A 212 33.55 15.59 15.57
N SER A 213 32.55 15.21 16.38
CA SER A 213 32.20 16.02 17.55
C SER A 213 33.32 16.08 18.58
N TRP A 214 34.08 14.99 18.75
CA TRP A 214 35.20 15.03 19.70
C TRP A 214 36.32 15.96 19.22
N PHE A 215 36.56 15.99 17.90
CA PHE A 215 37.69 16.73 17.34
C PHE A 215 37.54 18.24 17.51
N THR A 216 36.33 18.71 17.83
CA THR A 216 36.09 20.13 18.07
C THR A 216 36.91 20.68 19.24
N PHE A 217 37.20 19.86 20.25
CA PHE A 217 37.97 20.28 21.41
C PHE A 217 39.45 20.49 21.09
N PHE A 218 39.90 20.23 19.85
CA PHE A 218 41.30 20.36 19.49
C PHE A 218 41.63 21.79 19.00
N LEU A 219 40.63 22.62 18.78
CA LEU A 219 40.77 23.97 18.22
C LEU A 219 40.75 25.03 19.32
N GLN A 220 41.23 26.23 18.98
CA GLN A 220 41.43 27.27 19.98
C GLN A 220 40.28 28.28 20.09
N ASP A 221 39.68 28.73 18.98
CA ASP A 221 38.67 29.79 19.03
C ASP A 221 37.30 29.21 19.35
N TYR A 222 36.74 29.56 20.52
CA TYR A 222 35.43 29.04 20.89
C TYR A 222 34.34 29.49 19.90
N THR A 223 34.54 30.64 19.26
CA THR A 223 33.55 31.14 18.30
C THR A 223 33.37 30.17 17.14
N LYS A 224 34.47 29.67 16.57
CA LYS A 224 34.39 28.71 15.48
C LYS A 224 33.84 27.38 15.96
N ARG A 225 34.19 26.99 17.20
CA ARG A 225 33.69 25.72 17.75
C ARG A 225 32.17 25.68 17.79
N ILE A 226 31.53 26.79 18.16
CA ILE A 226 30.07 26.79 18.27
C ILE A 226 29.44 26.53 16.91
N ASP A 227 30.02 27.11 15.86
CA ASP A 227 29.55 26.88 14.50
C ASP A 227 29.66 25.43 14.10
N LEU A 228 30.82 24.83 14.40
CA LEU A 228 31.11 23.46 13.96
C LEU A 228 30.27 22.44 14.73
N ALA A 229 30.11 22.66 16.04
CA ALA A 229 29.29 21.77 16.86
C ALA A 229 27.82 21.83 16.44
N GLY A 230 27.33 23.04 16.16
CA GLY A 230 25.97 23.17 15.66
C GLY A 230 25.75 22.43 14.36
N GLY A 231 26.71 22.51 13.44
CA GLY A 231 26.50 21.87 12.16
C GLY A 231 26.55 20.36 12.24
N ASN A 232 27.32 19.81 13.18
CA ASN A 232 27.40 18.37 13.39
C ASN A 232 26.11 17.80 13.98
N LEU A 233 25.33 18.62 14.69
CA LEU A 233 24.03 18.16 15.20
C LEU A 233 23.02 18.05 14.06
N LEU A 234 23.05 19.01 13.14
CA LEU A 234 22.18 18.91 11.98
C LEU A 234 22.57 17.72 11.09
N LEU A 235 23.86 17.40 11.04
CA LEU A 235 24.30 16.24 10.26
C LEU A 235 23.76 14.94 10.84
N PHE A 236 23.69 14.84 12.17
CA PHE A 236 23.15 13.64 12.81
C PHE A 236 21.66 13.49 12.50
N ILE A 237 20.92 14.60 12.52
CA ILE A 237 19.49 14.54 12.25
C ILE A 237 19.23 14.12 10.81
N ALA A 238 19.98 14.69 9.86
CA ALA A 238 19.88 14.33 8.45
C ALA A 238 20.14 12.84 8.21
N PHE A 239 21.15 12.30 8.88
CA PHE A 239 21.49 10.90 8.73
C PHE A 239 20.37 10.02 9.26
N ASN A 240 19.73 10.45 10.35
CA ASN A 240 18.68 9.67 11.00
C ASN A 240 17.52 9.38 10.05
N PHE A 241 17.06 10.39 9.30
CA PHE A 241 15.97 10.12 8.35
C PHE A 241 16.46 9.30 7.16
N THR A 242 17.76 9.34 6.84
CA THR A 242 18.26 8.51 5.75
C THR A 242 18.18 7.01 6.07
N ILE A 243 18.14 6.63 7.36
CA ILE A 243 18.06 5.22 7.74
C ILE A 243 16.66 4.82 8.18
N SER A 244 15.69 5.72 8.13
CA SER A 244 14.38 5.46 8.73
C SER A 244 13.70 4.23 8.15
N SER A 245 13.99 3.88 6.89
CA SER A 245 13.33 2.74 6.27
C SER A 245 13.84 1.40 6.79
N ASP A 246 14.98 1.37 7.50
CA ASP A 246 15.50 0.15 8.08
C ASP A 246 14.99 -0.09 9.49
N LEU A 247 14.16 0.83 10.04
CA LEU A 247 13.69 0.76 11.42
C LEU A 247 12.21 0.37 11.44
N PRO A 248 11.80 -0.66 12.18
CA PRO A 248 10.39 -1.06 12.15
C PRO A 248 9.48 -0.14 12.95
N ARG A 249 8.23 -0.03 12.50
CA ARG A 249 7.27 0.92 13.05
C ARG A 249 6.45 0.24 14.16
N LEU A 250 6.95 0.38 15.38
CA LEU A 250 6.48 -0.30 16.57
C LEU A 250 6.11 0.75 17.62
N GLY A 251 5.12 0.45 18.45
CA GLY A 251 4.73 1.48 19.41
C GLY A 251 5.41 1.37 20.76
N TYR A 252 6.59 0.74 20.79
CA TYR A 252 7.30 0.53 22.03
C TYR A 252 8.81 0.60 21.81
N ILE A 253 9.57 0.70 22.92
CA ILE A 253 10.99 1.05 22.90
C ILE A 253 11.85 -0.17 22.57
N THR A 254 12.83 0.02 21.67
CA THR A 254 13.84 -0.98 21.32
C THR A 254 15.22 -0.54 21.76
N LEU A 255 16.15 -1.51 21.75
CA LEU A 255 17.54 -1.20 22.05
C LEU A 255 18.12 -0.20 21.05
N MET A 256 17.72 -0.30 19.79
CA MET A 256 18.20 0.62 18.76
C MET A 256 17.70 2.04 19.01
N ASP A 257 16.47 2.16 19.50
CA ASP A 257 15.91 3.48 19.82
C ASP A 257 16.70 4.16 20.92
N ALA A 258 17.02 3.42 21.98
CA ALA A 258 17.76 3.96 23.12
C ALA A 258 19.15 4.43 22.71
N PHE A 259 19.79 3.70 21.82
CA PHE A 259 21.13 4.02 21.34
C PHE A 259 21.13 5.35 20.59
N LEU A 260 20.13 5.57 19.73
CA LEU A 260 20.13 6.79 18.93
C LEU A 260 19.76 8.02 19.76
N VAL A 261 18.84 7.89 20.72
CA VAL A 261 18.46 9.04 21.55
C VAL A 261 19.63 9.45 22.44
N GLY A 262 20.38 8.47 22.95
CA GLY A 262 21.52 8.79 23.80
C GLY A 262 22.59 9.55 23.04
N THR A 263 22.82 9.17 21.79
CA THR A 263 23.76 9.90 20.94
C THR A 263 23.30 11.34 20.70
N PHE A 264 21.98 11.57 20.62
CA PHE A 264 21.48 12.92 20.38
C PHE A 264 21.75 13.79 21.60
N ILE A 265 21.56 13.22 22.78
CA ILE A 265 21.73 13.96 24.04
C ILE A 265 23.17 14.44 24.19
N ILE A 266 24.13 13.57 23.90
CA ILE A 266 25.52 13.93 24.16
C ILE A 266 26.01 14.97 23.15
N THR A 267 25.59 14.82 21.88
CA THR A 267 26.02 15.79 20.87
C THR A 267 25.39 17.15 21.09
N ALA A 268 24.16 17.20 21.62
CA ALA A 268 23.57 18.50 21.93
C ALA A 268 24.27 19.17 23.09
N LEU A 269 24.82 18.39 24.03
CA LEU A 269 25.44 18.98 25.20
C LEU A 269 26.75 19.68 24.85
N VAL A 270 27.40 19.23 23.77
CA VAL A 270 28.63 19.87 23.31
C VAL A 270 28.38 21.32 22.84
N VAL A 271 27.20 21.57 22.24
CA VAL A 271 26.86 22.92 21.80
C VAL A 271 26.70 23.84 23.01
N LEU A 272 26.06 23.33 24.05
CA LEU A 272 25.76 24.14 25.21
C LEU A 272 27.03 24.47 25.99
N GLY A 273 27.98 23.53 26.01
CA GLY A 273 29.21 23.75 26.74
C GLY A 273 30.08 24.82 26.12
N ASN A 274 30.19 24.81 24.79
CA ASN A 274 31.03 25.79 24.09
C ASN A 274 30.46 27.20 24.18
N VAL A 275 29.13 27.34 24.27
CA VAL A 275 28.57 28.67 24.53
C VAL A 275 29.00 29.17 25.91
N TRP A 276 29.03 28.28 26.90
CA TRP A 276 29.41 28.73 28.23
C TRP A 276 30.90 29.09 28.32
N LEU A 277 31.76 28.37 27.58
CA LEU A 277 33.19 28.72 27.56
C LEU A 277 33.41 30.09 26.93
N ARG A 278 32.63 30.43 25.89
CA ARG A 278 32.70 31.76 25.30
C ARG A 278 32.25 32.84 26.28
N ARG A 279 31.27 32.52 27.14
CA ARG A 279 30.81 33.51 28.12
C ARG A 279 31.91 33.79 29.14
N LEU A 280 32.61 32.74 29.58
CA LEU A 280 33.71 32.92 30.53
C LEU A 280 34.82 33.76 29.92
N GLU A 281 35.12 33.54 28.64
CA GLU A 281 36.12 34.37 27.96
C GLU A 281 35.71 35.83 27.91
N ASN A 282 34.42 36.10 27.65
CA ASN A 282 33.95 37.49 27.57
C ASN A 282 34.02 38.20 28.92
N HIS A 283 33.85 37.46 30.02
CA HIS A 283 33.95 38.00 31.37
C HIS A 283 35.39 38.04 31.88
N GLY A 284 36.35 37.69 31.02
CA GLY A 284 37.77 37.72 31.35
C GLY A 284 38.31 36.60 32.19
N LYS A 285 37.71 35.42 32.12
CA LYS A 285 38.18 34.27 32.88
C LYS A 285 38.70 33.20 31.93
N GLN A 286 39.69 33.57 31.12
CA GLN A 286 40.27 32.67 30.12
C GLN A 286 40.93 31.45 30.75
N ALA A 287 41.72 31.64 31.80
CA ALA A 287 42.47 30.54 32.41
C ALA A 287 41.55 29.47 32.99
N LEU A 288 40.43 29.87 33.58
CA LEU A 288 39.47 28.91 34.11
C LEU A 288 38.81 28.13 32.97
N ALA A 289 38.46 28.84 31.90
CA ALA A 289 37.84 28.19 30.74
C ALA A 289 38.80 27.20 30.09
N ARG A 290 40.07 27.58 30.02
CA ARG A 290 41.13 26.71 29.49
C ARG A 290 41.30 25.46 30.35
N LYS A 291 41.06 25.56 31.65
CA LYS A 291 41.15 24.39 32.53
C LYS A 291 39.97 23.45 32.32
N LEU A 292 38.75 24.00 32.24
CA LEU A 292 37.57 23.17 32.02
C LEU A 292 37.66 22.42 30.69
N ASP A 293 38.28 23.05 29.68
CA ASP A 293 38.45 22.41 28.38
C ASP A 293 39.24 21.10 28.49
N ILE A 294 40.25 21.09 29.37
CA ILE A 294 41.09 19.91 29.53
C ILE A 294 40.31 18.76 30.14
N TYR A 295 39.37 19.07 31.05
CA TYR A 295 38.51 18.03 31.61
C TYR A 295 37.50 17.51 30.60
N ALA A 296 37.04 18.36 29.68
CA ALA A 296 36.07 17.94 28.68
C ALA A 296 36.66 16.91 27.73
N ILE A 297 37.93 17.09 27.35
CA ILE A 297 38.56 16.22 26.36
C ILE A 297 38.57 14.78 26.83
N THR A 298 38.94 14.54 28.09
CA THR A 298 39.05 13.17 28.59
C THR A 298 37.70 12.57 28.98
N SER A 299 36.76 13.37 29.49
CA SER A 299 35.50 12.80 29.95
C SER A 299 34.54 12.45 28.81
N TYR A 300 34.71 13.04 27.62
CA TYR A 300 33.82 12.73 26.50
C TYR A 300 33.82 11.25 26.12
N PRO A 301 34.96 10.59 25.88
CA PRO A 301 34.94 9.14 25.57
C PRO A 301 34.46 8.28 26.73
N LEU A 302 34.68 8.73 27.97
CA LEU A 302 34.25 7.96 29.13
C LEU A 302 32.73 7.92 29.24
N ALA A 303 32.07 9.00 28.81
CA ALA A 303 30.61 9.05 28.80
C ALA A 303 30.03 8.02 27.84
N TYR A 304 30.66 7.81 26.69
CA TYR A 304 30.13 6.82 25.75
C TYR A 304 30.35 5.41 26.26
N LEU A 305 31.51 5.18 26.89
CA LEU A 305 31.83 3.84 27.40
C LEU A 305 30.89 3.43 28.53
N LEU A 306 30.55 4.37 29.41
CA LEU A 306 29.65 4.11 30.52
C LEU A 306 28.20 4.02 30.07
N GLY A 307 27.86 4.69 28.97
CA GLY A 307 26.54 4.52 28.39
C GLY A 307 26.35 3.15 27.79
N ALA A 308 27.38 2.65 27.08
CA ALA A 308 27.34 1.29 26.53
C ALA A 308 27.09 0.25 27.62
N LEU A 309 27.79 0.41 28.73
CA LEU A 309 27.68 -0.51 29.86
C LEU A 309 26.28 -0.49 30.45
N THR A 310 25.71 0.71 30.53
CA THR A 310 24.36 0.89 31.05
C THR A 310 23.32 0.21 30.16
N LEU A 311 23.44 0.38 28.84
CA LEU A 311 22.50 -0.25 27.91
C LEU A 311 22.56 -1.76 28.01
N TRP A 312 23.77 -2.33 28.13
CA TRP A 312 23.92 -3.76 28.28
C TRP A 312 23.20 -4.27 29.52
N LEU A 313 23.32 -3.55 30.63
CA LEU A 313 22.68 -3.99 31.87
C LEU A 313 21.16 -3.91 31.77
N LEU A 314 20.63 -2.86 31.15
CA LEU A 314 19.18 -2.67 31.13
C LEU A 314 18.49 -3.60 30.16
N PHE A 315 19.14 -3.97 29.05
CA PHE A 315 18.48 -4.77 28.03
C PHE A 315 18.86 -6.25 28.08
N PHE A 316 20.10 -6.59 28.39
CA PHE A 316 20.51 -8.00 28.39
C PHE A 316 20.60 -8.60 29.78
N TRP A 317 20.45 -7.81 30.84
CA TRP A 317 20.27 -8.34 32.20
C TRP A 317 19.24 -7.51 32.97
N PRO B 8 -41.19 -19.13 26.08
CA PRO B 8 -39.94 -18.87 25.36
C PRO B 8 -38.82 -19.82 25.73
N SER B 9 -37.84 -19.98 24.84
CA SER B 9 -36.73 -20.91 25.02
C SER B 9 -35.44 -20.16 25.29
N ASP B 10 -34.70 -20.59 26.32
CA ASP B 10 -33.46 -19.94 26.75
C ASP B 10 -32.28 -20.40 25.91
N VAL B 11 -31.49 -19.44 25.42
CA VAL B 11 -30.28 -19.70 24.64
C VAL B 11 -29.10 -19.06 25.36
N PHE B 12 -28.12 -19.89 25.73
CA PHE B 12 -26.94 -19.42 26.45
C PHE B 12 -25.80 -19.11 25.49
N ILE B 13 -25.23 -17.91 25.58
CA ILE B 13 -24.28 -17.44 24.55
C ILE B 13 -23.07 -16.77 25.20
N GLY B 14 -21.90 -16.93 24.57
CA GLY B 14 -20.69 -16.27 25.00
C GLY B 14 -19.69 -16.11 23.87
N LEU B 15 -18.78 -15.13 24.03
CA LEU B 15 -17.81 -14.77 22.99
C LEU B 15 -16.43 -14.55 23.61
N LYS B 16 -15.38 -15.13 23.00
CA LYS B 16 -14.01 -14.94 23.49
C LYS B 16 -13.07 -14.57 22.35
N ILE B 17 -12.23 -13.54 22.58
CA ILE B 17 -11.28 -13.04 21.59
C ILE B 17 -9.88 -13.50 21.94
N ASP B 18 -9.21 -14.16 20.98
CA ASP B 18 -7.85 -14.63 21.17
C ASP B 18 -6.83 -13.51 20.99
N GLN B 19 -6.97 -12.73 19.92
CA GLN B 19 -5.93 -11.81 19.50
C GLN B 19 -6.55 -10.67 18.70
N ILE B 20 -6.09 -9.46 18.99
CA ILE B 20 -6.43 -8.27 18.21
C ILE B 20 -5.46 -8.14 17.03
N THR B 21 -5.92 -8.42 15.81
CA THR B 21 -4.96 -8.57 14.71
C THR B 21 -4.62 -7.26 14.00
N GLY B 22 -5.35 -6.18 14.26
CA GLY B 22 -4.97 -4.88 13.73
C GLY B 22 -5.95 -3.81 14.16
N ILE B 23 -5.47 -2.56 14.10
CA ILE B 23 -6.25 -1.38 14.46
C ILE B 23 -5.94 -0.27 13.44
N ASN B 24 -6.98 0.36 12.89
CA ASN B 24 -6.84 1.37 11.83
C ASN B 24 -7.40 2.70 12.31
N GLN B 25 -6.52 3.68 12.49
CA GLN B 25 -6.94 4.95 13.11
C GLN B 25 -7.58 5.90 12.10
N LYS B 26 -7.23 5.79 10.82
CA LYS B 26 -7.79 6.68 9.79
C LYS B 26 -9.16 6.19 9.30
N GLU B 27 -9.32 4.88 9.13
CA GLU B 27 -10.60 4.30 8.70
C GLU B 27 -11.56 4.07 9.85
N GLU B 28 -11.07 4.04 11.09
CA GLU B 28 -11.86 3.77 12.30
C GLU B 28 -12.50 2.38 12.25
N ASN B 29 -11.64 1.35 12.26
CA ASN B 29 -12.06 -0.05 12.41
C ASN B 29 -10.93 -0.86 13.06
N PHE B 30 -11.28 -2.08 13.48
CA PHE B 30 -10.32 -3.01 14.10
C PHE B 30 -10.62 -4.44 13.66
N SER B 31 -9.63 -5.33 13.84
CA SER B 31 -9.69 -6.73 13.39
C SER B 31 -9.28 -7.69 14.50
N VAL B 32 -9.87 -8.90 14.50
CA VAL B 32 -9.71 -9.86 15.59
C VAL B 32 -9.74 -11.30 15.08
N VAL B 33 -9.34 -12.23 15.97
CA VAL B 33 -9.60 -13.67 15.79
C VAL B 33 -10.26 -14.14 17.08
N GLY B 34 -11.36 -14.89 16.97
CA GLY B 34 -12.12 -15.27 18.14
C GLY B 34 -13.03 -16.45 17.93
N SER B 35 -13.81 -16.76 18.97
CA SER B 35 -14.65 -17.96 19.02
C SER B 35 -16.00 -17.64 19.66
N LEU B 36 -17.07 -18.06 19.00
CA LEU B 36 -18.46 -17.85 19.44
C LEU B 36 -19.04 -19.18 19.90
N ARG B 37 -19.64 -19.21 21.08
CA ARG B 37 -20.18 -20.46 21.64
C ARG B 37 -21.63 -20.35 22.10
N ILE B 38 -22.44 -21.36 21.79
CA ILE B 38 -23.85 -21.37 22.19
C ILE B 38 -24.23 -22.75 22.71
N ASP B 39 -24.93 -22.79 23.86
CA ASP B 39 -25.59 -23.98 24.39
C ASP B 39 -27.10 -23.80 24.37
N TRP B 40 -27.83 -24.86 24.01
CA TRP B 40 -29.29 -24.86 23.85
C TRP B 40 -29.79 -26.30 24.06
N ARG B 41 -31.01 -26.42 24.58
CA ARG B 41 -31.61 -27.72 24.74
C ARG B 41 -32.92 -27.80 23.98
N GLN B 42 -33.12 -28.90 23.29
CA GLN B 42 -34.32 -29.16 22.49
C GLN B 42 -34.68 -30.63 22.66
N PRO B 43 -35.63 -30.95 23.53
CA PRO B 43 -35.94 -32.36 23.82
C PRO B 43 -36.32 -33.19 22.62
N LEU B 44 -36.79 -32.55 21.54
CA LEU B 44 -37.22 -33.25 20.35
C LEU B 44 -36.05 -33.94 19.63
N LEU B 45 -34.83 -33.59 20.02
CA LEU B 45 -33.59 -34.12 19.45
C LEU B 45 -32.98 -35.26 20.27
N ALA B 46 -33.62 -35.66 21.37
CA ALA B 46 -33.11 -36.74 22.21
C ALA B 46 -33.13 -38.08 21.48
N PHE B 47 -32.16 -38.94 21.80
CA PHE B 47 -31.98 -40.18 21.05
C PHE B 47 -31.34 -41.25 21.93
N GLU B 48 -31.37 -42.49 21.44
CA GLU B 48 -30.68 -43.61 22.06
C GLU B 48 -29.62 -44.14 21.09
N HIS B 49 -28.39 -44.30 21.56
CA HIS B 49 -27.28 -44.61 20.68
C HIS B 49 -27.29 -46.08 20.25
N ALA B 50 -26.84 -46.31 19.02
CA ALA B 50 -26.91 -47.66 18.45
C ALA B 50 -25.84 -48.55 19.07
N PRO B 51 -25.99 -49.89 18.93
CA PRO B 51 -25.00 -50.83 19.45
C PRO B 51 -23.57 -50.53 19.02
N GLY B 52 -22.74 -50.14 19.97
CA GLY B 52 -21.37 -49.77 19.72
C GLY B 52 -21.12 -48.33 19.34
N GLU B 53 -22.19 -47.53 19.16
CA GLU B 53 -22.06 -46.12 18.83
C GLU B 53 -21.63 -45.33 20.07
N PRO B 54 -20.83 -44.27 19.88
CA PRO B 54 -20.50 -43.35 20.98
C PRO B 54 -21.75 -42.62 21.49
N LYS B 55 -21.59 -42.03 22.68
CA LYS B 55 -22.70 -41.41 23.39
C LYS B 55 -23.00 -39.98 22.92
N HIS B 56 -22.23 -39.44 21.97
CA HIS B 56 -22.44 -38.08 21.49
C HIS B 56 -22.26 -38.07 19.97
N ARG B 57 -23.18 -37.41 19.27
CA ARG B 57 -23.18 -37.30 17.82
C ARG B 57 -22.59 -35.95 17.40
N THR B 58 -21.93 -35.94 16.25
CA THR B 58 -21.24 -34.71 15.82
C THR B 58 -21.50 -34.39 14.36
N TYR B 59 -21.88 -33.15 14.08
CA TYR B 59 -22.17 -32.73 12.70
C TYR B 59 -21.57 -31.39 12.35
N THR B 60 -21.52 -31.08 11.06
CA THR B 60 -21.09 -29.74 10.66
C THR B 60 -22.36 -28.90 10.63
N LEU B 61 -22.24 -27.58 10.52
CA LEU B 61 -23.47 -26.80 10.58
C LEU B 61 -24.37 -27.12 9.39
N ALA B 62 -23.75 -27.34 8.22
CA ALA B 62 -24.49 -27.64 7.00
C ALA B 62 -25.26 -28.96 7.13
N THR B 63 -24.67 -29.93 7.82
CA THR B 63 -25.23 -31.27 8.00
C THR B 63 -26.37 -31.22 9.01
N PHE B 64 -26.18 -30.42 10.06
CA PHE B 64 -27.11 -30.39 11.18
C PHE B 64 -28.38 -29.66 10.80
N LEU B 65 -28.26 -28.60 10.00
CA LEU B 65 -29.44 -27.85 9.59
C LEU B 65 -30.37 -28.72 8.73
N LYS B 66 -29.81 -29.63 7.95
CA LYS B 66 -30.63 -30.60 7.21
C LYS B 66 -31.42 -31.49 8.16
N LEU B 67 -30.77 -31.97 9.21
CA LEU B 67 -31.45 -32.79 10.21
C LEU B 67 -32.62 -32.02 10.82
N LEU B 68 -32.39 -30.76 11.16
CA LEU B 68 -33.46 -29.94 11.76
C LEU B 68 -34.61 -29.74 10.78
N GLU B 69 -34.30 -29.58 9.50
CA GLU B 69 -35.36 -29.40 8.51
C GLU B 69 -36.16 -30.68 8.32
N GLU B 70 -35.50 -31.84 8.40
CA GLU B 70 -36.23 -33.10 8.30
C GLU B 70 -37.14 -33.33 9.50
N LYS B 71 -36.78 -32.80 10.67
CA LYS B 71 -37.66 -32.83 11.84
C LYS B 71 -38.56 -31.59 11.95
N GLN B 72 -38.38 -30.60 11.07
CA GLN B 72 -39.17 -29.36 11.04
C GLN B 72 -38.97 -28.53 12.31
N ILE B 73 -37.72 -28.46 12.79
CA ILE B 73 -37.36 -27.73 14.00
C ILE B 73 -36.71 -26.39 13.66
N ARG B 74 -37.11 -25.34 14.36
CA ARG B 74 -36.59 -23.98 14.22
C ARG B 74 -35.27 -23.80 14.96
N TRP B 75 -34.27 -23.21 14.27
CA TRP B 75 -32.92 -22.89 14.74
C TRP B 75 -32.84 -21.44 15.18
N PRO B 76 -32.27 -21.15 16.36
CA PRO B 76 -32.09 -19.74 16.83
C PRO B 76 -30.99 -18.96 16.10
N ALA B 77 -31.35 -18.42 14.95
CA ALA B 77 -30.38 -17.75 14.08
C ALA B 77 -30.03 -16.34 14.58
N PHE B 78 -28.80 -15.90 14.29
CA PHE B 78 -28.26 -14.65 14.83
C PHE B 78 -27.35 -13.99 13.79
N THR B 79 -26.99 -12.73 14.04
CA THR B 79 -26.18 -11.95 13.09
C THR B 79 -25.27 -10.95 13.81
N TYR B 80 -24.14 -10.62 13.16
CA TYR B 80 -23.13 -9.71 13.71
C TYR B 80 -23.38 -8.28 13.21
N HIS B 81 -23.80 -7.38 14.10
CA HIS B 81 -24.43 -6.17 13.59
C HIS B 81 -23.44 -5.06 13.17
N ASN B 82 -22.22 -5.00 13.72
CA ASN B 82 -21.23 -4.03 13.26
C ASN B 82 -20.08 -4.65 12.48
N GLN B 83 -20.33 -5.77 11.78
CA GLN B 83 -19.31 -6.39 10.95
C GLN B 83 -19.00 -5.52 9.72
N GLN B 84 -17.74 -5.54 9.29
CA GLN B 84 -17.28 -4.81 8.11
C GLN B 84 -16.71 -5.81 7.12
N GLY B 85 -17.26 -5.85 5.92
CA GLY B 85 -16.73 -6.72 4.89
C GLY B 85 -17.11 -8.18 5.08
N ARG B 86 -16.25 -9.06 4.57
CA ARG B 86 -16.48 -10.50 4.58
C ARG B 86 -15.83 -11.11 5.82
N MET B 87 -16.46 -12.16 6.36
CA MET B 87 -15.91 -12.86 7.51
C MET B 87 -15.46 -14.26 7.11
N ASP B 88 -14.27 -14.65 7.58
CA ASP B 88 -13.65 -15.94 7.26
C ASP B 88 -13.80 -16.89 8.43
N PHE B 89 -14.21 -18.13 8.16
CA PHE B 89 -14.40 -19.15 9.19
C PHE B 89 -13.29 -20.19 9.12
N GLN B 90 -12.68 -20.47 10.26
CA GLN B 90 -11.72 -21.56 10.37
C GLN B 90 -12.37 -22.90 10.71
N ASN B 91 -13.53 -22.89 11.39
CA ASN B 91 -14.19 -24.11 11.83
C ASN B 91 -15.59 -23.78 12.31
N ARG B 92 -16.52 -24.71 12.07
CA ARG B 92 -17.91 -24.55 12.48
C ARG B 92 -18.47 -25.92 12.83
N LEU B 93 -18.68 -26.19 14.13
CA LEU B 93 -18.79 -27.55 14.64
C LEU B 93 -19.93 -27.69 15.65
N ILE B 94 -20.58 -28.85 15.65
CA ILE B 94 -21.78 -29.11 16.47
C ILE B 94 -21.64 -30.46 17.18
N SER B 95 -21.89 -30.45 18.50
CA SER B 95 -22.06 -31.66 19.31
C SER B 95 -23.50 -31.81 19.79
N LEU B 96 -24.04 -33.01 19.70
CA LEU B 96 -25.43 -33.30 20.05
C LEU B 96 -25.49 -34.36 21.13
N SER B 97 -26.16 -34.03 22.23
CA SER B 97 -26.24 -34.88 23.42
C SER B 97 -27.40 -35.87 23.34
N GLU B 98 -27.25 -36.96 24.09
CA GLU B 98 -28.31 -37.97 24.21
C GLU B 98 -29.63 -37.34 24.65
N ASP B 99 -29.57 -36.32 25.50
CA ASP B 99 -30.76 -35.69 26.06
C ASP B 99 -31.32 -34.57 25.20
N GLY B 100 -30.74 -34.32 24.02
CA GLY B 100 -31.24 -33.24 23.19
C GLY B 100 -30.51 -31.92 23.35
N THR B 101 -29.42 -31.88 24.12
CA THR B 101 -28.66 -30.66 24.30
C THR B 101 -27.78 -30.42 23.08
N VAL B 102 -27.84 -29.21 22.52
CA VAL B 102 -27.01 -28.84 21.38
C VAL B 102 -25.89 -27.93 21.85
N MET B 103 -24.66 -28.25 21.46
CA MET B 103 -23.50 -27.39 21.71
C MET B 103 -22.91 -26.97 20.38
N TYR B 104 -22.77 -25.65 20.17
CA TYR B 104 -22.31 -25.09 18.90
C TYR B 104 -21.03 -24.27 19.12
N LEU B 105 -20.18 -24.26 18.09
CA LEU B 105 -18.94 -23.49 18.12
C LEU B 105 -18.57 -23.03 16.72
N GLU B 106 -18.25 -21.74 16.58
CA GLU B 106 -17.69 -21.20 15.34
C GLU B 106 -16.49 -20.31 15.64
N ARG B 107 -15.43 -20.46 14.84
CA ARG B 107 -14.15 -19.78 15.02
C ARG B 107 -13.82 -18.98 13.75
N PHE B 108 -13.47 -17.69 13.91
CA PHE B 108 -13.47 -16.82 12.74
C PHE B 108 -12.37 -15.75 12.78
N THR B 109 -12.19 -15.10 11.63
CA THR B 109 -11.37 -13.89 11.46
C THR B 109 -12.25 -12.81 10.83
N SER B 110 -12.20 -11.58 11.33
CA SER B 110 -13.07 -10.53 10.77
C SER B 110 -12.66 -9.14 11.22
N THR B 111 -13.15 -8.12 10.49
CA THR B 111 -12.99 -6.71 10.80
C THR B 111 -14.32 -6.12 11.28
N PHE B 112 -14.27 -5.09 12.13
CA PHE B 112 -15.45 -4.53 12.78
C PHE B 112 -15.41 -3.01 12.79
N GLN B 113 -16.59 -2.38 12.70
CA GLN B 113 -16.69 -0.92 12.68
C GLN B 113 -16.43 -0.35 14.07
N ALA B 114 -15.84 0.85 14.12
CA ALA B 114 -15.43 1.49 15.38
C ALA B 114 -15.81 2.95 15.44
N PRO B 115 -17.11 3.27 15.53
CA PRO B 115 -17.55 4.67 15.33
C PRO B 115 -17.25 5.62 16.49
N ALA B 116 -16.76 5.12 17.62
CA ALA B 116 -16.53 5.89 18.85
C ALA B 116 -15.13 6.47 18.97
N PHE B 117 -14.25 6.17 18.01
CA PHE B 117 -12.85 6.58 18.07
C PHE B 117 -12.73 8.11 18.08
N ASP B 118 -11.80 8.64 18.89
CA ASP B 118 -11.62 10.10 19.00
C ASP B 118 -10.21 10.37 19.51
N PHE B 119 -9.38 11.01 18.69
CA PHE B 119 -7.94 11.11 18.95
C PHE B 119 -7.48 12.51 19.34
N ARG B 120 -8.37 13.37 19.83
CA ARG B 120 -8.00 14.76 20.09
C ARG B 120 -6.99 14.89 21.24
N LEU B 121 -6.96 13.94 22.17
CA LEU B 121 -6.06 14.02 23.31
C LEU B 121 -4.77 13.23 23.10
N PHE B 122 -4.48 12.82 21.87
CA PHE B 122 -3.27 12.08 21.54
C PHE B 122 -2.02 12.84 22.03
N PRO B 123 -1.05 12.14 22.67
CA PRO B 123 -0.94 10.68 22.89
C PRO B 123 -1.56 10.18 24.20
N PHE B 124 -2.30 11.00 24.93
CA PHE B 124 -2.86 10.60 26.21
C PHE B 124 -4.26 9.98 26.08
N ASP B 125 -4.61 9.42 24.92
CA ASP B 125 -5.98 9.01 24.64
C ASP B 125 -6.27 7.56 25.05
N ASN B 126 -7.55 7.30 25.36
CA ASN B 126 -8.08 5.99 25.73
C ASN B 126 -9.31 5.71 24.87
N GLN B 127 -9.32 4.58 24.16
CA GLN B 127 -10.32 4.30 23.13
C GLN B 127 -11.23 3.14 23.51
N LEU B 128 -12.48 3.18 23.01
CA LEU B 128 -13.52 2.21 23.31
C LEU B 128 -13.80 1.33 22.09
N PHE B 129 -13.88 0.01 22.32
CA PHE B 129 -14.14 -1.01 21.29
C PHE B 129 -15.36 -1.85 21.68
N PHE B 130 -16.13 -2.34 20.69
CA PHE B 130 -17.26 -3.22 21.00
C PHE B 130 -17.65 -4.11 19.81
N ILE B 131 -18.37 -5.20 20.13
CA ILE B 131 -18.97 -6.12 19.15
C ILE B 131 -20.40 -6.45 19.59
N HIS B 132 -21.35 -6.34 18.65
CA HIS B 132 -22.78 -6.59 18.89
C HIS B 132 -23.23 -7.87 18.18
N VAL B 133 -23.93 -8.75 18.89
CA VAL B 133 -24.54 -9.94 18.30
C VAL B 133 -26.05 -9.89 18.52
N ASP B 134 -26.82 -10.02 17.43
CA ASP B 134 -28.28 -9.81 17.45
C ASP B 134 -29.05 -11.08 17.10
N SER B 135 -30.10 -11.34 17.87
CA SER B 135 -31.04 -12.42 17.56
C SER B 135 -31.99 -12.00 16.43
N ILE B 136 -32.30 -12.94 15.55
CA ILE B 136 -33.18 -12.62 14.43
C ILE B 136 -34.64 -12.74 14.82
N PHE B 137 -35.00 -13.75 15.61
CA PHE B 137 -36.37 -13.98 16.01
C PHE B 137 -36.71 -13.13 17.25
N PRO B 138 -38.00 -12.88 17.50
CA PRO B 138 -38.34 -11.98 18.60
C PRO B 138 -38.40 -12.72 19.93
N GLN B 139 -38.37 -11.94 21.01
CA GLN B 139 -37.96 -12.45 22.33
C GLN B 139 -38.96 -13.41 22.95
N HIS B 140 -40.14 -13.60 22.35
CA HIS B 140 -41.08 -14.58 22.89
C HIS B 140 -40.87 -15.96 22.29
N LEU B 141 -40.08 -16.07 21.24
CA LEU B 141 -39.61 -17.37 20.76
C LEU B 141 -38.33 -17.80 21.47
N PHE B 142 -37.31 -16.92 21.49
CA PHE B 142 -35.97 -17.21 21.99
C PHE B 142 -35.45 -16.03 22.79
N ARG B 143 -34.81 -16.31 23.94
CA ARG B 143 -34.22 -15.30 24.81
C ARG B 143 -32.77 -15.63 25.11
N PHE B 144 -31.88 -14.67 24.87
CA PHE B 144 -30.47 -14.82 25.20
C PHE B 144 -30.24 -14.87 26.71
N GLN B 145 -29.37 -15.78 27.17
CA GLN B 145 -28.87 -15.76 28.54
C GLN B 145 -27.35 -15.79 28.51
N GLU B 146 -26.72 -15.15 29.49
CA GLU B 146 -25.27 -14.99 29.50
C GLU B 146 -24.57 -16.25 30.01
N MET B 147 -23.72 -16.84 29.16
CA MET B 147 -22.96 -18.04 29.51
C MET B 147 -21.80 -17.62 30.42
N GLN B 148 -21.88 -18.02 31.69
CA GLN B 148 -20.92 -17.52 32.67
C GLN B 148 -19.62 -18.32 32.64
N GLY B 149 -18.51 -17.59 32.75
CA GLY B 149 -17.19 -18.16 32.80
C GLY B 149 -16.42 -18.15 31.51
N PHE B 150 -17.09 -17.97 30.36
CA PHE B 150 -16.46 -18.16 29.07
C PHE B 150 -15.93 -16.86 28.45
N SER B 151 -16.69 -15.77 28.52
CA SER B 151 -16.48 -14.63 27.65
C SER B 151 -15.33 -13.74 28.11
N GLY B 152 -14.68 -13.10 27.14
CA GLY B 152 -13.61 -12.17 27.42
C GLY B 152 -12.46 -12.14 26.42
N LEU B 153 -11.27 -11.83 26.91
CA LEU B 153 -10.05 -11.68 26.13
C LEU B 153 -8.99 -12.62 26.69
N GLY B 154 -8.15 -13.21 25.82
CA GLY B 154 -7.06 -14.03 26.30
C GLY B 154 -5.79 -13.20 26.56
N ASP B 155 -4.76 -13.87 27.08
CA ASP B 155 -3.52 -13.21 27.44
C ASP B 155 -2.58 -13.08 26.24
N GLN B 156 -1.83 -11.97 26.23
CA GLN B 156 -0.83 -11.70 25.22
C GLN B 156 0.55 -12.22 25.65
N LEU B 157 1.44 -12.40 24.66
CA LEU B 157 2.58 -13.27 24.83
C LEU B 157 3.94 -12.66 24.52
N GLY B 158 3.98 -11.45 23.95
CA GLY B 158 5.25 -10.81 23.65
C GLY B 158 5.19 -9.36 24.05
N GLU B 159 5.22 -8.46 23.06
CA GLU B 159 5.13 -7.04 23.34
C GLU B 159 4.22 -6.38 22.31
N GLU B 160 3.23 -5.61 22.77
CA GLU B 160 2.26 -5.01 21.86
C GLU B 160 2.24 -3.48 21.86
N GLU B 161 1.47 -2.90 20.93
CA GLU B 161 1.35 -1.44 20.86
C GLU B 161 0.28 -0.92 21.82
N TRP B 162 -0.84 -1.64 21.97
CA TRP B 162 -1.95 -1.19 22.79
C TRP B 162 -2.14 -2.08 24.01
N ILE B 163 -2.45 -1.48 25.16
CA ILE B 163 -2.59 -2.21 26.42
C ILE B 163 -4.07 -2.15 26.81
N VAL B 164 -4.69 -3.31 27.05
CA VAL B 164 -6.10 -3.35 27.41
C VAL B 164 -6.26 -3.08 28.90
N THR B 165 -7.19 -2.16 29.23
CA THR B 165 -7.40 -1.68 30.58
C THR B 165 -8.69 -2.18 31.26
N GLU B 166 -9.71 -2.58 30.49
CA GLU B 166 -11.02 -2.93 31.04
C GLU B 166 -11.79 -3.77 30.03
N VAL B 167 -12.54 -4.78 30.51
CA VAL B 167 -13.37 -5.65 29.68
C VAL B 167 -14.72 -5.89 30.35
N ASN B 168 -15.81 -5.87 29.57
CA ASN B 168 -17.20 -6.00 30.02
C ASN B 168 -18.13 -6.66 29.00
N THR B 169 -19.19 -7.33 29.51
CA THR B 169 -20.29 -7.89 28.70
C THR B 169 -21.64 -7.61 29.35
N HIS B 170 -22.68 -7.39 28.52
CA HIS B 170 -24.05 -7.20 29.04
C HIS B 170 -25.09 -7.48 27.96
N LEU B 171 -26.36 -7.54 28.39
CA LEU B 171 -27.46 -7.93 27.51
C LEU B 171 -28.43 -6.76 27.31
N THR B 172 -28.90 -6.56 26.07
CA THR B 172 -29.86 -5.49 25.75
C THR B 172 -30.90 -6.04 24.77
N THR B 173 -31.64 -5.14 24.10
CA THR B 173 -32.60 -5.52 23.07
C THR B 173 -32.50 -4.61 21.84
N HIS B 174 -33.07 -5.10 20.73
CA HIS B 174 -33.16 -4.34 19.47
C HIS B 174 -34.49 -4.65 18.81
N ASN B 175 -34.86 -3.87 17.79
CA ASN B 175 -36.18 -3.95 17.18
C ASN B 175 -36.12 -3.73 15.68
N GLU B 176 -36.87 -4.55 14.93
CA GLU B 176 -37.01 -4.40 13.48
C GLU B 176 -38.46 -4.62 13.05
N PHE B 177 -38.86 -3.93 11.98
CA PHE B 177 -40.23 -4.04 11.43
C PHE B 177 -41.29 -3.60 12.43
N THR B 178 -40.91 -2.72 13.37
CA THR B 178 -41.84 -2.20 14.38
C THR B 178 -42.74 -3.28 14.96
N LYS B 179 -42.15 -4.39 15.39
CA LYS B 179 -42.94 -5.49 15.91
C LYS B 179 -42.41 -5.91 17.27
N GLY B 180 -41.84 -7.10 17.36
CA GLY B 180 -41.35 -7.61 18.63
C GLY B 180 -39.91 -7.30 18.93
N ASP B 181 -39.62 -6.97 20.19
CA ASP B 181 -38.24 -6.75 20.61
C ASP B 181 -37.46 -8.06 20.54
N ALA B 182 -36.16 -7.96 20.28
CA ALA B 182 -35.29 -9.13 20.20
C ALA B 182 -33.99 -8.89 20.96
N SER B 183 -33.35 -9.99 21.39
CA SER B 183 -32.18 -9.89 22.26
C SER B 183 -30.94 -9.41 21.53
N ARG B 184 -30.07 -8.71 22.27
CA ARG B 184 -28.75 -8.25 21.80
C ARG B 184 -27.70 -8.57 22.85
N PHE B 185 -26.56 -9.11 22.43
CA PHE B 185 -25.43 -9.42 23.31
C PHE B 185 -24.25 -8.51 22.98
N VAL B 186 -23.63 -7.93 24.01
CA VAL B 186 -22.58 -6.92 23.83
C VAL B 186 -21.31 -7.34 24.57
N LEU B 187 -20.17 -7.25 23.88
CA LEU B 187 -18.85 -7.32 24.48
C LEU B 187 -18.12 -6.01 24.17
N GLU B 188 -17.54 -5.37 25.20
CA GLU B 188 -16.87 -4.08 25.06
C GLU B 188 -15.56 -4.06 25.86
N PHE B 189 -14.57 -3.29 25.38
CA PHE B 189 -13.29 -3.13 26.08
C PHE B 189 -12.62 -1.79 25.76
N HIS B 190 -11.64 -1.41 26.61
CA HIS B 190 -10.92 -0.13 26.58
C HIS B 190 -9.40 -0.35 26.55
N ALA B 191 -8.66 0.51 25.85
CA ALA B 191 -7.21 0.32 25.70
C ALA B 191 -6.44 1.64 25.58
N GLU B 192 -5.12 1.59 25.86
CA GLU B 192 -4.24 2.76 25.95
C GLU B 192 -2.86 2.51 25.34
N ARG B 193 -2.05 3.58 25.17
CA ARG B 193 -0.70 3.49 24.62
C ARG B 193 0.39 3.42 25.69
N HIS B 194 1.63 3.11 25.26
CA HIS B 194 2.84 3.25 26.07
C HIS B 194 3.31 4.70 26.02
N LEU B 195 3.08 5.48 27.08
CA LEU B 195 3.50 6.88 27.07
C LEU B 195 5.02 7.02 27.17
N ASN B 196 5.65 6.04 27.83
CA ASN B 196 7.11 5.89 27.90
C ASN B 196 7.78 6.13 26.55
N TYR B 197 7.18 5.58 25.48
CA TYR B 197 7.77 5.65 24.15
C TYR B 197 7.75 7.07 23.61
N TYR B 198 6.70 7.83 23.91
CA TYR B 198 6.59 9.17 23.37
C TYR B 198 7.43 10.16 24.16
N LEU B 199 7.62 9.90 25.46
CA LEU B 199 8.55 10.68 26.25
C LEU B 199 9.95 10.63 25.64
N MET B 200 10.40 9.42 25.30
CA MET B 200 11.76 9.22 24.79
C MET B 200 11.90 9.74 23.37
N ARG B 201 10.91 9.51 22.53
CA ARG B 201 11.04 9.87 21.11
C ARG B 201 10.77 11.32 20.77
N ILE B 202 9.95 12.01 21.55
CA ILE B 202 9.55 13.37 21.16
C ILE B 202 9.94 14.40 22.20
N LEU B 203 9.48 14.23 23.44
CA LEU B 203 9.69 15.26 24.46
C LEU B 203 11.13 15.59 24.78
N ILE B 204 11.95 14.59 25.11
CA ILE B 204 13.33 14.88 25.50
C ILE B 204 14.13 15.67 24.40
N PRO B 205 14.11 15.21 23.12
CA PRO B 205 14.85 16.01 22.13
C PRO B 205 14.27 17.41 21.88
N VAL B 206 12.95 17.60 21.95
CA VAL B 206 12.40 18.94 21.79
C VAL B 206 12.83 19.86 22.94
N LEU B 207 12.92 19.31 24.15
CA LEU B 207 13.35 20.13 25.27
C LEU B 207 14.79 20.59 25.12
N LEU B 208 15.65 19.76 24.52
CA LEU B 208 17.02 20.19 24.26
C LEU B 208 17.07 21.30 23.20
N ILE B 209 16.23 21.20 22.16
CA ILE B 209 16.21 22.21 21.12
C ILE B 209 15.78 23.56 21.69
N ILE B 210 14.81 23.52 22.59
CA ILE B 210 14.32 24.70 23.29
C ILE B 210 15.43 25.31 24.13
N THR B 211 16.29 24.46 24.71
CA THR B 211 17.36 24.96 25.57
C THR B 211 18.45 25.67 24.76
N VAL B 212 18.73 25.18 23.55
CA VAL B 212 19.74 25.80 22.71
C VAL B 212 19.30 27.20 22.33
N SER B 213 18.01 27.37 22.03
CA SER B 213 17.48 28.69 21.70
C SER B 213 17.60 29.67 22.87
N TRP B 214 17.41 29.20 24.11
CA TRP B 214 17.57 30.09 25.26
C TRP B 214 19.02 30.53 25.45
N PHE B 215 19.97 29.65 25.17
CA PHE B 215 21.39 29.92 25.45
C PHE B 215 21.95 31.03 24.57
N THR B 216 21.24 31.38 23.49
CA THR B 216 21.66 32.46 22.60
C THR B 216 21.75 33.81 23.31
N PHE B 217 20.91 34.04 24.33
CA PHE B 217 20.90 35.29 25.06
C PHE B 217 22.11 35.45 25.98
N PHE B 218 23.00 34.45 26.05
CA PHE B 218 24.17 34.49 26.93
C PHE B 218 25.37 35.14 26.25
N LEU B 219 25.32 35.37 24.93
CA LEU B 219 26.42 35.88 24.12
C LEU B 219 26.28 37.39 23.90
N GLN B 220 27.38 38.02 23.48
CA GLN B 220 27.44 39.48 23.39
C GLN B 220 27.16 40.04 22.00
N ASP B 221 27.68 39.44 20.92
CA ASP B 221 27.56 40.01 19.57
C ASP B 221 26.21 39.63 18.96
N TYR B 222 25.35 40.63 18.72
CA TYR B 222 24.05 40.34 18.12
C TYR B 222 24.19 39.74 16.73
N THR B 223 25.28 40.06 16.03
CA THR B 223 25.50 39.54 14.67
C THR B 223 25.59 38.02 14.69
N LYS B 224 26.37 37.46 15.61
CA LYS B 224 26.49 36.01 15.72
C LYS B 224 25.18 35.38 16.19
N ARG B 225 24.45 36.07 17.07
CA ARG B 225 23.18 35.57 17.58
C ARG B 225 22.19 35.31 16.45
N ILE B 226 22.13 36.21 15.47
CA ILE B 226 21.16 36.05 14.38
C ILE B 226 21.46 34.78 13.59
N ASP B 227 22.75 34.50 13.37
CA ASP B 227 23.15 33.29 12.67
C ASP B 227 22.73 32.05 13.44
N LEU B 228 22.96 32.05 14.76
CA LEU B 228 22.72 30.87 15.59
C LEU B 228 21.23 30.61 15.76
N ALA B 229 20.44 31.68 15.96
CA ALA B 229 18.99 31.55 16.08
C ALA B 229 18.37 31.05 14.78
N GLY B 230 18.83 31.56 13.65
CA GLY B 230 18.36 31.07 12.37
C GLY B 230 18.62 29.59 12.18
N GLY B 231 19.83 29.14 12.56
CA GLY B 231 20.15 27.74 12.34
C GLY B 231 19.35 26.80 13.23
N ASN B 232 19.00 27.25 14.42
CA ASN B 232 18.21 26.45 15.36
C ASN B 232 16.77 26.29 14.88
N LEU B 233 16.26 27.23 14.06
CA LEU B 233 14.92 27.07 13.49
C LEU B 233 14.92 26.02 12.40
N LEU B 234 15.97 25.99 11.58
CA LEU B 234 16.08 24.93 10.58
C LEU B 234 16.26 23.57 11.24
N LEU B 235 16.92 23.52 12.40
CA LEU B 235 17.08 22.25 13.11
C LEU B 235 15.74 21.72 13.60
N PHE B 236 14.86 22.61 14.05
CA PHE B 236 13.53 22.19 14.51
C PHE B 236 12.72 21.62 13.35
N ILE B 237 12.80 22.26 12.17
CA ILE B 237 12.03 21.78 11.02
C ILE B 237 12.53 20.40 10.57
N ALA B 238 13.86 20.22 10.52
CA ALA B 238 14.47 18.94 10.17
C ALA B 238 14.01 17.83 11.10
N PHE B 239 13.98 18.11 12.41
CA PHE B 239 13.56 17.11 13.39
C PHE B 239 12.10 16.73 13.19
N ASN B 240 11.28 17.71 12.82
CA ASN B 240 9.84 17.50 12.66
C ASN B 240 9.54 16.42 11.62
N PHE B 241 10.22 16.47 10.46
CA PHE B 241 9.99 15.42 9.46
C PHE B 241 10.59 14.08 9.89
N THR B 242 11.60 14.09 10.76
CA THR B 242 12.15 12.84 11.24
C THR B 242 11.15 12.05 12.10
N ILE B 243 10.17 12.73 12.71
CA ILE B 243 9.17 12.06 13.55
C ILE B 243 7.83 11.87 12.85
N SER B 244 7.73 12.29 11.58
CA SER B 244 6.42 12.33 10.93
C SER B 244 5.72 10.97 10.89
N SER B 245 6.48 9.88 10.89
CA SER B 245 5.88 8.56 10.80
C SER B 245 5.20 8.12 12.11
N ASP B 246 5.46 8.81 13.22
CA ASP B 246 4.82 8.50 14.49
C ASP B 246 3.54 9.29 14.70
N LEU B 247 3.17 10.17 13.74
CA LEU B 247 2.00 11.03 13.86
C LEU B 247 0.88 10.55 12.97
N PRO B 248 -0.34 10.34 13.46
CA PRO B 248 -1.40 9.82 12.59
C PRO B 248 -1.97 10.87 11.65
N ARG B 249 -2.43 10.41 10.48
CA ARG B 249 -2.88 11.28 9.39
C ARG B 249 -4.39 11.50 9.52
N LEU B 250 -4.75 12.57 10.23
CA LEU B 250 -6.10 12.90 10.62
C LEU B 250 -6.43 14.30 10.12
N GLY B 251 -7.69 14.56 9.80
CA GLY B 251 -8.00 15.87 9.25
C GLY B 251 -8.44 16.88 10.28
N TYR B 252 -8.05 16.68 11.53
CA TYR B 252 -8.46 17.57 12.62
C TYR B 252 -7.34 17.69 13.66
N ILE B 253 -7.50 18.70 14.56
CA ILE B 253 -6.42 19.14 15.45
C ILE B 253 -6.30 18.23 16.66
N THR B 254 -5.06 17.87 17.01
CA THR B 254 -4.74 17.10 18.22
C THR B 254 -3.92 17.95 19.19
N LEU B 255 -3.83 17.45 20.43
CA LEU B 255 -2.98 18.10 21.43
C LEU B 255 -1.52 18.14 20.99
N MET B 256 -1.06 17.08 20.32
CA MET B 256 0.32 17.03 19.84
C MET B 256 0.57 18.07 18.76
N ASP B 257 -0.42 18.31 17.90
CA ASP B 257 -0.29 19.32 16.86
C ASP B 257 -0.12 20.71 17.46
N ALA B 258 -0.93 21.04 18.46
CA ALA B 258 -0.89 22.34 19.11
C ALA B 258 0.46 22.60 19.78
N PHE B 259 1.02 21.56 20.38
CA PHE B 259 2.30 21.64 21.07
C PHE B 259 3.43 21.99 20.09
N LEU B 260 3.43 21.34 18.92
CA LEU B 260 4.52 21.57 17.98
C LEU B 260 4.41 22.94 17.30
N VAL B 261 3.20 23.39 16.98
CA VAL B 261 3.04 24.70 16.34
C VAL B 261 3.44 25.82 17.30
N GLY B 262 3.11 25.66 18.58
CA GLY B 262 3.47 26.68 19.56
C GLY B 262 4.97 26.81 19.72
N THR B 263 5.68 25.69 19.68
CA THR B 263 7.14 25.71 19.71
C THR B 263 7.73 26.42 18.49
N PHE B 264 7.06 26.30 17.33
CA PHE B 264 7.57 26.95 16.12
C PHE B 264 7.45 28.45 16.26
N ILE B 265 6.34 28.90 16.82
CA ILE B 265 6.06 30.33 16.96
C ILE B 265 7.10 31.00 17.84
N ILE B 266 7.44 30.37 18.96
CA ILE B 266 8.33 31.03 19.91
C ILE B 266 9.77 31.05 19.40
N THR B 267 10.19 29.97 18.73
CA THR B 267 11.54 29.95 18.19
C THR B 267 11.71 30.91 17.03
N ALA B 268 10.65 31.13 16.24
CA ALA B 268 10.74 32.12 15.17
C ALA B 268 10.83 33.54 15.73
N LEU B 269 10.22 33.78 16.88
CA LEU B 269 10.19 35.13 17.43
C LEU B 269 11.57 35.54 17.93
N VAL B 270 12.40 34.58 18.32
CA VAL B 270 13.76 34.88 18.75
C VAL B 270 14.60 35.45 17.61
N VAL B 271 14.37 35.00 16.38
CA VAL B 271 15.10 35.52 15.23
C VAL B 271 14.74 36.98 15.00
N LEU B 272 13.46 37.30 15.12
CA LEU B 272 12.98 38.64 14.83
C LEU B 272 13.47 39.62 15.89
N GLY B 273 13.57 39.17 17.14
CA GLY B 273 14.01 40.04 18.20
C GLY B 273 15.46 40.45 18.08
N ASN B 274 16.33 39.50 17.72
CA ASN B 274 17.75 39.78 17.61
C ASN B 274 18.06 40.68 16.42
N VAL B 275 17.25 40.62 15.35
CA VAL B 275 17.41 41.61 14.28
C VAL B 275 17.10 43.02 14.79
N TRP B 276 16.07 43.15 15.62
CA TRP B 276 15.74 44.49 16.11
C TRP B 276 16.79 45.03 17.09
N LEU B 277 17.41 44.15 17.90
CA LEU B 277 18.48 44.61 18.79
C LEU B 277 19.69 45.10 18.00
N ARG B 278 20.00 44.44 16.87
CA ARG B 278 21.08 44.90 16.00
C ARG B 278 20.75 46.27 15.38
N ARG B 279 19.46 46.52 15.09
CA ARG B 279 19.08 47.81 14.53
C ARG B 279 19.29 48.92 15.55
N LEU B 280 18.93 48.66 16.81
CA LEU B 280 19.13 49.65 17.86
C LEU B 280 20.62 49.95 18.06
N GLU B 281 21.47 48.92 17.98
CA GLU B 281 22.91 49.14 18.07
C GLU B 281 23.42 50.01 16.93
N ASN B 282 22.91 49.79 15.71
CA ASN B 282 23.37 50.58 14.56
C ASN B 282 22.96 52.04 14.67
N HIS B 283 21.83 52.33 15.31
CA HIS B 283 21.35 53.69 15.54
C HIS B 283 21.95 54.32 16.79
N GLY B 284 22.89 53.62 17.43
CA GLY B 284 23.59 54.12 18.60
C GLY B 284 22.85 54.07 19.93
N LYS B 285 21.93 53.12 20.09
CA LYS B 285 21.18 52.98 21.33
C LYS B 285 21.53 51.67 22.01
N GLN B 286 22.83 51.49 22.30
CA GLN B 286 23.32 50.25 22.90
C GLN B 286 22.74 50.01 24.29
N ALA B 287 22.70 51.04 25.14
CA ALA B 287 22.25 50.87 26.52
C ALA B 287 20.79 50.42 26.59
N LEU B 288 19.95 50.94 25.70
CA LEU B 288 18.55 50.53 25.68
C LEU B 288 18.43 49.08 25.22
N ALA B 289 19.22 48.70 24.21
CA ALA B 289 19.20 47.33 23.71
C ALA B 289 19.68 46.36 24.77
N ARG B 290 20.71 46.76 25.52
CA ARG B 290 21.24 45.96 26.63
C ARG B 290 20.20 45.78 27.72
N LYS B 291 19.32 46.77 27.93
CA LYS B 291 18.27 46.64 28.92
C LYS B 291 17.18 45.67 28.46
N LEU B 292 16.75 45.78 27.21
CA LEU B 292 15.73 44.87 26.68
C LEU B 292 16.21 43.42 26.71
N ASP B 293 17.51 43.20 26.52
CA ASP B 293 18.09 41.85 26.57
C ASP B 293 17.85 41.20 27.93
N ILE B 294 17.94 41.99 29.00
CA ILE B 294 17.77 41.46 30.35
C ILE B 294 16.34 41.02 30.59
N TYR B 295 15.37 41.72 29.99
CA TYR B 295 13.97 41.30 30.09
C TYR B 295 13.69 40.04 29.27
N ALA B 296 14.38 39.88 28.15
CA ALA B 296 14.17 38.71 27.30
C ALA B 296 14.61 37.42 28.01
N ILE B 297 15.70 37.48 28.75
CA ILE B 297 16.25 36.28 29.38
C ILE B 297 15.24 35.66 30.34
N THR B 298 14.60 36.49 31.18
CA THR B 298 13.68 35.96 32.18
C THR B 298 12.30 35.62 31.61
N SER B 299 11.82 36.37 30.62
CA SER B 299 10.47 36.11 30.11
C SER B 299 10.39 34.89 29.18
N TYR B 300 11.50 34.44 28.59
CA TYR B 300 11.46 33.28 27.72
C TYR B 300 10.94 32.02 28.41
N PRO B 301 11.48 31.60 29.56
CA PRO B 301 10.91 30.41 30.24
C PRO B 301 9.48 30.60 30.74
N LEU B 302 9.10 31.83 31.07
CA LEU B 302 7.75 32.08 31.54
C LEU B 302 6.72 31.89 30.43
N ALA B 303 7.12 32.19 29.19
CA ALA B 303 6.23 31.98 28.04
C ALA B 303 5.93 30.50 27.85
N TYR B 304 6.92 29.62 28.06
CA TYR B 304 6.65 28.20 27.88
C TYR B 304 5.77 27.66 29.01
N LEU B 305 5.99 28.16 30.23
CA LEU B 305 5.21 27.69 31.37
C LEU B 305 3.74 28.09 31.26
N LEU B 306 3.48 29.30 30.77
CA LEU B 306 2.12 29.78 30.60
C LEU B 306 1.44 29.15 29.39
N GLY B 307 2.23 28.75 28.39
CA GLY B 307 1.68 27.99 27.28
C GLY B 307 1.23 26.61 27.69
N ALA B 308 2.04 25.93 28.51
CA ALA B 308 1.66 24.62 29.05
C ALA B 308 0.33 24.68 29.78
N LEU B 309 0.17 25.71 30.61
CA LEU B 309 -1.03 25.89 31.42
C LEU B 309 -2.24 26.11 30.52
N THR B 310 -2.04 26.87 29.44
CA THR B 310 -3.10 27.15 28.49
C THR B 310 -3.56 25.88 27.76
N LEU B 311 -2.60 25.05 27.33
CA LEU B 311 -2.95 23.81 26.65
C LEU B 311 -3.73 22.88 27.56
N TRP B 312 -3.33 22.80 28.83
CA TRP B 312 -4.05 21.97 29.80
C TRP B 312 -5.50 22.41 29.93
N LEU B 313 -5.73 23.73 29.99
CA LEU B 313 -7.09 24.22 30.15
C LEU B 313 -7.93 23.95 28.92
N LEU B 314 -7.37 24.12 27.72
CA LEU B 314 -8.16 23.99 26.51
C LEU B 314 -8.47 22.55 26.16
N PHE B 315 -7.59 21.62 26.50
CA PHE B 315 -7.79 20.22 26.09
C PHE B 315 -8.32 19.33 27.20
N PHE B 316 -7.92 19.54 28.46
CA PHE B 316 -8.37 18.67 29.54
C PHE B 316 -9.46 19.29 30.40
N TRP B 317 -9.78 20.56 30.20
CA TRP B 317 -10.98 21.17 30.80
C TRP B 317 -11.67 22.11 29.82
N PRO C 8 -50.87 -0.52 -12.45
CA PRO C 8 -49.52 -0.66 -11.87
C PRO C 8 -49.53 -0.84 -10.36
N SER C 9 -48.46 -1.44 -9.82
CA SER C 9 -48.35 -1.75 -8.40
C SER C 9 -47.34 -0.83 -7.72
N ASP C 10 -47.72 -0.25 -6.58
CA ASP C 10 -46.88 0.71 -5.85
C ASP C 10 -45.87 -0.02 -4.97
N VAL C 11 -44.60 0.38 -5.06
CA VAL C 11 -43.52 -0.16 -4.25
C VAL C 11 -42.89 0.98 -3.45
N PHE C 12 -42.92 0.86 -2.12
CA PHE C 12 -42.39 1.90 -1.23
C PHE C 12 -40.94 1.58 -0.85
N ILE C 13 -40.03 2.55 -1.05
CA ILE C 13 -38.61 2.26 -0.91
C ILE C 13 -37.90 3.39 -0.13
N GLY C 14 -36.87 3.00 0.64
CA GLY C 14 -36.05 3.96 1.35
C GLY C 14 -34.66 3.41 1.65
N LEU C 15 -33.71 4.33 1.86
CA LEU C 15 -32.30 3.97 2.06
C LEU C 15 -31.70 4.79 3.20
N LYS C 16 -30.98 4.14 4.14
CA LYS C 16 -30.32 4.84 5.24
C LYS C 16 -28.87 4.41 5.38
N ILE C 17 -27.97 5.41 5.53
CA ILE C 17 -26.53 5.17 5.64
C ILE C 17 -26.11 5.33 7.10
N ASP C 18 -25.45 4.32 7.65
CA ASP C 18 -24.95 4.37 9.03
C ASP C 18 -23.64 5.15 9.13
N GLN C 19 -22.70 4.87 8.24
CA GLN C 19 -21.33 5.35 8.38
C GLN C 19 -20.67 5.42 7.02
N ILE C 20 -19.94 6.51 6.80
CA ILE C 20 -19.09 6.68 5.64
C ILE C 20 -17.72 6.06 5.92
N THR C 21 -17.41 4.91 5.30
CA THR C 21 -16.24 4.18 5.77
C THR C 21 -14.93 4.59 5.08
N GLY C 22 -15.00 5.38 4.01
CA GLY C 22 -13.79 5.93 3.40
C GLY C 22 -14.12 6.80 2.21
N ILE C 23 -13.15 7.66 1.87
CA ILE C 23 -13.25 8.58 0.73
C ILE C 23 -11.89 8.62 0.04
N ASN C 24 -11.89 8.48 -1.29
CA ASN C 24 -10.65 8.40 -2.09
C ASN C 24 -10.63 9.54 -3.09
N GLN C 25 -9.69 10.48 -2.90
CA GLN C 25 -9.67 11.70 -3.70
C GLN C 25 -8.99 11.49 -5.06
N LYS C 26 -8.06 10.55 -5.16
CA LYS C 26 -7.34 10.30 -6.41
C LYS C 26 -8.15 9.40 -7.35
N GLU C 27 -8.81 8.37 -6.81
CA GLU C 27 -9.63 7.47 -7.61
C GLU C 27 -11.03 7.99 -7.85
N GLU C 28 -11.49 8.96 -7.05
CA GLU C 28 -12.84 9.52 -7.11
C GLU C 28 -13.92 8.45 -6.84
N ASN C 29 -13.90 7.92 -5.61
CA ASN C 29 -14.96 7.02 -5.12
C ASN C 29 -15.06 7.13 -3.60
N PHE C 30 -16.14 6.57 -3.04
CA PHE C 30 -16.38 6.56 -1.60
C PHE C 30 -17.03 5.24 -1.19
N SER C 31 -16.98 4.94 0.13
CA SER C 31 -17.45 3.67 0.69
C SER C 31 -18.34 3.91 1.90
N VAL C 32 -19.31 3.00 2.12
CA VAL C 32 -20.35 3.18 3.14
C VAL C 32 -20.80 1.85 3.73
N VAL C 33 -21.55 1.93 4.84
CA VAL C 33 -22.32 0.81 5.37
C VAL C 33 -23.75 1.33 5.55
N GLY C 34 -24.74 0.57 5.08
CA GLY C 34 -26.11 1.05 5.10
C GLY C 34 -27.14 -0.06 4.98
N SER C 35 -28.41 0.37 4.89
CA SER C 35 -29.56 -0.53 4.93
C SER C 35 -30.62 -0.06 3.93
N LEU C 36 -31.11 -1.01 3.12
CA LEU C 36 -32.11 -0.77 2.08
C LEU C 36 -33.42 -1.42 2.52
N ARG C 37 -34.53 -0.67 2.47
CA ARG C 37 -35.82 -1.19 2.92
C ARG C 37 -36.94 -1.02 1.91
N ILE C 38 -37.77 -2.05 1.74
CA ILE C 38 -38.89 -2.01 0.78
C ILE C 38 -40.14 -2.60 1.43
N ASP C 39 -41.28 -1.91 1.30
CA ASP C 39 -42.60 -2.42 1.63
C ASP C 39 -43.44 -2.57 0.35
N TRP C 40 -44.21 -3.65 0.26
CA TRP C 40 -45.03 -4.01 -0.90
C TRP C 40 -46.18 -4.90 -0.43
N ARG C 41 -47.31 -4.80 -1.13
CA ARG C 41 -48.44 -5.65 -0.82
C ARG C 41 -48.83 -6.47 -2.03
N GLN C 42 -49.11 -7.74 -1.81
CA GLN C 42 -49.49 -8.69 -2.85
C GLN C 42 -50.56 -9.60 -2.26
N PRO C 43 -51.84 -9.34 -2.53
CA PRO C 43 -52.91 -10.12 -1.89
C PRO C 43 -52.84 -11.61 -2.14
N LEU C 44 -52.16 -12.04 -3.19
CA LEU C 44 -52.06 -13.44 -3.53
C LEU C 44 -51.26 -14.23 -2.50
N LEU C 45 -50.56 -13.52 -1.62
CA LEU C 45 -49.71 -14.08 -0.57
C LEU C 45 -50.39 -14.14 0.79
N ALA C 46 -51.65 -13.72 0.89
CA ALA C 46 -52.39 -13.74 2.15
C ALA C 46 -52.64 -15.17 2.63
N PHE C 47 -52.66 -15.36 3.95
CA PHE C 47 -52.71 -16.70 4.52
C PHE C 47 -53.39 -16.66 5.90
N GLU C 48 -53.74 -17.85 6.39
CA GLU C 48 -54.25 -18.03 7.74
C GLU C 48 -53.27 -18.92 8.51
N HIS C 49 -52.88 -18.47 9.71
CA HIS C 49 -51.82 -19.16 10.45
C HIS C 49 -52.31 -20.45 11.09
N ALA C 50 -51.40 -21.42 11.17
CA ALA C 50 -51.78 -22.73 11.66
C ALA C 50 -51.94 -22.71 13.19
N PRO C 51 -52.62 -23.73 13.75
CA PRO C 51 -52.79 -23.81 15.20
C PRO C 51 -51.50 -23.70 15.99
N GLY C 52 -51.35 -22.60 16.72
CA GLY C 52 -50.16 -22.32 17.50
C GLY C 52 -49.07 -21.60 16.75
N GLU C 53 -49.22 -21.37 15.44
CA GLU C 53 -48.22 -20.65 14.66
C GLU C 53 -48.30 -19.14 14.96
N PRO C 54 -47.16 -18.45 14.94
CA PRO C 54 -47.16 -16.99 15.04
C PRO C 54 -47.87 -16.33 13.86
N LYS C 55 -48.20 -15.05 14.04
CA LYS C 55 -49.00 -14.29 13.09
C LYS C 55 -48.18 -13.73 11.92
N HIS C 56 -46.87 -13.94 11.90
CA HIS C 56 -46.01 -13.42 10.83
C HIS C 56 -44.98 -14.48 10.46
N ARG C 57 -44.80 -14.70 9.16
CA ARG C 57 -43.87 -15.69 8.62
C ARG C 57 -42.57 -15.00 8.19
N THR C 58 -41.46 -15.71 8.31
CA THR C 58 -40.17 -15.10 8.02
C THR C 58 -39.29 -16.00 7.15
N TYR C 59 -38.72 -15.43 6.09
CA TYR C 59 -37.87 -16.19 5.19
C TYR C 59 -36.61 -15.46 4.80
N THR C 60 -35.65 -16.18 4.23
CA THR C 60 -34.46 -15.52 3.70
C THR C 60 -34.80 -15.18 2.25
N LEU C 61 -34.00 -14.36 1.58
CA LEU C 61 -34.41 -14.00 0.23
C LEU C 61 -34.42 -15.23 -0.68
N ALA C 62 -33.44 -16.12 -0.48
CA ALA C 62 -33.32 -17.33 -1.27
C ALA C 62 -34.54 -18.23 -1.10
N THR C 63 -35.07 -18.29 0.11
CA THR C 63 -36.20 -19.14 0.48
C THR C 63 -37.49 -18.56 -0.09
N PHE C 64 -37.60 -17.23 -0.03
CA PHE C 64 -38.84 -16.54 -0.39
C PHE C 64 -39.03 -16.56 -1.90
N LEU C 65 -37.94 -16.41 -2.65
CA LEU C 65 -38.05 -16.41 -4.10
C LEU C 65 -38.54 -17.76 -4.63
N LYS C 66 -38.19 -18.85 -3.94
CA LYS C 66 -38.74 -20.15 -4.30
C LYS C 66 -40.25 -20.19 -4.09
N LEU C 67 -40.72 -19.64 -2.98
CA LEU C 67 -42.16 -19.58 -2.73
C LEU C 67 -42.86 -18.80 -3.84
N LEU C 68 -42.29 -17.67 -4.25
CA LEU C 68 -42.90 -16.87 -5.31
C LEU C 68 -42.92 -17.63 -6.64
N GLU C 69 -41.88 -18.41 -6.91
CA GLU C 69 -41.86 -19.18 -8.14
C GLU C 69 -42.88 -20.31 -8.12
N GLU C 70 -43.11 -20.92 -6.95
CA GLU C 70 -44.13 -21.95 -6.85
C GLU C 70 -45.54 -21.38 -7.02
N LYS C 71 -45.75 -20.11 -6.65
CA LYS C 71 -47.01 -19.43 -6.93
C LYS C 71 -47.01 -18.67 -8.25
N GLN C 72 -45.87 -18.62 -8.95
CA GLN C 72 -45.73 -17.94 -10.25
C GLN C 72 -45.94 -16.43 -10.14
N ILE C 73 -45.41 -15.83 -9.06
CA ILE C 73 -45.56 -14.40 -8.77
C ILE C 73 -44.27 -13.66 -9.13
N ARG C 74 -44.42 -12.50 -9.79
CA ARG C 74 -43.32 -11.62 -10.19
C ARG C 74 -42.86 -10.75 -9.02
N TRP C 75 -41.53 -10.69 -8.81
CA TRP C 75 -40.81 -9.92 -7.79
C TRP C 75 -40.29 -8.61 -8.39
N PRO C 76 -40.50 -7.47 -7.71
CA PRO C 76 -39.97 -6.17 -8.19
C PRO C 76 -38.45 -6.00 -8.02
N ALA C 77 -37.70 -6.53 -8.98
CA ALA C 77 -36.24 -6.55 -8.89
C ALA C 77 -35.62 -5.19 -9.22
N PHE C 78 -34.45 -4.91 -8.62
CA PHE C 78 -33.82 -3.60 -8.72
C PHE C 78 -32.30 -3.77 -8.74
N THR C 79 -31.59 -2.68 -9.06
CA THR C 79 -30.12 -2.72 -9.19
C THR C 79 -29.48 -1.39 -8.80
N TYR C 80 -28.23 -1.46 -8.33
CA TYR C 80 -27.47 -0.29 -7.87
C TYR C 80 -26.62 0.26 -9.01
N HIS C 81 -26.94 1.45 -9.53
CA HIS C 81 -26.42 1.78 -10.85
C HIS C 81 -25.00 2.37 -10.84
N ASN C 82 -24.54 3.01 -9.76
CA ASN C 82 -23.16 3.48 -9.69
C ASN C 82 -22.30 2.69 -8.72
N GLN C 83 -22.59 1.40 -8.53
CA GLN C 83 -21.77 0.55 -7.68
C GLN C 83 -20.41 0.28 -8.32
N GLN C 84 -19.38 0.16 -7.49
CA GLN C 84 -18.01 -0.13 -7.93
C GLN C 84 -17.56 -1.43 -7.27
N GLY C 85 -17.21 -2.42 -8.07
CA GLY C 85 -16.69 -3.66 -7.53
C GLY C 85 -17.78 -4.55 -6.95
N ARG C 86 -17.39 -5.37 -5.98
CA ARG C 86 -18.25 -6.37 -5.36
C ARG C 86 -18.91 -5.76 -4.12
N MET C 87 -20.15 -6.16 -3.85
CA MET C 87 -20.85 -5.70 -2.65
C MET C 87 -21.04 -6.86 -1.67
N ASP C 88 -20.79 -6.59 -0.39
CA ASP C 88 -20.85 -7.58 0.68
C ASP C 88 -22.13 -7.38 1.49
N PHE C 89 -22.85 -8.47 1.77
CA PHE C 89 -24.10 -8.44 2.52
C PHE C 89 -23.89 -9.00 3.92
N GLN C 90 -24.34 -8.25 4.92
CA GLN C 90 -24.35 -8.74 6.28
C GLN C 90 -25.64 -9.49 6.63
N ASN C 91 -26.76 -9.18 5.97
CA ASN C 91 -28.05 -9.78 6.28
C ASN C 91 -29.04 -9.45 5.18
N ARG C 92 -29.95 -10.39 4.90
CA ARG C 92 -30.97 -10.21 3.88
C ARG C 92 -32.23 -10.97 4.32
N LEU C 93 -33.26 -10.23 4.74
CA LEU C 93 -34.33 -10.79 5.57
C LEU C 93 -35.71 -10.33 5.12
N ILE C 94 -36.71 -11.21 5.25
CA ILE C 94 -38.06 -10.99 4.75
C ILE C 94 -39.08 -11.34 5.83
N SER C 95 -40.03 -10.42 6.07
CA SER C 95 -41.23 -10.67 6.87
C SER C 95 -42.48 -10.64 6.00
N LEU C 96 -43.38 -11.61 6.22
CA LEU C 96 -44.60 -11.77 5.43
C LEU C 96 -45.82 -11.70 6.33
N SER C 97 -46.73 -10.79 6.00
CA SER C 97 -47.91 -10.50 6.79
C SER C 97 -49.09 -11.41 6.42
N GLU C 98 -50.00 -11.56 7.39
CA GLU C 98 -51.24 -12.31 7.17
C GLU C 98 -52.00 -11.80 5.96
N ASP C 99 -51.96 -10.49 5.73
CA ASP C 99 -52.72 -9.87 4.65
C ASP C 99 -51.98 -9.83 3.32
N GLY C 100 -50.79 -10.42 3.24
CA GLY C 100 -50.05 -10.39 1.99
C GLY C 100 -49.04 -9.27 1.87
N THR C 101 -48.80 -8.52 2.95
CA THR C 101 -47.81 -7.44 2.90
C THR C 101 -46.42 -8.03 3.06
N VAL C 102 -45.51 -7.64 2.16
CA VAL C 102 -44.12 -8.08 2.22
C VAL C 102 -43.25 -6.95 2.73
N MET C 103 -42.42 -7.25 3.72
CA MET C 103 -41.42 -6.31 4.22
C MET C 103 -40.03 -6.90 4.00
N TYR C 104 -39.16 -6.15 3.31
CA TYR C 104 -37.83 -6.61 2.93
C TYR C 104 -36.75 -5.71 3.53
N LEU C 105 -35.60 -6.31 3.83
CA LEU C 105 -34.47 -5.58 4.39
C LEU C 105 -33.16 -6.22 3.94
N GLU C 106 -32.23 -5.41 3.44
CA GLU C 106 -30.87 -5.86 3.16
C GLU C 106 -29.85 -4.85 3.69
N ARG C 107 -28.80 -5.37 4.31
CA ARG C 107 -27.76 -4.57 4.98
C ARG C 107 -26.40 -4.91 4.38
N PHE C 108 -25.62 -3.88 3.99
CA PHE C 108 -24.47 -4.14 3.12
C PHE C 108 -23.29 -3.22 3.39
N THR C 109 -22.15 -3.59 2.79
CA THR C 109 -20.93 -2.77 2.69
C THR C 109 -20.56 -2.67 1.22
N SER C 110 -20.20 -1.46 0.74
CA SER C 110 -19.89 -1.32 -0.68
C SER C 110 -19.19 0.00 -0.97
N THR C 111 -18.55 0.06 -2.15
CA THR C 111 -17.92 1.25 -2.71
C THR C 111 -18.75 1.78 -3.89
N PHE C 112 -18.69 3.09 -4.14
CA PHE C 112 -19.55 3.75 -5.13
C PHE C 112 -18.76 4.79 -5.94
N GLN C 113 -19.11 4.94 -7.23
CA GLN C 113 -18.43 5.88 -8.10
C GLN C 113 -18.82 7.32 -7.77
N ALA C 114 -17.87 8.25 -7.95
CA ALA C 114 -18.07 9.65 -7.56
C ALA C 114 -17.60 10.62 -8.65
N PRO C 115 -18.29 10.69 -9.79
CA PRO C 115 -17.74 11.40 -10.96
C PRO C 115 -17.78 12.92 -10.87
N ALA C 116 -18.40 13.50 -9.84
CA ALA C 116 -18.61 14.94 -9.70
C ALA C 116 -17.52 15.64 -8.89
N PHE C 117 -16.55 14.88 -8.37
CA PHE C 117 -15.50 15.43 -7.50
C PHE C 117 -14.68 16.48 -8.25
N ASP C 118 -14.32 17.58 -7.56
CA ASP C 118 -13.53 18.65 -8.18
C ASP C 118 -12.84 19.44 -7.08
N PHE C 119 -11.50 19.41 -7.06
CA PHE C 119 -10.72 19.88 -5.93
C PHE C 119 -9.95 21.18 -6.22
N ARG C 120 -10.37 21.96 -7.21
CA ARG C 120 -9.60 23.15 -7.60
C ARG C 120 -9.59 24.23 -6.53
N LEU C 121 -10.61 24.28 -5.67
CA LEU C 121 -10.71 25.31 -4.64
C LEU C 121 -10.17 24.85 -3.28
N PHE C 122 -9.46 23.73 -3.25
CA PHE C 122 -8.87 23.19 -2.03
C PHE C 122 -8.03 24.25 -1.33
N PRO C 123 -8.15 24.41 0.02
CA PRO C 123 -8.95 23.61 0.97
C PRO C 123 -10.38 24.13 1.21
N PHE C 124 -10.86 25.09 0.44
CA PHE C 124 -12.19 25.66 0.65
C PHE C 124 -13.28 24.93 -0.13
N ASP C 125 -13.08 23.65 -0.47
CA ASP C 125 -13.98 22.95 -1.39
C ASP C 125 -15.13 22.24 -0.67
N ASN C 126 -16.23 22.07 -1.41
CA ASN C 126 -17.45 21.39 -0.97
C ASN C 126 -17.83 20.38 -2.05
N GLN C 127 -17.99 19.11 -1.67
CA GLN C 127 -18.13 18.01 -2.63
C GLN C 127 -19.51 17.36 -2.57
N LEU C 128 -19.95 16.82 -3.71
CA LEU C 128 -21.28 16.22 -3.87
C LEU C 128 -21.17 14.70 -4.01
N PHE C 129 -22.01 13.96 -3.27
CA PHE C 129 -22.06 12.50 -3.25
C PHE C 129 -23.49 12.02 -3.59
N PHE C 130 -23.61 10.85 -4.25
CA PHE C 130 -24.94 10.30 -4.52
C PHE C 130 -24.92 8.79 -4.72
N ILE C 131 -26.12 8.17 -4.58
CA ILE C 131 -26.36 6.75 -4.84
C ILE C 131 -27.67 6.61 -5.62
N HIS C 132 -27.64 5.84 -6.72
CA HIS C 132 -28.79 5.63 -7.60
C HIS C 132 -29.29 4.18 -7.49
N VAL C 133 -30.60 4.00 -7.30
CA VAL C 133 -31.23 2.67 -7.31
C VAL C 133 -32.27 2.62 -8.41
N ASP C 134 -32.16 1.61 -9.30
CA ASP C 134 -32.97 1.53 -10.52
C ASP C 134 -33.87 0.30 -10.54
N SER C 135 -35.13 0.51 -10.95
CA SER C 135 -36.06 -0.58 -11.17
C SER C 135 -35.76 -1.28 -12.50
N ILE C 136 -35.90 -2.60 -12.51
CA ILE C 136 -35.61 -3.34 -13.74
C ILE C 136 -36.81 -3.38 -14.66
N PHE C 137 -38.01 -3.53 -14.13
CA PHE C 137 -39.23 -3.61 -14.91
C PHE C 137 -39.76 -2.22 -15.24
N PRO C 138 -40.57 -2.06 -16.27
CA PRO C 138 -41.00 -0.72 -16.67
C PRO C 138 -42.21 -0.27 -15.86
N GLN C 139 -42.45 1.05 -15.91
CA GLN C 139 -43.23 1.74 -14.89
C GLN C 139 -44.72 1.39 -14.92
N HIS C 140 -45.18 0.63 -15.92
CA HIS C 140 -46.58 0.22 -15.92
C HIS C 140 -46.79 -1.11 -15.20
N LEU C 141 -45.72 -1.83 -14.88
CA LEU C 141 -45.79 -2.96 -13.97
C LEU C 141 -45.64 -2.51 -12.51
N PHE C 142 -44.59 -1.75 -12.20
CA PHE C 142 -44.20 -1.36 -10.85
C PHE C 142 -43.76 0.10 -10.83
N ARG C 143 -44.19 0.85 -9.81
CA ARG C 143 -43.85 2.25 -9.63
C ARG C 143 -43.29 2.48 -8.23
N PHE C 144 -42.11 3.10 -8.16
CA PHE C 144 -41.51 3.47 -6.88
C PHE C 144 -42.31 4.57 -6.18
N GLN C 145 -42.49 4.44 -4.87
CA GLN C 145 -42.99 5.54 -4.04
C GLN C 145 -42.05 5.74 -2.86
N GLU C 146 -41.93 6.99 -2.40
CA GLU C 146 -40.95 7.33 -1.38
C GLU C 146 -41.46 6.98 0.01
N MET C 147 -40.72 6.11 0.71
CA MET C 147 -41.06 5.69 2.07
C MET C 147 -40.69 6.82 3.03
N GLN C 148 -41.69 7.47 3.61
CA GLN C 148 -41.44 8.67 4.39
C GLN C 148 -41.01 8.33 5.81
N GLY C 149 -40.02 9.07 6.30
CA GLY C 149 -39.51 8.95 7.66
C GLY C 149 -38.25 8.14 7.81
N PHE C 150 -37.91 7.31 6.82
CA PHE C 150 -36.81 6.35 6.97
C PHE C 150 -35.48 6.85 6.47
N SER C 151 -35.44 7.51 5.31
CA SER C 151 -34.20 7.67 4.55
C SER C 151 -33.32 8.79 5.10
N GLY C 152 -32.01 8.62 4.93
CA GLY C 152 -31.04 9.61 5.33
C GLY C 152 -29.71 9.09 5.85
N LEU C 153 -29.12 9.85 6.77
CA LEU C 153 -27.81 9.58 7.36
C LEU C 153 -27.97 9.53 8.87
N GLY C 154 -27.22 8.65 9.55
CA GLY C 154 -27.24 8.63 11.01
C GLY C 154 -26.21 9.58 11.60
N ASP C 155 -26.21 9.67 12.92
CA ASP C 155 -25.32 10.58 13.64
C ASP C 155 -23.95 9.96 13.89
N GLN C 156 -22.93 10.81 13.85
CA GLN C 156 -21.55 10.41 14.14
C GLN C 156 -21.22 10.61 15.63
N LEU C 157 -20.17 9.91 16.07
CA LEU C 157 -20.01 9.64 17.49
C LEU C 157 -18.66 10.05 18.10
N GLY C 158 -17.70 10.44 17.27
CA GLY C 158 -16.40 10.85 17.78
C GLY C 158 -15.93 12.11 17.08
N GLU C 159 -14.88 11.99 16.29
CA GLU C 159 -14.37 13.13 15.52
C GLU C 159 -13.99 12.67 14.12
N GLU C 160 -14.51 13.35 13.10
CA GLU C 160 -14.25 12.93 11.71
C GLU C 160 -13.50 13.94 10.86
N GLU C 161 -13.12 13.54 9.65
CA GLU C 161 -12.42 14.43 8.72
C GLU C 161 -13.40 15.30 7.93
N TRP C 162 -14.54 14.75 7.53
CA TRP C 162 -15.50 15.46 6.69
C TRP C 162 -16.80 15.73 7.45
N ILE C 163 -17.39 16.91 7.25
CA ILE C 163 -18.59 17.33 7.96
C ILE C 163 -19.71 17.40 6.93
N VAL C 164 -20.82 16.70 7.17
CA VAL C 164 -21.93 16.71 6.24
C VAL C 164 -22.80 17.94 6.44
N THR C 165 -23.10 18.65 5.34
CA THR C 165 -23.83 19.92 5.36
C THR C 165 -25.27 19.86 4.88
N GLU C 166 -25.65 18.87 4.06
CA GLU C 166 -26.97 18.83 3.43
C GLU C 166 -27.25 17.40 2.96
N VAL C 167 -28.52 16.96 3.11
CA VAL C 167 -28.96 15.63 2.67
C VAL C 167 -30.33 15.75 1.98
N ASN C 168 -30.53 15.01 0.88
CA ASN C 168 -31.73 15.03 0.03
C ASN C 168 -32.03 13.69 -0.65
N THR C 169 -33.32 13.44 -0.92
CA THR C 169 -33.80 12.31 -1.73
C THR C 169 -34.90 12.74 -2.71
N HIS C 170 -34.93 12.11 -3.90
CA HIS C 170 -35.99 12.39 -4.87
C HIS C 170 -36.13 11.25 -5.88
N LEU C 171 -37.20 11.32 -6.69
CA LEU C 171 -37.56 10.24 -7.60
C LEU C 171 -37.45 10.70 -9.05
N THR C 172 -36.90 9.87 -9.93
CA THR C 172 -36.76 10.18 -11.36
C THR C 172 -37.09 8.93 -12.19
N THR C 173 -36.70 8.93 -13.47
CA THR C 173 -36.86 7.77 -14.34
C THR C 173 -35.61 7.50 -15.17
N HIS C 174 -35.53 6.27 -15.71
CA HIS C 174 -34.45 5.85 -16.61
C HIS C 174 -35.04 4.94 -17.68
N ASN C 175 -34.26 4.67 -18.73
CA ASN C 175 -34.76 3.95 -19.90
C ASN C 175 -33.70 3.01 -20.47
N GLU C 176 -34.13 1.80 -20.84
CA GLU C 176 -33.27 0.82 -21.51
C GLU C 176 -34.03 0.13 -22.64
N PHE C 177 -33.28 -0.26 -23.68
CA PHE C 177 -33.86 -0.96 -24.85
C PHE C 177 -34.89 -0.11 -25.57
N THR C 178 -34.78 1.22 -25.47
CA THR C 178 -35.71 2.15 -26.12
C THR C 178 -37.16 1.71 -26.04
N LYS C 179 -37.61 1.38 -24.82
CA LYS C 179 -38.97 0.89 -24.65
C LYS C 179 -39.66 1.69 -23.56
N GLY C 180 -39.96 1.04 -22.44
CA GLY C 180 -40.67 1.72 -21.38
C GLY C 180 -39.81 2.38 -20.33
N ASP C 181 -40.22 3.56 -19.88
CA ASP C 181 -39.51 4.25 -18.81
C ASP C 181 -39.64 3.45 -17.50
N ALA C 182 -38.63 3.54 -16.64
CA ALA C 182 -38.63 2.83 -15.36
C ALA C 182 -38.16 3.76 -14.25
N SER C 183 -38.57 3.45 -13.01
CA SER C 183 -38.33 4.34 -11.88
C SER C 183 -36.86 4.32 -11.43
N ARG C 184 -36.42 5.47 -10.91
CA ARG C 184 -35.09 5.65 -10.31
C ARG C 184 -35.23 6.39 -8.98
N PHE C 185 -34.55 5.90 -7.94
CA PHE C 185 -34.52 6.52 -6.61
C PHE C 185 -33.14 7.08 -6.33
N VAL C 186 -33.07 8.32 -5.83
CA VAL C 186 -31.81 9.03 -5.63
C VAL C 186 -31.68 9.49 -4.19
N LEU C 187 -30.51 9.23 -3.59
CA LEU C 187 -30.09 9.85 -2.33
C LEU C 187 -28.79 10.61 -2.60
N GLU C 188 -28.73 11.88 -2.16
CA GLU C 188 -27.58 12.76 -2.41
C GLU C 188 -27.24 13.57 -1.16
N PHE C 189 -25.94 13.89 -0.98
CA PHE C 189 -25.49 14.71 0.16
C PHE C 189 -24.21 15.48 -0.18
N HIS C 190 -23.92 16.51 0.65
CA HIS C 190 -22.81 17.47 0.49
C HIS C 190 -21.96 17.54 1.76
N ALA C 191 -20.64 17.73 1.63
CA ALA C 191 -19.74 17.73 2.80
C ALA C 191 -18.53 18.65 2.61
N GLU C 192 -17.91 19.04 3.75
CA GLU C 192 -16.83 20.03 3.81
C GLU C 192 -15.73 19.63 4.81
N ARG C 193 -14.59 20.35 4.78
CA ARG C 193 -13.46 20.11 5.69
C ARG C 193 -13.47 21.04 6.92
N HIS C 194 -12.60 20.71 7.89
CA HIS C 194 -12.26 21.60 9.01
C HIS C 194 -11.20 22.60 8.55
N LEU C 195 -11.60 23.86 8.31
CA LEU C 195 -10.62 24.85 7.86
C LEU C 195 -9.68 25.26 8.99
N ASN C 196 -10.16 25.20 10.22
CA ASN C 196 -9.38 25.39 11.44
C ASN C 196 -8.03 24.66 11.38
N TYR C 197 -8.04 23.43 10.87
CA TYR C 197 -6.83 22.60 10.84
C TYR C 197 -5.81 23.15 9.87
N TYR C 198 -6.26 23.70 8.74
CA TYR C 198 -5.33 24.19 7.74
C TYR C 198 -4.79 25.56 8.10
N LEU C 199 -5.58 26.36 8.82
CA LEU C 199 -5.08 27.61 9.37
C LEU C 199 -3.88 27.35 10.27
N MET C 200 -4.01 26.38 11.17
CA MET C 200 -2.95 26.10 12.16
C MET C 200 -1.74 25.44 11.51
N ARG C 201 -1.97 24.51 10.60
CA ARG C 201 -0.85 23.75 10.02
C ARG C 201 -0.08 24.42 8.90
N ILE C 202 -0.72 25.31 8.15
CA ILE C 202 -0.05 25.85 6.97
C ILE C 202 0.08 27.38 7.05
N LEU C 203 -1.03 28.08 7.19
CA LEU C 203 -0.99 29.55 7.14
C LEU C 203 -0.12 30.24 8.17
N ILE C 204 -0.31 29.95 9.44
CA ILE C 204 0.46 30.65 10.49
C ILE C 204 2.00 30.51 10.30
N PRO C 205 2.53 29.27 10.11
CA PRO C 205 3.98 29.20 9.90
C PRO C 205 4.49 29.86 8.62
N VAL C 206 3.72 29.81 7.52
CA VAL C 206 4.16 30.50 6.30
C VAL C 206 4.19 32.02 6.52
N LEU C 207 3.24 32.55 7.29
CA LEU C 207 3.24 33.98 7.54
C LEU C 207 4.46 34.41 8.33
N LEU C 208 4.94 33.57 9.25
CA LEU C 208 6.17 33.89 9.97
C LEU C 208 7.39 33.86 9.06
N ILE C 209 7.43 32.90 8.13
CA ILE C 209 8.57 32.82 7.20
C ILE C 209 8.64 34.06 6.32
N ILE C 210 7.46 34.53 5.90
CA ILE C 210 7.35 35.75 5.11
C ILE C 210 7.82 36.95 5.91
N THR C 211 7.59 36.94 7.23
CA THR C 211 7.99 38.07 8.06
C THR C 211 9.51 38.14 8.23
N VAL C 212 10.16 36.98 8.32
CA VAL C 212 11.61 36.94 8.47
C VAL C 212 12.27 37.53 7.23
N SER C 213 11.73 37.22 6.05
CA SER C 213 12.27 37.77 4.81
C SER C 213 12.13 39.29 4.75
N TRP C 214 11.03 39.85 5.28
CA TRP C 214 10.89 41.31 5.29
C TRP C 214 11.90 41.97 6.22
N PHE C 215 12.21 41.34 7.36
CA PHE C 215 13.06 41.95 8.38
C PHE C 215 14.49 42.14 7.89
N THR C 216 14.87 41.47 6.81
CA THR C 216 16.22 41.61 6.25
C THR C 216 16.52 43.04 5.81
N PHE C 217 15.51 43.80 5.38
CA PHE C 217 15.70 45.17 4.92
C PHE C 217 15.98 46.14 6.07
N PHE C 218 15.97 45.66 7.33
CA PHE C 218 16.19 46.53 8.49
C PHE C 218 17.67 46.66 8.83
N LEU C 219 18.54 45.85 8.22
CA LEU C 219 19.98 45.79 8.51
C LEU C 219 20.78 46.60 7.50
N GLN C 220 22.04 46.90 7.87
CA GLN C 220 22.86 47.81 7.08
C GLN C 220 23.81 47.13 6.10
N ASP C 221 24.47 46.03 6.47
CA ASP C 221 25.49 45.41 5.61
C ASP C 221 24.84 44.49 4.59
N TYR C 222 24.95 44.83 3.30
CA TYR C 222 24.35 43.99 2.26
C TYR C 222 24.99 42.61 2.24
N THR C 223 26.25 42.50 2.66
CA THR C 223 26.93 41.20 2.68
C THR C 223 26.21 40.21 3.58
N LYS C 224 25.86 40.64 4.79
CA LYS C 224 25.13 39.76 5.72
C LYS C 224 23.73 39.48 5.21
N ARG C 225 23.09 40.46 4.58
CA ARG C 225 21.74 40.28 4.04
C ARG C 225 21.68 39.12 3.05
N ILE C 226 22.68 39.01 2.18
CA ILE C 226 22.66 37.95 1.17
C ILE C 226 22.67 36.58 1.83
N ASP C 227 23.46 36.44 2.89
CA ASP C 227 23.53 35.20 3.65
C ASP C 227 22.17 34.85 4.27
N LEU C 228 21.53 35.85 4.87
CA LEU C 228 20.29 35.63 5.61
C LEU C 228 19.13 35.34 4.66
N ALA C 229 19.06 36.06 3.54
CA ALA C 229 18.02 35.83 2.54
C ALA C 229 18.16 34.46 1.90
N GLY C 230 19.40 34.05 1.60
CA GLY C 230 19.61 32.70 1.09
C GLY C 230 19.15 31.63 2.04
N GLY C 231 19.43 31.80 3.33
CA GLY C 231 19.07 30.75 4.27
C GLY C 231 17.57 30.65 4.49
N ASN C 232 16.85 31.77 4.36
CA ASN C 232 15.40 31.77 4.50
C ASN C 232 14.71 31.09 3.32
N LEU C 233 15.37 31.03 2.15
CA LEU C 233 14.80 30.29 1.01
C LEU C 233 14.91 28.80 1.23
N LEU C 234 16.05 28.36 1.79
CA LEU C 234 16.19 26.94 2.12
C LEU C 234 15.21 26.54 3.22
N LEU C 235 14.90 27.46 4.15
CA LEU C 235 13.93 27.15 5.20
C LEU C 235 12.54 26.94 4.62
N PHE C 236 12.17 27.72 3.61
CA PHE C 236 10.86 27.56 2.98
C PHE C 236 10.76 26.20 2.28
N ILE C 237 11.85 25.78 1.61
CA ILE C 237 11.83 24.50 0.90
C ILE C 237 11.71 23.34 1.89
N ALA C 238 12.47 23.40 2.98
CA ALA C 238 12.41 22.38 4.04
C ALA C 238 11.01 22.25 4.63
N PHE C 239 10.34 23.38 4.86
CA PHE C 239 9.00 23.37 5.43
C PHE C 239 8.03 22.72 4.44
N ASN C 240 8.23 22.98 3.15
CA ASN C 240 7.32 22.48 2.12
C ASN C 240 7.22 20.96 2.13
N PHE C 241 8.36 20.26 2.24
CA PHE C 241 8.29 18.79 2.30
C PHE C 241 7.74 18.31 3.64
N THR C 242 7.84 19.12 4.70
CA THR C 242 7.26 18.72 5.98
C THR C 242 5.72 18.66 5.93
N ILE C 243 5.09 19.39 5.01
CA ILE C 243 3.63 19.39 4.88
C ILE C 243 3.13 18.54 3.73
N SER C 244 4.02 17.88 3.00
CA SER C 244 3.64 17.21 1.75
C SER C 244 2.54 16.17 1.95
N SER C 245 2.46 15.57 3.14
CA SER C 245 1.47 14.53 3.37
C SER C 245 0.05 15.08 3.52
N ASP C 246 -0.11 16.38 3.72
CA ASP C 246 -1.42 17.00 3.82
C ASP C 246 -1.95 17.45 2.47
N LEU C 247 -1.16 17.29 1.38
CA LEU C 247 -1.53 17.77 0.05
C LEU C 247 -1.92 16.60 -0.84
N PRO C 248 -3.08 16.62 -1.50
CA PRO C 248 -3.48 15.47 -2.31
C PRO C 248 -2.74 15.40 -3.64
N ARG C 249 -2.55 14.17 -4.13
CA ARG C 249 -1.74 13.88 -5.32
C ARG C 249 -2.64 13.87 -6.54
N LEU C 250 -2.75 15.04 -7.18
CA LEU C 250 -3.67 15.33 -8.26
C LEU C 250 -2.86 15.84 -9.45
N GLY C 251 -3.33 15.57 -10.67
CA GLY C 251 -2.52 16.00 -11.80
C GLY C 251 -2.91 17.35 -12.36
N TYR C 252 -3.51 18.19 -11.53
CA TYR C 252 -3.97 19.51 -11.97
C TYR C 252 -3.85 20.54 -10.84
N ILE C 253 -3.98 21.82 -11.22
CA ILE C 253 -3.63 22.94 -10.35
C ILE C 253 -4.74 23.24 -9.34
N THR C 254 -4.36 23.45 -8.08
CA THR C 254 -5.26 23.87 -7.01
C THR C 254 -4.92 25.28 -6.53
N LEU C 255 -5.85 25.87 -5.77
CA LEU C 255 -5.60 27.16 -5.14
C LEU C 255 -4.41 27.11 -4.19
N MET C 256 -4.26 25.98 -3.48
CA MET C 256 -3.15 25.83 -2.55
C MET C 256 -1.81 25.78 -3.29
N ASP C 257 -1.79 25.16 -4.46
CA ASP C 257 -0.58 25.09 -5.27
C ASP C 257 -0.12 26.48 -5.70
N ALA C 258 -1.06 27.30 -6.17
CA ALA C 258 -0.78 28.65 -6.65
C ALA C 258 -0.21 29.52 -5.54
N PHE C 259 -0.74 29.36 -4.33
CA PHE C 259 -0.33 30.13 -3.16
C PHE C 259 1.15 29.82 -2.81
N LEU C 260 1.52 28.55 -2.85
CA LEU C 260 2.87 28.20 -2.44
C LEU C 260 3.91 28.60 -3.51
N VAL C 261 3.57 28.47 -4.79
CA VAL C 261 4.52 28.85 -5.84
C VAL C 261 4.75 30.35 -5.84
N GLY C 262 3.70 31.13 -5.57
CA GLY C 262 3.85 32.57 -5.53
C GLY C 262 4.75 33.03 -4.40
N THR C 263 4.64 32.37 -3.25
CA THR C 263 5.54 32.64 -2.13
C THR C 263 7.00 32.32 -2.49
N PHE C 264 7.22 31.28 -3.30
CA PHE C 264 8.59 30.92 -3.67
C PHE C 264 9.19 32.01 -4.55
N ILE C 265 8.39 32.54 -5.46
CA ILE C 265 8.85 33.53 -6.41
C ILE C 265 9.31 34.80 -5.70
N ILE C 266 8.52 35.25 -4.72
CA ILE C 266 8.83 36.53 -4.08
C ILE C 266 10.05 36.39 -3.17
N THR C 267 10.16 35.27 -2.47
CA THR C 267 11.32 35.08 -1.60
C THR C 267 12.61 34.91 -2.39
N ALA C 268 12.54 34.30 -3.57
CA ALA C 268 13.74 34.20 -4.40
C ALA C 268 14.18 35.56 -4.93
N LEU C 269 13.22 36.47 -5.15
CA LEU C 269 13.55 37.77 -5.74
C LEU C 269 14.32 38.62 -4.74
N VAL C 270 14.11 38.40 -3.44
CA VAL C 270 14.85 39.14 -2.42
C VAL C 270 16.34 38.83 -2.46
N VAL C 271 16.72 37.59 -2.80
CA VAL C 271 18.12 37.21 -2.91
C VAL C 271 18.77 37.97 -4.06
N LEU C 272 18.05 38.05 -5.17
CA LEU C 272 18.61 38.66 -6.37
C LEU C 272 18.77 40.17 -6.20
N GLY C 273 17.86 40.79 -5.46
CA GLY C 273 17.92 42.23 -5.25
C GLY C 273 19.11 42.65 -4.40
N ASN C 274 19.38 41.88 -3.34
CA ASN C 274 20.48 42.21 -2.43
C ASN C 274 21.84 42.01 -3.09
N VAL C 275 21.95 41.07 -4.03
CA VAL C 275 23.19 40.97 -4.80
C VAL C 275 23.40 42.22 -5.64
N TRP C 276 22.33 42.75 -6.23
CA TRP C 276 22.50 43.95 -7.05
C TRP C 276 22.83 45.18 -6.22
N LEU C 277 22.30 45.30 -5.00
CA LEU C 277 22.65 46.42 -4.13
C LEU C 277 24.13 46.37 -3.73
N ARG C 278 24.66 45.17 -3.51
CA ARG C 278 26.09 45.01 -3.23
C ARG C 278 26.94 45.42 -4.43
N ARG C 279 26.45 45.17 -5.66
CA ARG C 279 27.20 45.55 -6.84
C ARG C 279 27.28 47.07 -6.96
N LEU C 280 26.16 47.75 -6.68
CA LEU C 280 26.15 49.21 -6.70
C LEU C 280 27.11 49.80 -5.67
N GLU C 281 27.17 49.20 -4.48
CA GLU C 281 28.12 49.64 -3.46
C GLU C 281 29.56 49.47 -3.94
N ASN C 282 29.86 48.36 -4.61
CA ASN C 282 31.24 48.12 -5.06
C ASN C 282 31.66 49.11 -6.15
N HIS C 283 30.71 49.57 -6.97
CA HIS C 283 30.96 50.58 -8.01
C HIS C 283 30.90 52.00 -7.48
N GLY C 284 30.74 52.16 -6.15
CA GLY C 284 30.72 53.46 -5.50
C GLY C 284 29.46 54.27 -5.60
N LYS C 285 28.30 53.60 -5.74
CA LYS C 285 27.02 54.29 -5.83
C LYS C 285 26.17 53.97 -4.61
N GLN C 286 26.71 54.27 -3.42
CA GLN C 286 26.03 53.97 -2.16
C GLN C 286 24.71 54.71 -2.01
N ALA C 287 24.70 56.02 -2.33
CA ALA C 287 23.50 56.83 -2.12
C ALA C 287 22.33 56.35 -2.97
N LEU C 288 22.60 55.92 -4.20
CA LEU C 288 21.54 55.39 -5.05
C LEU C 288 21.01 54.06 -4.50
N ALA C 289 21.91 53.20 -4.03
CA ALA C 289 21.51 51.93 -3.45
C ALA C 289 20.69 52.13 -2.20
N ARG C 290 21.07 53.12 -1.38
CA ARG C 290 20.34 53.47 -0.17
C ARG C 290 18.94 53.98 -0.50
N LYS C 291 18.78 54.65 -1.65
CA LYS C 291 17.45 55.11 -2.06
C LYS C 291 16.56 53.96 -2.51
N LEU C 292 17.12 53.04 -3.31
CA LEU C 292 16.34 51.89 -3.77
C LEU C 292 15.89 51.02 -2.60
N ASP C 293 16.69 50.95 -1.54
CA ASP C 293 16.35 50.18 -0.35
C ASP C 293 15.05 50.69 0.28
N ILE C 294 14.86 52.01 0.27
CA ILE C 294 13.68 52.62 0.88
C ILE C 294 12.43 52.26 0.09
N TYR C 295 12.53 52.14 -1.22
CA TYR C 295 11.39 51.71 -2.03
C TYR C 295 11.08 50.22 -1.82
N ALA C 296 12.11 49.40 -1.58
CA ALA C 296 11.89 47.97 -1.37
C ALA C 296 11.08 47.70 -0.11
N ILE C 297 11.35 48.47 0.96
CA ILE C 297 10.71 48.21 2.24
C ILE C 297 9.19 48.34 2.13
N THR C 298 8.71 49.38 1.46
CA THR C 298 7.26 49.61 1.38
C THR C 298 6.59 48.74 0.31
N SER C 299 7.26 48.43 -0.79
CA SER C 299 6.60 47.68 -1.85
C SER C 299 6.49 46.19 -1.55
N TYR C 300 7.31 45.64 -0.65
CA TYR C 300 7.22 44.21 -0.33
C TYR C 300 5.85 43.79 0.18
N PRO C 301 5.27 44.44 1.21
CA PRO C 301 3.91 44.05 1.66
C PRO C 301 2.84 44.30 0.62
N LEU C 302 3.02 45.30 -0.24
CA LEU C 302 2.02 45.60 -1.26
C LEU C 302 1.95 44.49 -2.30
N ALA C 303 3.08 43.85 -2.59
CA ALA C 303 3.13 42.73 -3.51
C ALA C 303 2.32 41.56 -3.01
N TYR C 304 2.36 41.29 -1.70
CA TYR C 304 1.57 40.17 -1.18
C TYR C 304 0.09 40.49 -1.18
N LEU C 305 -0.26 41.74 -0.87
CA LEU C 305 -1.66 42.13 -0.84
C LEU C 305 -2.31 42.06 -2.22
N LEU C 306 -1.57 42.48 -3.25
CA LEU C 306 -2.07 42.45 -4.62
C LEU C 306 -2.07 41.04 -5.20
N GLY C 307 -1.18 40.17 -4.71
CA GLY C 307 -1.24 38.77 -5.09
C GLY C 307 -2.46 38.08 -4.52
N ALA C 308 -2.81 38.36 -3.26
CA ALA C 308 -4.02 37.81 -2.65
C ALA C 308 -5.26 38.17 -3.46
N LEU C 309 -5.34 39.43 -3.87
CA LEU C 309 -6.47 39.94 -4.63
C LEU C 309 -6.57 39.23 -5.97
N THR C 310 -5.42 38.99 -6.60
CA THR C 310 -5.36 38.31 -7.88
C THR C 310 -5.85 36.86 -7.77
N LEU C 311 -5.41 36.15 -6.73
CA LEU C 311 -5.84 34.77 -6.53
C LEU C 311 -7.34 34.69 -6.32
N TRP C 312 -7.90 35.61 -5.55
CA TRP C 312 -9.35 35.64 -5.33
C TRP C 312 -10.11 35.81 -6.63
N LEU C 313 -9.62 36.69 -7.52
CA LEU C 313 -10.32 36.92 -8.78
C LEU C 313 -10.23 35.70 -9.69
N LEU C 314 -9.08 35.04 -9.74
CA LEU C 314 -8.90 33.94 -10.68
C LEU C 314 -9.62 32.68 -10.24
N PHE C 315 -9.74 32.43 -8.94
CA PHE C 315 -10.32 31.19 -8.46
C PHE C 315 -11.77 31.31 -8.01
N PHE C 316 -12.17 32.43 -7.39
CA PHE C 316 -13.53 32.56 -6.91
C PHE C 316 -14.42 33.42 -7.80
N TRP C 317 -13.86 34.07 -8.82
CA TRP C 317 -14.66 34.72 -9.86
C TRP C 317 -14.01 34.51 -11.23
N PRO D 8 -24.35 -17.73 -42.84
CA PRO D 8 -23.93 -17.18 -41.54
C PRO D 8 -24.93 -16.20 -40.95
N SER D 9 -24.90 -16.04 -39.63
CA SER D 9 -25.84 -15.19 -38.91
C SER D 9 -25.15 -13.92 -38.41
N ASP D 10 -25.78 -12.77 -38.64
CA ASP D 10 -25.22 -11.47 -38.28
C ASP D 10 -25.49 -11.15 -36.81
N VAL D 11 -24.45 -10.73 -36.10
CA VAL D 11 -24.53 -10.32 -34.69
C VAL D 11 -24.05 -8.88 -34.58
N PHE D 12 -24.92 -7.99 -34.09
CA PHE D 12 -24.61 -6.57 -33.96
C PHE D 12 -24.10 -6.27 -32.55
N ILE D 13 -22.93 -5.61 -32.45
CA ILE D 13 -22.27 -5.47 -31.16
C ILE D 13 -21.74 -4.05 -30.97
N GLY D 14 -21.75 -3.57 -29.72
CA GLY D 14 -21.18 -2.28 -29.37
C GLY D 14 -20.79 -2.21 -27.92
N LEU D 15 -19.86 -1.28 -27.62
CA LEU D 15 -19.29 -1.14 -26.27
C LEU D 15 -19.19 0.33 -25.88
N LYS D 16 -19.63 0.69 -24.67
CA LYS D 16 -19.53 2.07 -24.18
C LYS D 16 -18.92 2.13 -22.79
N ILE D 17 -17.96 3.03 -22.59
CA ILE D 17 -17.26 3.20 -21.32
C ILE D 17 -17.78 4.45 -20.61
N ASP D 18 -18.22 4.28 -19.35
CA ASP D 18 -18.71 5.40 -18.54
C ASP D 18 -17.57 6.21 -17.94
N GLN D 19 -16.59 5.52 -17.35
CA GLN D 19 -15.59 6.17 -16.52
C GLN D 19 -14.32 5.34 -16.49
N ILE D 20 -13.19 6.02 -16.61
CA ILE D 20 -11.87 5.43 -16.45
C ILE D 20 -11.49 5.45 -14.96
N THR D 21 -11.51 4.29 -14.30
CA THR D 21 -11.44 4.32 -12.84
C THR D 21 -10.01 4.30 -12.29
N GLY D 22 -9.01 4.04 -13.13
CA GLY D 22 -7.62 4.16 -12.70
C GLY D 22 -6.67 3.83 -13.82
N ILE D 23 -5.44 4.31 -13.68
CA ILE D 23 -4.34 4.08 -14.63
C ILE D 23 -3.06 3.83 -13.85
N ASN D 24 -2.33 2.76 -14.20
CA ASN D 24 -1.13 2.33 -13.49
C ASN D 24 0.07 2.37 -14.41
N GLN D 25 1.00 3.28 -14.15
CA GLN D 25 2.11 3.51 -15.08
C GLN D 25 3.24 2.50 -14.89
N LYS D 26 3.42 1.96 -13.69
CA LYS D 26 4.48 1.00 -13.42
C LYS D 26 4.10 -0.42 -13.85
N GLU D 27 2.84 -0.82 -13.61
CA GLU D 27 2.37 -2.14 -14.01
C GLU D 27 1.89 -2.20 -15.46
N GLU D 28 1.61 -1.04 -16.07
CA GLU D 28 1.10 -0.93 -17.43
C GLU D 28 -0.26 -1.62 -17.58
N ASN D 29 -1.27 -1.08 -16.88
CA ASN D 29 -2.66 -1.49 -17.02
C ASN D 29 -3.59 -0.33 -16.66
N PHE D 30 -4.87 -0.48 -17.00
CA PHE D 30 -5.90 0.53 -16.70
C PHE D 30 -7.21 -0.16 -16.33
N SER D 31 -8.12 0.60 -15.69
CA SER D 31 -9.40 0.09 -15.16
C SER D 31 -10.57 0.98 -15.59
N VAL D 32 -11.75 0.37 -15.76
CA VAL D 32 -12.91 1.07 -16.31
C VAL D 32 -14.22 0.53 -15.73
N VAL D 33 -15.31 1.28 -15.98
CA VAL D 33 -16.67 0.79 -15.79
C VAL D 33 -17.41 1.03 -17.11
N GLY D 34 -18.12 0.02 -17.59
CA GLY D 34 -18.74 0.13 -18.90
C GLY D 34 -19.87 -0.85 -19.14
N SER D 35 -20.39 -0.84 -20.37
CA SER D 35 -21.57 -1.61 -20.75
C SER D 35 -21.39 -2.20 -22.14
N LEU D 36 -21.68 -3.50 -22.27
CA LEU D 36 -21.57 -4.26 -23.51
C LEU D 36 -22.97 -4.58 -24.02
N ARG D 37 -23.25 -4.31 -25.29
CA ARG D 37 -24.59 -4.54 -25.85
C ARG D 37 -24.59 -5.35 -27.14
N ILE D 38 -25.51 -6.29 -27.27
CA ILE D 38 -25.62 -7.13 -28.46
C ILE D 38 -27.08 -7.26 -28.87
N ASP D 39 -27.35 -7.09 -30.17
CA ASP D 39 -28.64 -7.41 -30.80
C ASP D 39 -28.46 -8.57 -31.79
N TRP D 40 -29.44 -9.49 -31.82
CA TRP D 40 -29.41 -10.70 -32.63
C TRP D 40 -30.86 -11.14 -32.86
N ARG D 41 -31.09 -11.77 -34.02
CA ARG D 41 -32.41 -12.29 -34.31
C ARG D 41 -32.34 -13.79 -34.56
N GLN D 42 -33.28 -14.52 -34.01
CA GLN D 42 -33.37 -15.96 -34.13
C GLN D 42 -34.85 -16.32 -34.24
N PRO D 43 -35.35 -16.55 -35.45
CA PRO D 43 -36.79 -16.79 -35.65
C PRO D 43 -37.34 -17.94 -34.85
N LEU D 44 -36.51 -18.89 -34.44
CA LEU D 44 -36.96 -20.05 -33.71
C LEU D 44 -37.46 -19.70 -32.32
N LEU D 45 -37.21 -18.47 -31.87
CA LEU D 45 -37.60 -17.95 -30.57
C LEU D 45 -38.87 -17.11 -30.61
N ALA D 46 -39.49 -16.95 -31.78
CA ALA D 46 -40.72 -16.18 -31.90
C ALA D 46 -41.88 -16.82 -31.16
N PHE D 47 -42.79 -15.98 -30.63
CA PHE D 47 -43.85 -16.47 -29.75
C PHE D 47 -45.06 -15.55 -29.84
N GLU D 48 -46.17 -16.04 -29.29
CA GLU D 48 -47.40 -15.27 -29.13
C GLU D 48 -47.71 -15.14 -27.64
N HIS D 49 -47.96 -13.91 -27.19
CA HIS D 49 -48.08 -13.65 -25.75
C HIS D 49 -49.42 -14.13 -25.20
N ALA D 50 -49.39 -14.58 -23.95
CA ALA D 50 -50.59 -15.15 -23.35
C ALA D 50 -51.59 -14.06 -22.98
N PRO D 51 -52.86 -14.43 -22.76
CA PRO D 51 -53.89 -13.45 -22.37
C PRO D 51 -53.50 -12.60 -21.17
N GLY D 52 -53.30 -11.30 -21.43
CA GLY D 52 -52.89 -10.36 -20.41
C GLY D 52 -51.40 -10.24 -20.21
N GLU D 53 -50.59 -11.06 -20.89
CA GLU D 53 -49.14 -10.99 -20.78
C GLU D 53 -48.60 -9.79 -21.57
N PRO D 54 -47.54 -9.15 -21.08
CA PRO D 54 -46.86 -8.10 -21.85
C PRO D 54 -46.26 -8.64 -23.15
N LYS D 55 -45.92 -7.71 -24.04
CA LYS D 55 -45.47 -8.02 -25.38
C LYS D 55 -43.98 -8.38 -25.45
N HIS D 56 -43.25 -8.31 -24.34
CA HIS D 56 -41.82 -8.60 -24.32
C HIS D 56 -41.49 -9.41 -23.07
N ARG D 57 -40.71 -10.47 -23.24
CA ARG D 57 -40.30 -11.36 -22.17
C ARG D 57 -38.90 -11.01 -21.69
N THR D 58 -38.63 -11.22 -20.41
CA THR D 58 -37.34 -10.81 -19.85
C THR D 58 -36.73 -11.89 -18.97
N TYR D 59 -35.46 -12.20 -19.20
CA TYR D 59 -34.78 -13.23 -18.42
C TYR D 59 -33.39 -12.81 -17.99
N THR D 60 -32.81 -13.54 -17.04
CA THR D 60 -31.42 -13.30 -16.67
C THR D 60 -30.60 -14.17 -17.61
N LEU D 61 -29.29 -13.99 -17.66
CA LEU D 61 -28.54 -14.80 -18.62
C LEU D 61 -28.62 -16.28 -18.25
N ALA D 62 -28.59 -16.56 -16.94
CA ALA D 62 -28.65 -17.94 -16.45
C ALA D 62 -29.95 -18.61 -16.83
N THR D 63 -31.05 -17.86 -16.80
CA THR D 63 -32.39 -18.33 -17.09
C THR D 63 -32.56 -18.58 -18.58
N PHE D 64 -32.00 -17.67 -19.38
CA PHE D 64 -32.20 -17.67 -20.82
C PHE D 64 -31.42 -18.80 -21.46
N LEU D 65 -30.21 -19.07 -20.96
CA LEU D 65 -29.41 -20.15 -21.52
C LEU D 65 -30.08 -21.50 -21.34
N LYS D 66 -30.82 -21.69 -20.23
CA LYS D 66 -31.61 -22.90 -20.06
C LYS D 66 -32.68 -23.02 -21.13
N LEU D 67 -33.38 -21.93 -21.42
CA LEU D 67 -34.38 -21.93 -22.48
C LEU D 67 -33.76 -22.34 -23.81
N LEU D 68 -32.59 -21.79 -24.12
CA LEU D 68 -31.93 -22.13 -25.38
C LEU D 68 -31.53 -23.60 -25.42
N GLU D 69 -31.10 -24.15 -24.29
CA GLU D 69 -30.74 -25.56 -24.25
C GLU D 69 -31.96 -26.46 -24.41
N GLU D 70 -33.11 -26.06 -23.86
CA GLU D 70 -34.32 -26.84 -24.05
C GLU D 70 -34.80 -26.81 -25.50
N LYS D 71 -34.51 -25.74 -26.23
CA LYS D 71 -34.80 -25.68 -27.66
C LYS D 71 -33.61 -26.14 -28.52
N GLN D 72 -32.45 -26.43 -27.91
CA GLN D 72 -31.25 -26.90 -28.60
C GLN D 72 -30.68 -25.85 -29.56
N ILE D 73 -30.70 -24.57 -29.13
CA ILE D 73 -30.25 -23.44 -29.93
C ILE D 73 -28.87 -23.00 -29.46
N ARG D 74 -27.98 -22.74 -30.43
CA ARG D 74 -26.61 -22.25 -30.20
C ARG D 74 -26.58 -20.74 -29.95
N TRP D 75 -25.86 -20.33 -28.89
CA TRP D 75 -25.64 -18.95 -28.42
C TRP D 75 -24.30 -18.43 -28.94
N PRO D 76 -24.26 -17.22 -29.51
CA PRO D 76 -22.99 -16.61 -29.97
C PRO D 76 -22.06 -16.13 -28.85
N ALA D 77 -21.29 -17.05 -28.29
CA ALA D 77 -20.45 -16.77 -27.14
C ALA D 77 -19.18 -16.01 -27.52
N PHE D 78 -18.68 -15.19 -26.57
CA PHE D 78 -17.56 -14.27 -26.84
C PHE D 78 -16.69 -14.15 -25.59
N THR D 79 -15.50 -13.55 -25.75
CA THR D 79 -14.55 -13.43 -24.65
C THR D 79 -13.71 -12.16 -24.76
N TYR D 80 -13.25 -11.65 -23.61
CA TYR D 80 -12.46 -10.42 -23.51
C TYR D 80 -10.97 -10.74 -23.54
N HIS D 81 -10.26 -10.38 -24.61
CA HIS D 81 -8.97 -11.03 -24.83
C HIS D 81 -7.80 -10.41 -24.07
N ASN D 82 -7.85 -9.11 -23.71
CA ASN D 82 -6.79 -8.52 -22.88
C ASN D 82 -7.25 -8.20 -21.46
N GLN D 83 -8.18 -8.97 -20.92
CA GLN D 83 -8.61 -8.79 -19.54
C GLN D 83 -7.52 -9.21 -18.57
N GLN D 84 -7.44 -8.52 -17.43
CA GLN D 84 -6.48 -8.81 -16.37
C GLN D 84 -7.25 -9.11 -15.09
N GLY D 85 -7.05 -10.31 -14.54
CA GLY D 85 -7.69 -10.65 -13.28
C GLY D 85 -9.15 -11.01 -13.44
N ARG D 86 -9.91 -10.78 -12.36
CA ARG D 86 -11.31 -11.13 -12.27
C ARG D 86 -12.15 -9.94 -12.70
N MET D 87 -13.30 -10.20 -13.34
CA MET D 87 -14.22 -9.14 -13.74
C MET D 87 -15.51 -9.23 -12.92
N ASP D 88 -15.98 -8.08 -12.45
CA ASP D 88 -17.17 -7.97 -11.61
C ASP D 88 -18.35 -7.46 -12.43
N PHE D 89 -19.50 -8.10 -12.28
CA PHE D 89 -20.71 -7.74 -13.01
C PHE D 89 -21.71 -7.06 -12.09
N GLN D 90 -22.21 -5.91 -12.50
CA GLN D 90 -23.30 -5.25 -11.79
C GLN D 90 -24.69 -5.70 -12.24
N ASN D 91 -24.82 -6.16 -13.49
CA ASN D 91 -26.12 -6.54 -14.06
C ASN D 91 -25.90 -7.29 -15.36
N ARG D 92 -26.76 -8.26 -15.63
CA ARG D 92 -26.70 -9.06 -16.86
C ARG D 92 -28.12 -9.44 -17.25
N LEU D 93 -28.65 -8.82 -18.32
CA LEU D 93 -30.09 -8.76 -18.55
C LEU D 93 -30.44 -9.01 -20.02
N ILE D 94 -31.58 -9.67 -20.25
CA ILE D 94 -32.01 -10.10 -21.58
C ILE D 94 -33.46 -9.72 -21.81
N SER D 95 -33.73 -9.08 -22.96
CA SER D 95 -35.09 -8.86 -23.48
C SER D 95 -35.33 -9.68 -24.75
N LEU D 96 -36.50 -10.32 -24.83
CA LEU D 96 -36.87 -11.20 -25.93
C LEU D 96 -38.13 -10.70 -26.62
N SER D 97 -38.04 -10.48 -27.93
CA SER D 97 -39.11 -9.90 -28.72
C SER D 97 -40.06 -10.97 -29.25
N GLU D 98 -41.29 -10.53 -29.54
CA GLU D 98 -42.31 -11.39 -30.15
C GLU D 98 -41.79 -12.05 -31.42
N ASP D 99 -40.97 -11.34 -32.19
CA ASP D 99 -40.48 -11.83 -33.47
C ASP D 99 -39.20 -12.64 -33.36
N GLY D 100 -38.71 -12.91 -32.15
CA GLY D 100 -37.49 -13.67 -32.01
C GLY D 100 -36.23 -12.85 -31.88
N THR D 101 -36.34 -11.53 -31.77
CA THR D 101 -35.17 -10.68 -31.62
C THR D 101 -34.69 -10.72 -30.18
N VAL D 102 -33.39 -10.98 -29.98
CA VAL D 102 -32.78 -11.01 -28.66
C VAL D 102 -31.98 -9.73 -28.45
N MET D 103 -32.20 -9.07 -27.32
CA MET D 103 -31.41 -7.92 -26.90
C MET D 103 -30.72 -8.25 -25.59
N TYR D 104 -29.40 -8.11 -25.56
CA TYR D 104 -28.57 -8.47 -24.41
C TYR D 104 -27.81 -7.27 -23.88
N LEU D 105 -27.58 -7.25 -22.57
CA LEU D 105 -26.84 -6.17 -21.92
C LEU D 105 -26.08 -6.72 -20.71
N GLU D 106 -24.78 -6.39 -20.61
CA GLU D 106 -24.01 -6.67 -19.40
C GLU D 106 -23.18 -5.44 -19.00
N ARG D 107 -23.17 -5.15 -17.70
CA ARG D 107 -22.52 -3.96 -17.13
C ARG D 107 -21.49 -4.41 -16.10
N PHE D 108 -20.26 -3.88 -16.19
CA PHE D 108 -19.15 -4.51 -15.46
C PHE D 108 -18.11 -3.50 -14.97
N THR D 109 -17.22 -4.00 -14.08
CA THR D 109 -16.01 -3.32 -13.63
C THR D 109 -14.83 -4.26 -13.89
N SER D 110 -13.72 -3.74 -14.45
CA SER D 110 -12.60 -4.63 -14.74
C SER D 110 -11.32 -3.84 -15.04
N THR D 111 -10.19 -4.56 -14.97
CA THR D 111 -8.86 -4.07 -15.33
C THR D 111 -8.40 -4.72 -16.64
N PHE D 112 -7.55 -4.01 -17.41
CA PHE D 112 -7.16 -4.43 -18.75
C PHE D 112 -5.66 -4.21 -18.99
N GLN D 113 -5.04 -5.10 -19.77
CA GLN D 113 -3.60 -5.00 -20.04
C GLN D 113 -3.32 -3.85 -21.02
N ALA D 114 -2.16 -3.21 -20.87
CA ALA D 114 -1.80 -2.03 -21.68
C ALA D 114 -0.37 -2.10 -22.19
N PRO D 115 -0.09 -3.00 -23.14
CA PRO D 115 1.31 -3.28 -23.51
C PRO D 115 2.00 -2.21 -24.33
N ALA D 116 1.30 -1.18 -24.78
CA ALA D 116 1.81 -0.15 -25.69
C ALA D 116 2.35 1.09 -24.97
N PHE D 117 2.25 1.13 -23.65
CA PHE D 117 2.65 2.29 -22.86
C PHE D 117 4.14 2.59 -23.04
N ASP D 118 4.51 3.87 -23.15
CA ASP D 118 5.91 4.25 -23.34
C ASP D 118 6.08 5.70 -22.87
N PHE D 119 6.89 5.91 -21.83
CA PHE D 119 6.93 7.18 -21.11
C PHE D 119 8.23 7.97 -21.33
N ARG D 120 8.96 7.69 -22.42
CA ARG D 120 10.27 8.32 -22.60
C ARG D 120 10.17 9.83 -22.83
N LEU D 121 9.05 10.32 -23.36
CA LEU D 121 8.89 11.74 -23.65
C LEU D 121 8.18 12.50 -22.54
N PHE D 122 8.03 11.90 -21.38
CA PHE D 122 7.39 12.53 -20.23
C PHE D 122 8.03 13.89 -19.93
N PRO D 123 7.23 14.94 -19.66
CA PRO D 123 5.75 14.98 -19.52
C PRO D 123 4.99 15.26 -20.82
N PHE D 124 5.64 15.26 -21.98
CA PHE D 124 4.97 15.58 -23.23
C PHE D 124 4.39 14.34 -23.93
N ASP D 125 4.07 13.27 -23.19
CA ASP D 125 3.71 11.99 -23.80
C ASP D 125 2.22 11.86 -24.05
N ASN D 126 1.89 11.02 -25.05
CA ASN D 126 0.52 10.68 -25.46
C ASN D 126 0.43 9.17 -25.56
N GLN D 127 -0.53 8.57 -24.85
CA GLN D 127 -0.61 7.12 -24.67
C GLN D 127 -1.83 6.50 -25.36
N LEU D 128 -1.68 5.24 -25.78
CA LEU D 128 -2.70 4.50 -26.52
C LEU D 128 -3.33 3.41 -25.64
N PHE D 129 -4.66 3.32 -25.64
CA PHE D 129 -5.44 2.36 -24.87
C PHE D 129 -6.36 1.56 -25.81
N PHE D 130 -6.63 0.28 -25.49
CA PHE D 130 -7.58 -0.51 -26.30
C PHE D 130 -8.21 -1.66 -25.50
N ILE D 131 -9.34 -2.16 -26.03
CA ILE D 131 -10.04 -3.34 -25.52
C ILE D 131 -10.46 -4.21 -26.72
N HIS D 132 -10.16 -5.52 -26.64
CA HIS D 132 -10.47 -6.50 -27.69
C HIS D 132 -11.58 -7.46 -27.24
N VAL D 133 -12.59 -7.66 -28.09
CA VAL D 133 -13.64 -8.65 -27.83
C VAL D 133 -13.65 -9.66 -28.98
N ASP D 134 -13.55 -10.96 -28.63
CA ASP D 134 -13.36 -12.03 -29.61
C ASP D 134 -14.53 -13.00 -29.64
N SER D 135 -14.96 -13.37 -30.84
CA SER D 135 -15.96 -14.42 -31.04
C SER D 135 -15.32 -15.80 -30.86
N ILE D 136 -16.06 -16.72 -30.25
CA ILE D 136 -15.52 -18.05 -30.02
C ILE D 136 -15.73 -18.94 -31.23
N PHE D 137 -16.87 -18.86 -31.88
CA PHE D 137 -17.20 -19.67 -33.03
C PHE D 137 -16.63 -19.07 -34.32
N PRO D 138 -16.44 -19.86 -35.36
CA PRO D 138 -15.78 -19.32 -36.56
C PRO D 138 -16.79 -18.62 -37.48
N GLN D 139 -16.24 -17.82 -38.40
CA GLN D 139 -17.01 -16.75 -39.04
C GLN D 139 -18.08 -17.25 -40.00
N HIS D 140 -18.16 -18.56 -40.27
CA HIS D 140 -19.22 -19.06 -41.11
C HIS D 140 -20.46 -19.46 -40.31
N LEU D 141 -20.35 -19.52 -38.99
CA LEU D 141 -21.50 -19.63 -38.12
C LEU D 141 -22.06 -18.24 -37.77
N PHE D 142 -21.21 -17.34 -37.27
CA PHE D 142 -21.59 -16.03 -36.75
C PHE D 142 -20.59 -14.97 -37.21
N ARG D 143 -21.11 -13.81 -37.61
CA ARG D 143 -20.29 -12.68 -38.06
C ARG D 143 -20.67 -11.42 -37.29
N PHE D 144 -19.66 -10.77 -36.69
CA PHE D 144 -19.87 -9.49 -36.01
C PHE D 144 -20.24 -8.38 -37.00
N GLN D 145 -21.20 -7.54 -36.64
CA GLN D 145 -21.47 -6.28 -37.35
C GLN D 145 -21.48 -5.14 -36.35
N GLU D 146 -21.06 -3.95 -36.79
CA GLU D 146 -20.89 -2.82 -35.90
C GLU D 146 -22.22 -2.12 -35.63
N MET D 147 -22.62 -2.08 -34.36
CA MET D 147 -23.86 -1.42 -33.93
C MET D 147 -23.63 0.08 -33.94
N GLN D 148 -24.28 0.78 -34.88
CA GLN D 148 -23.99 2.19 -35.09
C GLN D 148 -24.75 3.07 -34.10
N GLY D 149 -24.06 4.08 -33.59
CA GLY D 149 -24.62 5.07 -32.70
C GLY D 149 -24.33 4.84 -31.22
N PHE D 150 -23.94 3.63 -30.83
CA PHE D 150 -23.84 3.27 -29.42
C PHE D 150 -22.45 3.46 -28.83
N SER D 151 -21.40 3.05 -29.54
CA SER D 151 -20.10 2.81 -28.94
C SER D 151 -19.32 4.11 -28.69
N GLY D 152 -18.49 4.08 -27.65
CA GLY D 152 -17.62 5.20 -27.33
C GLY D 152 -17.38 5.44 -25.85
N LEU D 153 -17.18 6.71 -25.51
CA LEU D 153 -16.86 7.18 -24.17
C LEU D 153 -17.89 8.23 -23.75
N GLY D 154 -18.27 8.26 -22.46
CA GLY D 154 -19.17 9.30 -21.99
C GLY D 154 -18.41 10.53 -21.52
N ASP D 155 -19.17 11.56 -21.13
CA ASP D 155 -18.59 12.83 -20.72
C ASP D 155 -18.19 12.82 -19.24
N GLN D 156 -17.11 13.53 -18.93
CA GLN D 156 -16.63 13.69 -17.56
C GLN D 156 -17.22 14.95 -16.93
N LEU D 157 -17.19 14.99 -15.59
CA LEU D 157 -18.07 15.87 -14.85
C LEU D 157 -17.40 16.81 -13.84
N GLY D 158 -16.10 16.63 -13.59
CA GLY D 158 -15.40 17.49 -12.66
C GLY D 158 -14.06 17.88 -13.23
N GLU D 159 -12.98 17.40 -12.60
CA GLU D 159 -11.64 17.68 -13.11
C GLU D 159 -10.79 16.43 -13.02
N GLU D 160 -10.15 16.05 -14.13
CA GLU D 160 -9.37 14.81 -14.16
C GLU D 160 -7.88 14.98 -14.42
N GLU D 161 -7.13 13.89 -14.30
CA GLU D 161 -5.69 13.93 -14.57
C GLU D 161 -5.38 13.77 -16.06
N TRP D 162 -6.12 12.92 -16.77
CA TRP D 162 -5.85 12.63 -18.17
C TRP D 162 -6.98 13.15 -19.06
N ILE D 163 -6.63 13.70 -20.22
CA ILE D 163 -7.60 14.29 -21.14
C ILE D 163 -7.63 13.41 -22.38
N VAL D 164 -8.82 12.94 -22.78
CA VAL D 164 -8.95 12.07 -23.95
C VAL D 164 -8.99 12.91 -25.22
N THR D 165 -8.16 12.53 -26.20
CA THR D 165 -7.98 13.27 -27.44
C THR D 165 -8.61 12.64 -28.68
N GLU D 166 -8.85 11.33 -28.70
CA GLU D 166 -9.31 10.62 -29.89
C GLU D 166 -9.93 9.29 -29.48
N VAL D 167 -11.02 8.89 -30.17
CA VAL D 167 -11.71 7.61 -29.93
C VAL D 167 -12.08 6.98 -31.26
N ASN D 168 -11.91 5.64 -31.36
CA ASN D 168 -12.15 4.84 -32.58
C ASN D 168 -12.59 3.41 -32.30
N THR D 169 -13.35 2.83 -33.25
CA THR D 169 -13.74 1.41 -33.25
C THR D 169 -13.62 0.81 -34.66
N HIS D 170 -13.23 -0.48 -34.74
CA HIS D 170 -13.16 -1.18 -36.03
C HIS D 170 -13.23 -2.70 -35.84
N LEU D 171 -13.37 -3.42 -36.97
CA LEU D 171 -13.59 -4.86 -36.95
C LEU D 171 -12.41 -5.58 -37.61
N THR D 172 -11.96 -6.69 -37.01
CA THR D 172 -10.86 -7.50 -37.55
C THR D 172 -11.20 -8.98 -37.39
N THR D 173 -10.18 -9.85 -37.51
CA THR D 173 -10.35 -11.29 -37.30
C THR D 173 -9.20 -11.87 -36.45
N HIS D 174 -9.44 -13.07 -35.90
CA HIS D 174 -8.46 -13.82 -35.13
C HIS D 174 -8.63 -15.30 -35.44
N ASN D 175 -7.65 -16.12 -35.04
CA ASN D 175 -7.62 -17.53 -35.42
C ASN D 175 -7.09 -18.40 -34.28
N GLU D 176 -7.75 -19.54 -34.06
CA GLU D 176 -7.30 -20.55 -33.09
C GLU D 176 -7.44 -21.95 -33.67
N PHE D 177 -6.55 -22.84 -33.23
CA PHE D 177 -6.55 -24.26 -33.67
C PHE D 177 -6.34 -24.39 -35.18
N THR D 178 -5.66 -23.40 -35.78
CA THR D 178 -5.37 -23.41 -37.22
C THR D 178 -6.56 -23.89 -38.06
N LYS D 179 -7.72 -23.29 -37.82
CA LYS D 179 -8.91 -23.71 -38.54
C LYS D 179 -9.60 -22.51 -39.16
N GLY D 180 -10.79 -22.17 -38.66
CA GLY D 180 -11.53 -21.06 -39.22
C GLY D 180 -11.29 -19.72 -38.58
N ASP D 181 -11.21 -18.67 -39.38
CA ASP D 181 -11.07 -17.32 -38.85
C ASP D 181 -12.34 -16.92 -38.10
N ALA D 182 -12.18 -16.08 -37.07
CA ALA D 182 -13.32 -15.62 -36.27
C ALA D 182 -13.23 -14.10 -36.05
N SER D 183 -14.37 -13.48 -35.79
CA SER D 183 -14.46 -12.02 -35.72
C SER D 183 -13.83 -11.46 -34.43
N ARG D 184 -13.29 -10.25 -34.55
CA ARG D 184 -12.74 -9.48 -33.44
C ARG D 184 -13.25 -8.04 -33.50
N PHE D 185 -13.69 -7.50 -32.36
CA PHE D 185 -14.17 -6.12 -32.25
C PHE D 185 -13.20 -5.31 -31.40
N VAL D 186 -12.83 -4.11 -31.87
CA VAL D 186 -11.80 -3.28 -31.22
C VAL D 186 -12.36 -1.91 -30.90
N LEU D 187 -12.13 -1.45 -29.66
CA LEU D 187 -12.31 -0.05 -29.26
C LEU D 187 -10.96 0.47 -28.77
N GLU D 188 -10.55 1.65 -29.28
CA GLU D 188 -9.24 2.23 -28.96
C GLU D 188 -9.37 3.74 -28.72
N PHE D 189 -8.52 4.30 -27.85
CA PHE D 189 -8.51 5.74 -27.59
C PHE D 189 -7.12 6.23 -27.14
N HIS D 190 -6.92 7.57 -27.20
CA HIS D 190 -5.65 8.25 -26.93
C HIS D 190 -5.85 9.38 -25.91
N ALA D 191 -4.85 9.62 -25.04
CA ALA D 191 -5.01 10.62 -23.96
C ALA D 191 -3.68 11.30 -23.60
N GLU D 192 -3.79 12.48 -22.96
CA GLU D 192 -2.65 13.37 -22.66
C GLU D 192 -2.77 14.01 -21.26
N ARG D 193 -1.69 14.66 -20.79
CA ARG D 193 -1.64 15.34 -19.50
C ARG D 193 -1.92 16.85 -19.59
N HIS D 194 -2.14 17.48 -18.43
CA HIS D 194 -2.15 18.95 -18.29
C HIS D 194 -0.72 19.45 -18.18
N LEU D 195 -0.18 20.05 -19.26
CA LEU D 195 1.20 20.54 -19.21
C LEU D 195 1.32 21.78 -18.33
N ASN D 196 0.24 22.56 -18.27
CA ASN D 196 0.09 23.71 -17.36
C ASN D 196 0.59 23.40 -15.95
N TYR D 197 0.28 22.20 -15.45
CA TYR D 197 0.62 21.82 -14.08
C TYR D 197 2.12 21.66 -13.91
N TYR D 198 2.80 21.13 -14.94
CA TYR D 198 4.23 20.88 -14.82
C TYR D 198 5.03 22.15 -15.04
N LEU D 199 4.51 23.07 -15.86
CA LEU D 199 5.13 24.38 -15.97
C LEU D 199 5.20 25.07 -14.61
N MET D 200 4.09 25.04 -13.87
CA MET D 200 4.01 25.74 -12.59
C MET D 200 4.82 25.04 -11.51
N ARG D 201 4.75 23.71 -11.48
CA ARG D 201 5.40 22.98 -10.39
C ARG D 201 6.89 22.73 -10.54
N ILE D 202 7.40 22.68 -11.77
CA ILE D 202 8.79 22.30 -11.94
C ILE D 202 9.61 23.38 -12.65
N LEU D 203 9.17 23.78 -13.84
CA LEU D 203 9.97 24.71 -14.64
C LEU D 203 10.25 26.07 -14.02
N ILE D 204 9.21 26.78 -13.58
CA ILE D 204 9.41 28.12 -13.03
C ILE D 204 10.41 28.14 -11.83
N PRO D 205 10.23 27.28 -10.80
CA PRO D 205 11.22 27.32 -9.72
C PRO D 205 12.64 26.90 -10.11
N VAL D 206 12.80 25.95 -11.04
CA VAL D 206 14.15 25.60 -11.50
C VAL D 206 14.80 26.76 -12.23
N LEU D 207 14.02 27.52 -12.99
CA LEU D 207 14.60 28.65 -13.71
C LEU D 207 15.09 29.72 -12.73
N LEU D 208 14.40 29.90 -11.60
CA LEU D 208 14.89 30.85 -10.60
C LEU D 208 16.19 30.36 -9.96
N ILE D 209 16.30 29.05 -9.70
CA ILE D 209 17.51 28.52 -9.08
C ILE D 209 18.70 28.71 -10.01
N ILE D 210 18.47 28.52 -11.31
CA ILE D 210 19.49 28.74 -12.32
C ILE D 210 19.91 30.20 -12.36
N THR D 211 18.97 31.12 -12.10
CA THR D 211 19.29 32.54 -12.14
C THR D 211 20.15 32.95 -10.95
N VAL D 212 19.92 32.36 -9.79
CA VAL D 212 20.71 32.68 -8.59
C VAL D 212 22.16 32.28 -8.82
N SER D 213 22.38 31.12 -9.46
CA SER D 213 23.75 30.68 -9.76
C SER D 213 24.46 31.63 -10.72
N TRP D 214 23.74 32.21 -11.69
CA TRP D 214 24.37 33.16 -12.61
C TRP D 214 24.79 34.44 -11.89
N PHE D 215 23.97 34.89 -10.93
CA PHE D 215 24.19 36.19 -10.28
C PHE D 215 25.46 36.20 -9.44
N THR D 216 26.02 35.03 -9.14
CA THR D 216 27.27 34.93 -8.37
C THR D 216 28.44 35.61 -9.07
N PHE D 217 28.45 35.63 -10.41
CA PHE D 217 29.52 36.26 -11.17
C PHE D 217 29.50 37.78 -11.10
N PHE D 218 28.51 38.37 -10.43
CA PHE D 218 28.38 39.83 -10.35
C PHE D 218 29.16 40.41 -9.17
N LEU D 219 29.66 39.57 -8.27
CA LEU D 219 30.33 39.97 -7.03
C LEU D 219 31.85 39.91 -7.19
N GLN D 220 32.56 40.58 -6.28
CA GLN D 220 34.01 40.76 -6.41
C GLN D 220 34.85 39.74 -5.63
N ASP D 221 34.47 39.39 -4.40
CA ASP D 221 35.31 38.52 -3.55
C ASP D 221 35.06 37.05 -3.89
N TYR D 222 36.08 36.36 -4.42
CA TYR D 222 35.90 34.95 -4.75
C TYR D 222 35.62 34.11 -3.51
N THR D 223 36.08 34.55 -2.35
CA THR D 223 35.84 33.81 -1.11
C THR D 223 34.36 33.69 -0.81
N LYS D 224 33.62 34.80 -0.93
CA LYS D 224 32.18 34.77 -0.69
C LYS D 224 31.47 33.99 -1.78
N ARG D 225 31.96 34.08 -3.02
CA ARG D 225 31.34 33.34 -4.13
C ARG D 225 31.32 31.84 -3.88
N ILE D 226 32.41 31.30 -3.32
CA ILE D 226 32.47 29.85 -3.09
C ILE D 226 31.38 29.42 -2.11
N ASP D 227 31.17 30.23 -1.08
CA ASP D 227 30.13 29.96 -0.10
C ASP D 227 28.75 29.96 -0.74
N LEU D 228 28.49 30.97 -1.58
CA LEU D 228 27.16 31.14 -2.17
C LEU D 228 26.86 30.07 -3.22
N ALA D 229 27.86 29.72 -4.03
CA ALA D 229 27.70 28.68 -5.03
C ALA D 229 27.48 27.32 -4.38
N GLY D 230 28.22 27.03 -3.31
CA GLY D 230 27.99 25.80 -2.58
C GLY D 230 26.58 25.71 -2.02
N GLY D 231 26.07 26.80 -1.46
CA GLY D 231 24.75 26.73 -0.86
C GLY D 231 23.64 26.57 -1.89
N ASN D 232 23.83 27.10 -3.09
CA ASN D 232 22.86 26.96 -4.18
C ASN D 232 22.79 25.54 -4.71
N LEU D 233 23.87 24.76 -4.56
CA LEU D 233 23.83 23.35 -4.97
C LEU D 233 23.02 22.53 -3.98
N LEU D 234 23.16 22.82 -2.69
CA LEU D 234 22.34 22.15 -1.70
C LEU D 234 20.87 22.52 -1.86
N LEU D 235 20.58 23.76 -2.29
CA LEU D 235 19.19 24.16 -2.52
C LEU D 235 18.57 23.37 -3.65
N PHE D 236 19.34 23.09 -4.72
CA PHE D 236 18.83 22.31 -5.82
C PHE D 236 18.50 20.88 -5.39
N ILE D 237 19.36 20.29 -4.55
CA ILE D 237 19.14 18.92 -4.10
C ILE D 237 17.88 18.84 -3.23
N ALA D 238 17.73 19.81 -2.31
CA ALA D 238 16.55 19.89 -1.45
C ALA D 238 15.25 19.99 -2.25
N PHE D 239 15.27 20.81 -3.30
CA PHE D 239 14.09 20.99 -4.15
C PHE D 239 13.76 19.69 -4.87
N ASN D 240 14.78 18.95 -5.28
CA ASN D 240 14.59 17.71 -6.05
C ASN D 240 13.75 16.70 -5.28
N PHE D 241 14.04 16.49 -3.99
CA PHE D 241 13.21 15.55 -3.21
C PHE D 241 11.83 16.11 -2.93
N THR D 242 11.67 17.45 -2.94
CA THR D 242 10.33 18.01 -2.74
C THR D 242 9.39 17.69 -3.91
N ILE D 243 9.91 17.40 -5.10
CA ILE D 243 9.08 17.07 -6.26
C ILE D 243 9.04 15.59 -6.55
N SER D 244 9.70 14.75 -5.75
CA SER D 244 9.87 13.34 -6.09
C SER D 244 8.54 12.61 -6.29
N SER D 245 7.48 13.05 -5.63
CA SER D 245 6.20 12.37 -5.74
C SER D 245 5.51 12.62 -7.08
N ASP D 246 5.95 13.61 -7.85
CA ASP D 246 5.39 13.87 -9.17
C ASP D 246 6.10 13.11 -10.27
N LEU D 247 7.15 12.33 -9.93
CA LEU D 247 7.97 11.63 -10.93
C LEU D 247 7.67 10.13 -10.88
N PRO D 248 7.36 9.48 -11.99
CA PRO D 248 7.02 8.06 -11.93
C PRO D 248 8.25 7.16 -11.77
N ARG D 249 8.02 6.02 -11.11
CA ARG D 249 9.10 5.10 -10.72
C ARG D 249 9.28 4.05 -11.82
N LEU D 250 10.18 4.35 -12.75
CA LEU D 250 10.41 3.61 -13.98
C LEU D 250 11.88 3.21 -14.03
N GLY D 251 12.18 2.07 -14.64
CA GLY D 251 13.57 1.67 -14.64
C GLY D 251 14.36 2.09 -15.85
N TYR D 252 13.91 3.16 -16.52
CA TYR D 252 14.56 3.64 -17.74
C TYR D 252 14.47 5.16 -17.83
N ILE D 253 15.26 5.73 -18.76
CA ILE D 253 15.52 7.17 -18.82
C ILE D 253 14.39 7.91 -19.50
N THR D 254 13.96 9.04 -18.91
CA THR D 254 12.97 9.95 -19.48
C THR D 254 13.60 11.30 -19.83
N LEU D 255 12.87 12.08 -20.61
CA LEU D 255 13.30 13.45 -20.94
C LEU D 255 13.43 14.29 -19.67
N MET D 256 12.54 14.08 -18.70
CA MET D 256 12.59 14.84 -17.46
C MET D 256 13.83 14.49 -16.65
N ASP D 257 14.24 13.22 -16.69
CA ASP D 257 15.45 12.79 -15.99
C ASP D 257 16.69 13.48 -16.54
N ALA D 258 16.80 13.53 -17.87
CA ALA D 258 17.94 14.13 -18.54
C ALA D 258 18.06 15.62 -18.22
N PHE D 259 16.92 16.30 -18.15
CA PHE D 259 16.87 17.73 -17.86
C PHE D 259 17.42 18.01 -16.45
N LEU D 260 17.02 17.20 -15.47
CA LEU D 260 17.46 17.48 -14.10
C LEU D 260 18.93 17.15 -13.88
N VAL D 261 19.44 16.07 -14.49
CA VAL D 261 20.84 15.71 -14.33
C VAL D 261 21.74 16.76 -14.98
N GLY D 262 21.32 17.30 -16.13
CA GLY D 262 22.12 18.32 -16.79
C GLY D 262 22.23 19.58 -15.97
N THR D 263 21.13 19.96 -15.31
CA THR D 263 21.16 21.11 -14.41
C THR D 263 22.11 20.87 -13.22
N PHE D 264 22.22 19.62 -12.75
CA PHE D 264 23.11 19.34 -11.62
C PHE D 264 24.55 19.53 -12.05
N ILE D 265 24.87 19.08 -13.26
CA ILE D 265 26.24 19.13 -13.77
C ILE D 265 26.72 20.57 -13.88
N ILE D 266 25.88 21.45 -14.41
CA ILE D 266 26.32 22.82 -14.66
C ILE D 266 26.47 23.60 -13.36
N THR D 267 25.55 23.37 -12.41
CA THR D 267 25.65 24.07 -11.13
C THR D 267 26.84 23.59 -10.31
N ALA D 268 27.20 22.32 -10.42
CA ALA D 268 28.40 21.84 -9.72
C ALA D 268 29.66 22.43 -10.32
N LEU D 269 29.67 22.72 -11.61
CA LEU D 269 30.87 23.21 -12.27
C LEU D 269 31.19 24.64 -11.82
N VAL D 270 30.16 25.40 -11.43
CA VAL D 270 30.37 26.76 -10.93
C VAL D 270 31.17 26.76 -9.62
N VAL D 271 30.98 25.74 -8.77
CA VAL D 271 31.73 25.65 -7.53
C VAL D 271 33.20 25.42 -7.83
N LEU D 272 33.48 24.55 -8.79
CA LEU D 272 34.85 24.17 -9.10
C LEU D 272 35.61 25.33 -9.74
N GLY D 273 34.90 26.13 -10.53
CA GLY D 273 35.54 27.26 -11.20
C GLY D 273 35.98 28.35 -10.24
N ASN D 274 35.12 28.66 -9.26
CA ASN D 274 35.43 29.72 -8.31
C ASN D 274 36.56 29.33 -7.36
N VAL D 275 36.72 28.03 -7.07
CA VAL D 275 37.91 27.60 -6.32
C VAL D 275 39.17 27.86 -7.14
N TRP D 276 39.13 27.62 -8.44
CA TRP D 276 40.34 27.84 -9.23
C TRP D 276 40.66 29.33 -9.39
N LEU D 277 39.66 30.20 -9.45
CA LEU D 277 39.92 31.64 -9.51
C LEU D 277 40.57 32.14 -8.22
N ARG D 278 40.15 31.59 -7.08
CA ARG D 278 40.80 31.92 -5.80
C ARG D 278 42.26 31.45 -5.78
N ARG D 279 42.55 30.31 -6.41
CA ARG D 279 43.94 29.83 -6.44
C ARG D 279 44.81 30.77 -7.25
N LEU D 280 44.29 31.25 -8.40
CA LEU D 280 45.04 32.20 -9.22
C LEU D 280 45.31 33.50 -8.46
N GLU D 281 44.33 33.98 -7.69
CA GLU D 281 44.53 35.17 -6.88
C GLU D 281 45.62 34.95 -5.83
N ASN D 282 45.65 33.76 -5.20
CA ASN D 282 46.66 33.50 -4.18
C ASN D 282 48.07 33.44 -4.75
N HIS D 283 48.21 33.00 -6.01
CA HIS D 283 49.49 32.94 -6.70
C HIS D 283 49.85 34.27 -7.37
N GLY D 284 49.04 35.32 -7.14
CA GLY D 284 49.29 36.65 -7.65
C GLY D 284 48.97 36.91 -9.10
N LYS D 285 48.00 36.18 -9.66
CA LYS D 285 47.61 36.36 -11.05
C LYS D 285 46.19 36.90 -11.12
N GLN D 286 45.96 38.06 -10.48
CA GLN D 286 44.63 38.66 -10.41
C GLN D 286 44.10 39.05 -11.79
N ALA D 287 44.93 39.67 -12.62
CA ALA D 287 44.47 40.17 -13.92
C ALA D 287 44.02 39.05 -14.84
N LEU D 288 44.71 37.91 -14.80
CA LEU D 288 44.30 36.76 -15.60
C LEU D 288 42.97 36.20 -15.10
N ALA D 289 42.81 36.12 -13.77
CA ALA D 289 41.58 35.61 -13.18
C ALA D 289 40.41 36.54 -13.51
N ARG D 290 40.66 37.85 -13.49
CA ARG D 290 39.66 38.84 -13.86
C ARG D 290 39.24 38.72 -15.32
N LYS D 291 40.17 38.29 -16.18
CA LYS D 291 39.82 38.08 -17.60
C LYS D 291 38.96 36.84 -17.79
N LEU D 292 39.32 35.74 -17.14
CA LEU D 292 38.54 34.51 -17.24
C LEU D 292 37.11 34.71 -16.72
N ASP D 293 36.94 35.56 -15.71
CA ASP D 293 35.62 35.87 -15.16
C ASP D 293 34.70 36.45 -16.23
N ILE D 294 35.25 37.30 -17.10
CA ILE D 294 34.46 37.95 -18.14
C ILE D 294 33.97 36.93 -19.16
N TYR D 295 34.77 35.90 -19.45
CA TYR D 295 34.33 34.85 -20.35
C TYR D 295 33.26 33.95 -19.71
N ALA D 296 33.33 33.76 -18.39
CA ALA D 296 32.36 32.91 -17.71
C ALA D 296 30.96 33.52 -17.76
N ILE D 297 30.88 34.85 -17.62
CA ILE D 297 29.58 35.51 -17.54
C ILE D 297 28.77 35.26 -18.82
N THR D 298 29.40 35.40 -19.98
CA THR D 298 28.67 35.25 -21.24
C THR D 298 28.44 33.79 -21.64
N SER D 299 29.37 32.89 -21.32
CA SER D 299 29.23 31.51 -21.76
C SER D 299 28.22 30.71 -20.93
N TYR D 300 27.91 31.14 -19.70
CA TYR D 300 26.95 30.40 -18.88
C TYR D 300 25.57 30.28 -19.52
N PRO D 301 24.92 31.36 -19.98
CA PRO D 301 23.62 31.20 -20.66
C PRO D 301 23.70 30.44 -21.97
N LEU D 302 24.83 30.52 -22.67
CA LEU D 302 24.98 29.80 -23.93
C LEU D 302 24.99 28.29 -23.73
N ALA D 303 25.55 27.85 -22.59
CA ALA D 303 25.58 26.43 -22.26
C ALA D 303 24.16 25.88 -22.06
N TYR D 304 23.27 26.66 -21.45
CA TYR D 304 21.91 26.17 -21.26
C TYR D 304 21.15 26.14 -22.58
N LEU D 305 21.38 27.13 -23.43
CA LEU D 305 20.69 27.20 -24.71
C LEU D 305 21.09 26.04 -25.63
N LEU D 306 22.37 25.69 -25.63
CA LEU D 306 22.87 24.59 -26.45
C LEU D 306 22.49 23.23 -25.87
N GLY D 307 22.32 23.16 -24.55
CA GLY D 307 21.81 21.94 -23.95
C GLY D 307 20.36 21.68 -24.33
N ALA D 308 19.54 22.74 -24.31
CA ALA D 308 18.15 22.61 -24.74
C ALA D 308 18.04 22.06 -26.16
N LEU D 309 18.88 22.59 -27.05
CA LEU D 309 18.89 22.19 -28.45
C LEU D 309 19.27 20.72 -28.58
N THR D 310 20.24 20.30 -27.77
CA THR D 310 20.71 18.92 -27.77
C THR D 310 19.60 17.96 -27.32
N LEU D 311 18.88 18.31 -26.25
CA LEU D 311 17.82 17.46 -25.75
C LEU D 311 16.70 17.31 -26.80
N TRP D 312 16.36 18.41 -27.48
CA TRP D 312 15.35 18.35 -28.53
C TRP D 312 15.75 17.39 -29.63
N LEU D 313 17.02 17.41 -30.04
CA LEU D 313 17.47 16.53 -31.11
C LEU D 313 17.45 15.07 -30.67
N LEU D 314 17.86 14.79 -29.44
CA LEU D 314 17.99 13.39 -29.02
C LEU D 314 16.64 12.75 -28.73
N PHE D 315 15.66 13.52 -28.25
CA PHE D 315 14.38 12.94 -27.85
C PHE D 315 13.28 13.12 -28.90
N PHE D 316 13.23 14.24 -29.61
CA PHE D 316 12.15 14.46 -30.57
C PHE D 316 12.58 14.24 -32.01
N TRP D 317 13.86 14.02 -32.28
CA TRP D 317 14.32 13.56 -33.58
C TRP D 317 15.44 12.53 -33.44
N PRO E 8 1.70 -46.97 -23.10
CA PRO E 8 1.45 -45.58 -22.64
C PRO E 8 0.97 -44.66 -23.76
N SER E 9 0.29 -43.59 -23.38
CA SER E 9 -0.31 -42.66 -24.34
C SER E 9 0.45 -41.34 -24.34
N ASP E 10 0.79 -40.84 -25.54
CA ASP E 10 1.58 -39.62 -25.70
C ASP E 10 0.69 -38.38 -25.60
N VAL E 11 1.12 -37.41 -24.80
CA VAL E 11 0.43 -36.13 -24.61
C VAL E 11 1.38 -35.01 -25.01
N PHE E 12 0.99 -34.21 -26.00
CA PHE E 12 1.83 -33.12 -26.50
C PHE E 12 1.45 -31.81 -25.81
N ILE E 13 2.44 -31.11 -25.24
CA ILE E 13 2.15 -29.96 -24.38
C ILE E 13 3.09 -28.79 -24.70
N GLY E 14 2.57 -27.57 -24.56
CA GLY E 14 3.36 -26.36 -24.72
C GLY E 14 2.77 -25.18 -23.98
N LEU E 15 3.63 -24.20 -23.67
CA LEU E 15 3.25 -23.03 -22.86
C LEU E 15 3.82 -21.75 -23.47
N LYS E 16 3.00 -20.70 -23.61
CA LYS E 16 3.46 -19.41 -24.13
C LYS E 16 3.03 -18.25 -23.23
N ILE E 17 3.97 -17.35 -22.93
CA ILE E 17 3.72 -16.20 -22.06
C ILE E 17 3.60 -14.94 -22.92
N ASP E 18 2.49 -14.21 -22.74
CA ASP E 18 2.27 -12.96 -23.47
C ASP E 18 3.02 -11.79 -22.84
N GLN E 19 2.92 -11.65 -21.52
CA GLN E 19 3.38 -10.46 -20.83
C GLN E 19 3.73 -10.79 -19.39
N ILE E 20 4.84 -10.24 -18.94
CA ILE E 20 5.26 -10.29 -17.54
C ILE E 20 4.61 -9.13 -16.78
N THR E 21 3.61 -9.43 -15.93
CA THR E 21 2.80 -8.33 -15.41
C THR E 21 3.35 -7.71 -14.13
N GLY E 22 4.34 -8.33 -13.49
CA GLY E 22 5.00 -7.71 -12.36
C GLY E 22 6.10 -8.59 -11.80
N ILE E 23 7.02 -7.96 -11.08
CA ILE E 23 8.16 -8.63 -10.43
C ILE E 23 8.36 -8.02 -9.05
N ASN E 24 8.48 -8.86 -8.02
CA ASN E 24 8.57 -8.43 -6.63
C ASN E 24 9.90 -8.89 -6.03
N GLN E 25 10.77 -7.93 -5.73
CA GLN E 25 12.13 -8.27 -5.31
C GLN E 25 12.22 -8.63 -3.82
N LYS E 26 11.33 -8.08 -3.00
CA LYS E 26 11.34 -8.35 -1.56
C LYS E 26 10.65 -9.67 -1.22
N GLU E 27 9.52 -9.97 -1.88
CA GLU E 27 8.80 -11.22 -1.66
C GLU E 27 9.35 -12.39 -2.46
N GLU E 28 10.13 -12.11 -3.51
CA GLU E 28 10.69 -13.11 -4.42
C GLU E 28 9.58 -13.91 -5.13
N ASN E 29 8.80 -13.19 -5.97
CA ASN E 29 7.83 -13.81 -6.86
C ASN E 29 7.62 -12.92 -8.09
N PHE E 30 6.95 -13.48 -9.11
CA PHE E 30 6.64 -12.77 -10.35
C PHE E 30 5.26 -13.16 -10.86
N SER E 31 4.70 -12.34 -11.77
CA SER E 31 3.33 -12.51 -12.28
C SER E 31 3.31 -12.41 -13.81
N VAL E 32 2.37 -13.13 -14.45
CA VAL E 32 2.34 -13.27 -15.90
C VAL E 32 0.90 -13.41 -16.42
N VAL E 33 0.76 -13.28 -17.75
CA VAL E 33 -0.45 -13.69 -18.46
C VAL E 33 0.00 -14.60 -19.59
N GLY E 34 -0.65 -15.75 -19.74
CA GLY E 34 -0.20 -16.73 -20.72
C GLY E 34 -1.26 -17.74 -21.11
N SER E 35 -0.82 -18.72 -21.92
CA SER E 35 -1.72 -19.69 -22.54
C SER E 35 -1.08 -21.08 -22.54
N LEU E 36 -1.83 -22.08 -22.09
CA LEU E 36 -1.39 -23.47 -21.99
C LEU E 36 -2.13 -24.30 -23.06
N ARG E 37 -1.40 -25.08 -23.84
CA ARG E 37 -2.01 -25.85 -24.93
C ARG E 37 -1.63 -27.33 -24.91
N ILE E 38 -2.62 -28.20 -25.15
CA ILE E 38 -2.38 -29.65 -25.15
C ILE E 38 -3.11 -30.29 -26.33
N ASP E 39 -2.41 -31.16 -27.07
CA ASP E 39 -2.98 -32.04 -28.09
C ASP E 39 -2.87 -33.49 -27.65
N TRP E 40 -3.92 -34.28 -27.90
CA TRP E 40 -4.04 -35.68 -27.48
C TRP E 40 -5.01 -36.39 -28.43
N ARG E 41 -4.78 -37.68 -28.64
CA ARG E 41 -5.67 -38.46 -29.46
C ARG E 41 -6.24 -39.63 -28.67
N GLN E 42 -7.53 -39.86 -28.80
CA GLN E 42 -8.25 -40.93 -28.11
C GLN E 42 -9.27 -41.49 -29.08
N PRO E 43 -8.96 -42.61 -29.75
CA PRO E 43 -9.86 -43.13 -30.79
C PRO E 43 -11.27 -43.42 -30.32
N LEU E 44 -11.48 -43.62 -29.02
CA LEU E 44 -12.78 -43.93 -28.47
C LEU E 44 -13.75 -42.77 -28.61
N LEU E 45 -13.24 -41.58 -28.94
CA LEU E 45 -13.99 -40.35 -29.09
C LEU E 45 -14.34 -40.03 -30.54
N ALA E 46 -13.94 -40.88 -31.50
CA ALA E 46 -14.23 -40.65 -32.91
C ALA E 46 -15.74 -40.73 -33.20
N PHE E 47 -16.19 -39.94 -34.18
CA PHE E 47 -17.62 -39.80 -34.43
C PHE E 47 -17.87 -39.45 -35.90
N GLU E 48 -19.13 -39.56 -36.30
CA GLU E 48 -19.59 -39.12 -37.61
C GLU E 48 -20.61 -38.01 -37.42
N HIS E 49 -20.42 -36.90 -38.14
CA HIS E 49 -21.22 -35.71 -37.91
C HIS E 49 -22.62 -35.84 -38.50
N ALA E 50 -23.59 -35.22 -37.81
CA ALA E 50 -24.98 -35.36 -38.23
C ALA E 50 -25.27 -34.53 -39.46
N PRO E 51 -26.38 -34.82 -40.17
CA PRO E 51 -26.77 -34.05 -41.36
C PRO E 51 -26.81 -32.55 -41.14
N GLY E 52 -25.88 -31.85 -41.77
CA GLY E 52 -25.75 -30.41 -41.65
C GLY E 52 -24.89 -29.94 -40.50
N GLU E 53 -24.40 -30.85 -39.65
CA GLU E 53 -23.52 -30.48 -38.54
C GLU E 53 -22.12 -30.16 -39.06
N PRO E 54 -21.43 -29.21 -38.42
CA PRO E 54 -20.01 -28.97 -38.74
C PRO E 54 -19.13 -30.18 -38.41
N LYS E 55 -17.92 -30.15 -38.96
CA LYS E 55 -16.99 -31.26 -38.88
C LYS E 55 -16.20 -31.30 -37.57
N HIS E 56 -16.38 -30.33 -36.68
CA HIS E 56 -15.66 -30.27 -35.41
C HIS E 56 -16.61 -29.84 -34.30
N ARG E 57 -16.55 -30.55 -33.18
CA ARG E 57 -17.40 -30.30 -32.02
C ARG E 57 -16.64 -29.49 -30.98
N THR E 58 -17.36 -28.64 -30.23
CA THR E 58 -16.69 -27.75 -29.29
C THR E 58 -17.38 -27.73 -27.93
N TYR E 59 -16.60 -27.89 -26.86
CA TYR E 59 -17.17 -27.90 -25.51
C TYR E 59 -16.35 -27.08 -24.54
N THR E 60 -16.94 -26.78 -23.38
CA THR E 60 -16.18 -26.12 -22.33
C THR E 60 -15.55 -27.25 -21.52
N LEU E 61 -14.60 -26.95 -20.63
CA LEU E 61 -13.98 -28.07 -19.93
C LEU E 61 -15.00 -28.79 -19.06
N ALA E 62 -15.90 -28.03 -18.45
CA ALA E 62 -16.93 -28.60 -17.58
C ALA E 62 -17.85 -29.54 -18.33
N THR E 63 -18.16 -29.19 -19.57
CA THR E 63 -19.07 -29.93 -20.44
C THR E 63 -18.40 -31.21 -20.92
N PHE E 64 -17.11 -31.10 -21.25
CA PHE E 64 -16.37 -32.18 -21.89
C PHE E 64 -16.08 -33.27 -20.88
N LEU E 65 -15.76 -32.89 -19.64
CA LEU E 65 -15.47 -33.88 -18.62
C LEU E 65 -16.68 -34.76 -18.32
N LYS E 66 -17.89 -34.20 -18.43
CA LYS E 66 -19.11 -35.00 -18.30
C LYS E 66 -19.19 -36.05 -19.41
N LEU E 67 -18.88 -35.65 -20.65
CA LEU E 67 -18.88 -36.58 -21.76
C LEU E 67 -17.90 -37.73 -21.50
N LEU E 68 -16.70 -37.39 -21.01
CA LEU E 68 -15.71 -38.43 -20.73
C LEU E 68 -16.18 -39.37 -19.63
N GLU E 69 -16.88 -38.84 -18.62
CA GLU E 69 -17.39 -39.69 -17.56
C GLU E 69 -18.51 -40.61 -18.05
N GLU E 70 -19.34 -40.13 -18.98
CA GLU E 70 -20.38 -40.98 -19.54
C GLU E 70 -19.78 -42.10 -20.40
N LYS E 71 -18.62 -41.87 -21.01
CA LYS E 71 -17.91 -42.92 -21.73
C LYS E 71 -16.90 -43.66 -20.85
N GLN E 72 -16.69 -43.22 -19.61
CA GLN E 72 -15.77 -43.83 -18.65
C GLN E 72 -14.30 -43.74 -19.10
N ILE E 73 -13.94 -42.59 -19.68
CA ILE E 73 -12.60 -42.34 -20.22
C ILE E 73 -11.79 -41.47 -19.25
N ARG E 74 -10.53 -41.85 -19.03
CA ARG E 74 -9.58 -41.15 -18.18
C ARG E 74 -8.96 -39.95 -18.90
N TRP E 75 -8.94 -38.79 -18.22
CA TRP E 75 -8.39 -37.50 -18.66
C TRP E 75 -6.98 -37.30 -18.08
N PRO E 76 -6.01 -36.91 -18.90
CA PRO E 76 -4.62 -36.62 -18.41
C PRO E 76 -4.47 -35.34 -17.60
N ALA E 77 -4.80 -35.42 -16.32
CA ALA E 77 -4.84 -34.26 -15.44
C ALA E 77 -3.43 -33.81 -15.02
N PHE E 78 -3.27 -32.50 -14.77
CA PHE E 78 -1.97 -31.91 -14.50
C PHE E 78 -2.12 -30.77 -13.50
N THR E 79 -0.99 -30.29 -12.97
CA THR E 79 -0.99 -29.25 -11.93
C THR E 79 0.24 -28.35 -12.03
N TYR E 80 0.09 -27.10 -11.57
CA TYR E 80 1.14 -26.08 -11.62
C TYR E 80 1.92 -26.06 -10.30
N HIS E 81 3.18 -26.50 -10.32
CA HIS E 81 3.79 -26.88 -9.03
C HIS E 81 4.37 -25.71 -8.23
N ASN E 82 4.78 -24.60 -8.86
CA ASN E 82 5.23 -23.43 -8.10
C ASN E 82 4.27 -22.25 -8.16
N GLN E 83 2.97 -22.52 -8.28
CA GLN E 83 1.97 -21.47 -8.26
C GLN E 83 1.84 -20.87 -6.85
N GLN E 84 1.56 -19.56 -6.80
CA GLN E 84 1.37 -18.83 -5.56
C GLN E 84 -0.03 -18.22 -5.55
N GLY E 85 -0.84 -18.58 -4.57
CA GLY E 85 -2.16 -18.00 -4.45
C GLY E 85 -3.16 -18.60 -5.43
N ARG E 86 -4.16 -17.77 -5.78
CA ARG E 86 -5.26 -18.18 -6.63
C ARG E 86 -4.93 -17.83 -8.09
N MET E 87 -5.38 -18.66 -9.02
CA MET E 87 -5.18 -18.39 -10.44
C MET E 87 -6.51 -18.08 -11.11
N ASP E 88 -6.51 -17.05 -11.95
CA ASP E 88 -7.70 -16.56 -12.64
C ASP E 88 -7.68 -17.00 -14.11
N PHE E 89 -8.81 -17.51 -14.59
CA PHE E 89 -8.93 -18.00 -15.96
C PHE E 89 -9.77 -17.04 -16.79
N GLN E 90 -9.24 -16.66 -17.95
CA GLN E 90 -10.00 -15.88 -18.91
C GLN E 90 -10.82 -16.74 -19.87
N ASN E 91 -10.39 -17.98 -20.14
CA ASN E 91 -11.05 -18.85 -21.11
C ASN E 91 -10.50 -20.27 -20.96
N ARG E 92 -11.38 -21.25 -21.18
CA ARG E 92 -11.00 -22.67 -21.10
C ARG E 92 -11.84 -23.44 -22.11
N LEU E 93 -11.20 -23.88 -23.20
CA LEU E 93 -11.93 -24.25 -24.42
C LEU E 93 -11.39 -25.54 -25.04
N ILE E 94 -12.30 -26.34 -25.62
CA ILE E 94 -11.98 -27.67 -26.16
C ILE E 94 -12.54 -27.82 -27.56
N SER E 95 -11.70 -28.28 -28.49
CA SER E 95 -12.12 -28.73 -29.82
C SER E 95 -11.92 -30.23 -29.97
N LEU E 96 -12.92 -30.91 -30.56
CA LEU E 96 -12.92 -32.37 -30.71
C LEU E 96 -13.05 -32.74 -32.19
N SER E 97 -12.09 -33.52 -32.67
CA SER E 97 -11.99 -33.90 -34.07
C SER E 97 -12.80 -35.14 -34.39
N GLU E 98 -13.16 -35.26 -35.67
CA GLU E 98 -13.86 -36.45 -36.17
C GLU E 98 -13.12 -37.73 -35.83
N ASP E 99 -11.78 -37.68 -35.84
CA ASP E 99 -10.95 -38.85 -35.63
C ASP E 99 -10.64 -39.12 -34.16
N GLY E 100 -11.19 -38.33 -33.24
CA GLY E 100 -10.90 -38.55 -31.84
C GLY E 100 -9.79 -37.69 -31.27
N THR E 101 -9.26 -36.75 -32.06
CA THR E 101 -8.20 -35.87 -31.57
C THR E 101 -8.79 -34.78 -30.70
N VAL E 102 -8.22 -34.60 -29.51
CA VAL E 102 -8.66 -33.55 -28.58
C VAL E 102 -7.65 -32.42 -28.60
N MET E 103 -8.13 -31.19 -28.76
CA MET E 103 -7.31 -29.99 -28.64
C MET E 103 -7.84 -29.14 -27.51
N TYR E 104 -6.96 -28.80 -26.56
CA TYR E 104 -7.33 -28.08 -25.34
C TYR E 104 -6.56 -26.76 -25.25
N LEU E 105 -7.20 -25.76 -24.65
CA LEU E 105 -6.59 -24.45 -24.45
C LEU E 105 -7.12 -23.80 -23.18
N GLU E 106 -6.21 -23.30 -22.34
CA GLU E 106 -6.59 -22.49 -21.19
C GLU E 106 -5.70 -21.24 -21.09
N ARG E 107 -6.33 -20.10 -20.80
CA ARG E 107 -5.67 -18.79 -20.78
C ARG E 107 -5.88 -18.16 -19.40
N PHE E 108 -4.79 -17.68 -18.78
CA PHE E 108 -4.86 -17.38 -17.35
C PHE E 108 -4.00 -16.17 -16.93
N THR E 109 -4.24 -15.72 -15.69
CA THR E 109 -3.41 -14.75 -14.99
C THR E 109 -3.01 -15.36 -13.65
N SER E 110 -1.72 -15.24 -13.27
CA SER E 110 -1.29 -15.86 -12.02
C SER E 110 0.08 -15.35 -11.56
N THR E 111 0.38 -15.59 -10.27
CA THR E 111 1.66 -15.30 -9.64
C THR E 111 2.41 -16.62 -9.36
N PHE E 112 3.75 -16.56 -9.35
CA PHE E 112 4.59 -17.76 -9.26
C PHE E 112 5.77 -17.54 -8.32
N GLN E 113 6.18 -18.60 -7.61
CA GLN E 113 7.29 -18.49 -6.66
C GLN E 113 8.62 -18.40 -7.39
N ALA E 114 9.59 -17.67 -6.80
CA ALA E 114 10.88 -17.41 -7.44
C ALA E 114 12.03 -17.60 -6.48
N PRO E 115 12.33 -18.84 -6.08
CA PRO E 115 13.28 -19.07 -4.97
C PRO E 115 14.75 -18.84 -5.30
N ALA E 116 15.09 -18.60 -6.56
CA ALA E 116 16.48 -18.49 -7.04
C ALA E 116 17.00 -17.06 -7.06
N PHE E 117 16.17 -16.08 -6.71
CA PHE E 117 16.53 -14.67 -6.79
C PHE E 117 17.71 -14.36 -5.87
N ASP E 118 18.64 -13.52 -6.33
CA ASP E 118 19.83 -13.17 -5.53
C ASP E 118 20.38 -11.84 -6.04
N PHE E 119 20.36 -10.82 -5.20
CA PHE E 119 20.61 -9.43 -5.63
C PHE E 119 21.93 -8.86 -5.14
N ARG E 120 22.90 -9.71 -4.78
CA ARG E 120 24.14 -9.21 -4.18
C ARG E 120 24.99 -8.40 -5.16
N LEU E 121 24.85 -8.64 -6.46
CA LEU E 121 25.65 -7.93 -7.46
C LEU E 121 24.92 -6.73 -8.07
N PHE E 122 23.82 -6.31 -7.45
CA PHE E 122 23.05 -5.15 -7.92
C PHE E 122 23.95 -3.93 -8.07
N PRO E 123 23.83 -3.16 -9.18
CA PRO E 123 22.85 -3.28 -10.29
C PRO E 123 23.30 -4.16 -11.46
N PHE E 124 24.40 -4.91 -11.35
CA PHE E 124 24.90 -5.71 -12.44
C PHE E 124 24.33 -7.15 -12.44
N ASP E 125 23.16 -7.36 -11.85
CA ASP E 125 22.65 -8.71 -11.61
C ASP E 125 21.80 -9.24 -12.78
N ASN E 126 21.78 -10.58 -12.90
CA ASN E 126 21.02 -11.32 -13.90
C ASN E 126 20.24 -12.42 -13.17
N GLN E 127 18.92 -12.46 -13.35
CA GLN E 127 18.03 -13.31 -12.55
C GLN E 127 17.38 -14.41 -13.37
N LEU E 128 17.09 -15.54 -12.71
CA LEU E 128 16.52 -16.73 -13.33
C LEU E 128 15.06 -16.92 -12.91
N PHE E 129 14.19 -17.20 -13.89
CA PHE E 129 12.76 -17.42 -13.70
C PHE E 129 12.35 -18.78 -14.27
N PHE E 130 11.34 -19.44 -13.68
CA PHE E 130 10.84 -20.70 -14.23
C PHE E 130 9.40 -21.00 -13.83
N ILE E 131 8.77 -21.90 -14.59
CA ILE E 131 7.42 -22.44 -14.33
C ILE E 131 7.43 -23.95 -14.55
N HIS E 132 6.91 -24.72 -13.58
CA HIS E 132 6.87 -26.18 -13.63
C HIS E 132 5.43 -26.67 -13.80
N VAL E 133 5.20 -27.59 -14.74
CA VAL E 133 3.91 -28.24 -14.93
C VAL E 133 4.07 -29.75 -14.74
N ASP E 134 3.27 -30.34 -13.85
CA ASP E 134 3.43 -31.73 -13.44
C ASP E 134 2.23 -32.60 -13.81
N SER E 135 2.51 -33.79 -14.33
CA SER E 135 1.48 -34.79 -14.57
C SER E 135 1.07 -35.48 -13.28
N ILE E 136 -0.22 -35.76 -13.14
CA ILE E 136 -0.70 -36.40 -11.91
C ILE E 136 -0.55 -37.91 -11.99
N PHE E 137 -0.82 -38.51 -13.13
CA PHE E 137 -0.75 -39.95 -13.30
C PHE E 137 0.68 -40.39 -13.62
N PRO E 138 1.04 -41.64 -13.38
CA PRO E 138 2.43 -42.05 -13.58
C PRO E 138 2.71 -42.42 -15.03
N GLN E 139 4.01 -42.47 -15.36
CA GLN E 139 4.46 -42.34 -16.75
C GLN E 139 4.11 -43.55 -17.61
N HIS E 140 3.58 -44.63 -17.03
CA HIS E 140 3.16 -45.75 -17.86
C HIS E 140 1.72 -45.64 -18.33
N LEU E 141 0.95 -44.70 -17.77
CA LEU E 141 -0.33 -44.33 -18.31
C LEU E 141 -0.19 -43.24 -19.39
N PHE E 142 0.49 -42.14 -19.06
CA PHE E 142 0.60 -40.95 -19.90
C PHE E 142 2.03 -40.42 -19.86
N ARG E 143 2.54 -40.01 -21.04
CA ARG E 143 3.89 -39.46 -21.17
C ARG E 143 3.84 -38.12 -21.91
N PHE E 144 4.42 -37.09 -21.31
CA PHE E 144 4.53 -35.78 -21.94
C PHE E 144 5.46 -35.82 -23.15
N GLN E 145 5.06 -35.15 -24.24
CA GLN E 145 5.97 -34.88 -25.36
C GLN E 145 5.92 -33.39 -25.67
N GLU E 146 7.06 -32.86 -26.14
CA GLU E 146 7.19 -31.42 -26.34
C GLU E 146 6.55 -30.98 -27.66
N MET E 147 5.57 -30.09 -27.57
CA MET E 147 4.87 -29.55 -28.75
C MET E 147 5.79 -28.51 -29.41
N GLN E 148 6.30 -28.84 -30.60
CA GLN E 148 7.31 -28.01 -31.22
C GLN E 148 6.69 -26.83 -31.95
N GLY E 149 7.33 -25.67 -31.82
CA GLY E 149 6.94 -24.46 -32.48
C GLY E 149 6.11 -23.48 -31.66
N PHE E 150 5.52 -23.94 -30.56
CA PHE E 150 4.55 -23.13 -29.83
C PHE E 150 5.15 -22.34 -28.67
N SER E 151 6.02 -22.97 -27.87
CA SER E 151 6.34 -22.47 -26.54
C SER E 151 7.33 -21.31 -26.58
N GLY E 152 7.21 -20.44 -25.58
CA GLY E 152 8.11 -19.31 -25.42
C GLY E 152 7.50 -18.03 -24.88
N LEU E 153 8.07 -16.90 -25.32
CA LEU E 153 7.69 -15.56 -24.89
C LEU E 153 7.33 -14.73 -26.11
N GLY E 154 6.33 -13.83 -26.00
CA GLY E 154 6.02 -12.95 -27.11
C GLY E 154 6.83 -11.66 -27.03
N ASP E 155 6.65 -10.82 -28.07
CA ASP E 155 7.40 -9.57 -28.18
C ASP E 155 6.75 -8.44 -27.38
N GLN E 156 7.59 -7.57 -26.83
CA GLN E 156 7.15 -6.38 -26.11
C GLN E 156 7.05 -5.18 -27.05
N LEU E 157 6.28 -4.18 -26.61
CA LEU E 157 5.72 -3.20 -27.52
C LEU E 157 6.01 -1.72 -27.18
N GLY E 158 6.57 -1.45 -26.01
CA GLY E 158 6.88 -0.09 -25.63
C GLY E 158 8.26 -0.01 -25.01
N GLU E 159 8.30 0.29 -23.71
CA GLU E 159 9.58 0.34 -23.01
C GLU E 159 9.42 -0.30 -21.63
N GLU E 160 10.29 -1.25 -21.30
CA GLU E 160 10.16 -1.97 -20.03
C GLU E 160 11.33 -1.80 -19.06
N GLU E 161 11.19 -2.32 -17.85
CA GLU E 161 12.25 -2.25 -16.86
C GLU E 161 13.26 -3.39 -17.02
N TRP E 162 12.80 -4.59 -17.36
CA TRP E 162 13.66 -5.76 -17.46
C TRP E 162 13.75 -6.26 -18.90
N ILE E 163 14.95 -6.68 -19.32
CA ILE E 163 15.20 -7.11 -20.69
C ILE E 163 15.48 -8.61 -20.64
N VAL E 164 14.75 -9.39 -21.43
CA VAL E 164 14.93 -10.84 -21.43
C VAL E 164 16.09 -11.22 -22.34
N THR E 165 17.00 -12.06 -21.82
CA THR E 165 18.24 -12.43 -22.50
C THR E 165 18.27 -13.85 -23.05
N GLU E 166 17.47 -14.78 -22.52
CA GLU E 166 17.55 -16.20 -22.88
C GLU E 166 16.24 -16.90 -22.48
N VAL E 167 15.77 -17.83 -23.32
CA VAL E 167 14.57 -18.62 -23.07
C VAL E 167 14.81 -20.09 -23.45
N ASN E 168 14.30 -21.02 -22.62
CA ASN E 168 14.49 -22.47 -22.76
C ASN E 168 13.32 -23.30 -22.22
N THR E 169 13.12 -24.50 -22.80
CA THR E 169 12.17 -25.51 -22.32
C THR E 169 12.79 -26.91 -22.35
N HIS E 170 12.43 -27.76 -21.38
CA HIS E 170 12.89 -29.16 -21.37
C HIS E 170 11.98 -30.04 -20.51
N LEU E 171 12.20 -31.36 -20.61
CA LEU E 171 11.32 -32.34 -19.97
C LEU E 171 12.09 -33.11 -18.89
N THR E 172 11.44 -33.34 -17.74
CA THR E 172 12.05 -34.09 -16.63
C THR E 172 10.99 -35.02 -16.01
N THR E 173 11.26 -35.52 -14.80
CA THR E 173 10.30 -36.35 -14.06
C THR E 173 10.21 -35.93 -12.59
N HIS E 174 9.12 -36.37 -11.93
CA HIS E 174 8.89 -36.15 -10.50
C HIS E 174 8.21 -37.38 -9.93
N ASN E 175 8.17 -37.48 -8.59
CA ASN E 175 7.70 -38.68 -7.92
C ASN E 175 6.91 -38.35 -6.66
N GLU E 176 5.80 -39.06 -6.45
CA GLU E 176 4.98 -38.95 -5.25
C GLU E 176 4.53 -40.33 -4.78
N PHE E 177 4.37 -40.46 -3.45
CA PHE E 177 3.92 -41.71 -2.82
C PHE E 177 4.90 -42.86 -3.08
N THR E 178 6.18 -42.54 -3.30
CA THR E 178 7.22 -43.55 -3.54
C THR E 178 6.74 -44.67 -4.47
N LYS E 179 6.18 -44.29 -5.61
CA LYS E 179 5.66 -45.28 -6.54
C LYS E 179 6.21 -45.05 -7.93
N GLY E 180 5.35 -44.65 -8.87
CA GLY E 180 5.78 -44.44 -10.23
C GLY E 180 6.22 -43.04 -10.56
N ASP E 181 7.29 -42.92 -11.36
CA ASP E 181 7.74 -41.62 -11.82
C ASP E 181 6.70 -41.00 -12.76
N ALA E 182 6.61 -39.67 -12.77
CA ALA E 182 5.66 -38.96 -13.63
C ALA E 182 6.34 -37.79 -14.30
N SER E 183 5.79 -37.37 -15.45
CA SER E 183 6.43 -36.36 -16.29
C SER E 183 6.33 -34.95 -15.69
N ARG E 184 7.34 -34.14 -15.98
CA ARG E 184 7.41 -32.72 -15.61
C ARG E 184 7.85 -31.90 -16.82
N PHE E 185 7.17 -30.78 -17.08
CA PHE E 185 7.50 -29.86 -18.17
C PHE E 185 8.00 -28.54 -17.59
N VAL E 186 9.12 -28.03 -18.13
CA VAL E 186 9.78 -26.84 -17.58
C VAL E 186 9.94 -25.77 -18.66
N LEU E 187 9.57 -24.53 -18.32
CA LEU E 187 9.92 -23.35 -19.09
C LEU E 187 10.73 -22.41 -18.19
N GLU E 188 11.88 -21.93 -18.68
CA GLU E 188 12.79 -21.10 -17.91
C GLU E 188 13.33 -19.95 -18.75
N PHE E 189 13.61 -18.80 -18.12
CA PHE E 189 14.19 -17.64 -18.81
C PHE E 189 15.03 -16.76 -17.86
N HIS E 190 15.87 -15.89 -18.47
CA HIS E 190 16.85 -15.02 -17.79
C HIS E 190 16.67 -13.56 -18.22
N ALA E 191 16.88 -12.60 -17.30
CA ALA E 191 16.65 -11.19 -17.61
C ALA E 191 17.60 -10.25 -16.85
N GLU E 192 17.74 -9.01 -17.37
CA GLU E 192 18.71 -8.02 -16.88
C GLU E 192 18.13 -6.60 -16.87
N ARG E 193 18.85 -5.64 -16.23
CA ARG E 193 18.44 -4.24 -16.15
C ARG E 193 19.08 -3.35 -17.23
N HIS E 194 18.57 -2.12 -17.36
CA HIS E 194 19.21 -1.04 -18.14
C HIS E 194 20.30 -0.40 -17.27
N LEU E 195 21.56 -0.69 -17.54
CA LEU E 195 22.64 -0.09 -16.74
C LEU E 195 22.82 1.39 -17.05
N ASN E 196 22.50 1.77 -18.28
CA ASN E 196 22.45 3.17 -18.72
C ASN E 196 21.76 4.07 -17.71
N TYR E 197 20.66 3.59 -17.12
CA TYR E 197 19.86 4.39 -16.20
C TYR E 197 20.60 4.65 -14.89
N TYR E 198 21.37 3.66 -14.43
CA TYR E 198 22.06 3.82 -13.15
C TYR E 198 23.32 4.63 -13.31
N LEU E 199 23.95 4.57 -14.48
CA LEU E 199 25.08 5.46 -14.77
C LEU E 199 24.65 6.91 -14.64
N MET E 200 23.50 7.26 -15.24
CA MET E 200 23.03 8.65 -15.26
C MET E 200 22.53 9.09 -13.89
N ARG E 201 21.80 8.21 -13.21
CA ARG E 201 21.18 8.63 -11.94
C ARG E 201 22.07 8.60 -10.72
N ILE E 202 23.09 7.76 -10.70
CA ILE E 202 23.87 7.60 -9.47
C ILE E 202 25.35 7.94 -9.69
N LEU E 203 26.00 7.27 -10.63
CA LEU E 203 27.45 7.45 -10.80
C LEU E 203 27.92 8.85 -11.12
N ILE E 204 27.38 9.46 -12.16
CA ILE E 204 27.85 10.79 -12.56
C ILE E 204 27.76 11.84 -11.42
N PRO E 205 26.59 11.98 -10.73
CA PRO E 205 26.58 12.96 -9.64
C PRO E 205 27.49 12.63 -8.46
N VAL E 206 27.67 11.34 -8.11
CA VAL E 206 28.59 11.01 -7.03
C VAL E 206 30.02 11.35 -7.41
N LEU E 207 30.38 11.18 -8.69
CA LEU E 207 31.74 11.51 -9.11
C LEU E 207 32.00 13.01 -8.99
N LEU E 208 30.99 13.84 -9.25
CA LEU E 208 31.16 15.28 -9.05
C LEU E 208 31.33 15.63 -7.58
N ILE E 209 30.58 14.97 -6.69
CA ILE E 209 30.70 15.26 -5.26
C ILE E 209 32.10 14.90 -4.76
N ILE E 210 32.63 13.80 -5.26
CA ILE E 210 33.98 13.36 -4.95
C ILE E 210 35.01 14.39 -5.43
N THR E 211 34.72 15.02 -6.57
CA THR E 211 35.67 16.00 -7.12
C THR E 211 35.70 17.28 -6.29
N VAL E 212 34.55 17.71 -5.76
CA VAL E 212 34.49 18.91 -4.94
C VAL E 212 35.32 18.71 -3.68
N SER E 213 35.25 17.51 -3.09
CA SER E 213 36.06 17.23 -1.90
C SER E 213 37.56 17.26 -2.19
N TRP E 214 37.99 16.83 -3.38
CA TRP E 214 39.42 16.90 -3.72
C TRP E 214 39.89 18.35 -3.87
N PHE E 215 39.03 19.22 -4.42
CA PHE E 215 39.44 20.59 -4.75
C PHE E 215 39.72 21.42 -3.50
N THR E 216 39.28 20.95 -2.33
CA THR E 216 39.54 21.64 -1.08
C THR E 216 41.04 21.78 -0.78
N PHE E 217 41.86 20.83 -1.22
CA PHE E 217 43.30 20.86 -0.99
C PHE E 217 44.01 21.91 -1.83
N PHE E 218 43.30 22.64 -2.69
CA PHE E 218 43.90 23.65 -3.57
C PHE E 218 43.98 25.02 -2.90
N LEU E 219 43.32 25.20 -1.75
CA LEU E 219 43.20 26.47 -1.04
C LEU E 219 44.21 26.57 0.10
N GLN E 220 44.43 27.79 0.57
CA GLN E 220 45.50 28.06 1.54
C GLN E 220 45.03 28.08 3.00
N ASP E 221 43.88 28.68 3.32
CA ASP E 221 43.45 28.86 4.72
C ASP E 221 42.76 27.60 5.22
N TYR E 222 43.36 26.92 6.20
CA TYR E 222 42.75 25.71 6.74
C TYR E 222 41.40 26.00 7.39
N THR E 223 41.21 27.22 7.88
CA THR E 223 39.94 27.59 8.52
C THR E 223 38.78 27.48 7.55
N LYS E 224 38.96 28.01 6.33
CA LYS E 224 37.91 27.94 5.32
C LYS E 224 37.72 26.50 4.85
N ARG E 225 38.81 25.74 4.76
CA ARG E 225 38.73 24.34 4.33
C ARG E 225 37.80 23.53 5.22
N ILE E 226 37.88 23.74 6.54
CA ILE E 226 37.05 22.96 7.45
C ILE E 226 35.57 23.21 7.19
N ASP E 227 35.22 24.46 6.91
CA ASP E 227 33.85 24.82 6.58
C ASP E 227 33.38 24.13 5.31
N LEU E 228 34.23 24.15 4.28
CA LEU E 228 33.86 23.62 2.98
C LEU E 228 33.75 22.09 2.99
N ALA E 229 34.69 21.43 3.67
CA ALA E 229 34.67 19.98 3.80
C ALA E 229 33.44 19.52 4.59
N GLY E 230 33.12 20.22 5.67
CA GLY E 230 31.91 19.90 6.42
C GLY E 230 30.66 20.01 5.57
N GLY E 231 30.56 21.06 4.76
CA GLY E 231 29.34 21.23 3.98
C GLY E 231 29.19 20.20 2.88
N ASN E 232 30.31 19.71 2.34
CA ASN E 232 30.27 18.68 1.31
C ASN E 232 29.83 17.32 1.87
N LEU E 233 30.03 17.08 3.17
CA LEU E 233 29.54 15.85 3.78
C LEU E 233 28.02 15.89 3.93
N LEU E 234 27.48 17.05 4.31
CA LEU E 234 26.04 17.19 4.37
C LEU E 234 25.41 17.07 2.98
N LEU E 235 26.12 17.53 1.95
CA LEU E 235 25.60 17.41 0.58
C LEU E 235 25.50 15.96 0.17
N PHE E 236 26.47 15.13 0.56
CA PHE E 236 26.43 13.71 0.24
C PHE E 236 25.24 13.02 0.91
N ILE E 237 24.97 13.37 2.18
CA ILE E 237 23.87 12.76 2.90
C ILE E 237 22.53 13.14 2.27
N ALA E 238 22.37 14.42 1.93
CA ALA E 238 21.15 14.91 1.26
C ALA E 238 20.89 14.18 -0.06
N PHE E 239 21.94 13.96 -0.85
CA PHE E 239 21.82 13.27 -2.13
C PHE E 239 21.38 11.84 -1.91
N ASN E 240 21.89 11.20 -0.84
CA ASN E 240 21.62 9.80 -0.57
C ASN E 240 20.12 9.55 -0.39
N PHE E 241 19.41 10.39 0.36
CA PHE E 241 17.97 10.20 0.51
C PHE E 241 17.22 10.55 -0.78
N THR E 242 17.80 11.40 -1.63
CA THR E 242 17.14 11.70 -2.90
C THR E 242 17.09 10.48 -3.84
N ILE E 243 17.98 9.51 -3.67
CA ILE E 243 17.99 8.31 -4.51
C ILE E 243 17.40 7.10 -3.82
N SER E 244 16.90 7.24 -2.59
CA SER E 244 16.51 6.08 -1.80
C SER E 244 15.44 5.23 -2.48
N SER E 245 14.61 5.84 -3.33
CA SER E 245 13.53 5.09 -3.97
C SER E 245 14.03 4.16 -5.07
N ASP E 246 15.27 4.33 -5.53
CA ASP E 246 15.85 3.45 -6.54
C ASP E 246 16.56 2.26 -5.94
N LEU E 247 16.62 2.16 -4.60
CA LEU E 247 17.37 1.12 -3.91
C LEU E 247 16.40 0.10 -3.30
N PRO E 248 16.55 -1.20 -3.55
CA PRO E 248 15.58 -2.15 -3.01
C PRO E 248 15.79 -2.44 -1.53
N ARG E 249 14.68 -2.76 -0.85
CA ARG E 249 14.66 -2.90 0.62
C ARG E 249 14.89 -4.37 0.96
N LEU E 250 16.16 -4.71 1.18
CA LEU E 250 16.67 -6.05 1.37
C LEU E 250 17.41 -6.11 2.70
N GLY E 251 17.39 -7.26 3.35
CA GLY E 251 18.04 -7.30 4.65
C GLY E 251 19.48 -7.77 4.61
N TYR E 252 20.14 -7.62 3.46
CA TYR E 252 21.51 -8.09 3.29
C TYR E 252 22.28 -7.16 2.35
N ILE E 253 23.62 -7.32 2.35
CA ILE E 253 24.54 -6.36 1.74
C ILE E 253 24.62 -6.55 0.22
N THR E 254 24.58 -5.44 -0.53
CA THR E 254 24.76 -5.41 -1.97
C THR E 254 26.04 -4.66 -2.33
N LEU E 255 26.45 -4.84 -3.60
CA LEU E 255 27.60 -4.10 -4.13
C LEU E 255 27.36 -2.59 -4.07
N MET E 256 26.11 -2.16 -4.32
CA MET E 256 25.78 -0.75 -4.29
C MET E 256 25.89 -0.19 -2.87
N ASP E 257 25.52 -1.00 -1.87
CA ASP E 257 25.63 -0.57 -0.48
C ASP E 257 27.08 -0.32 -0.09
N ALA E 258 27.97 -1.24 -0.47
CA ALA E 258 29.39 -1.13 -0.14
C ALA E 258 30.02 0.10 -0.77
N PHE E 259 29.61 0.43 -1.98
CA PHE E 259 30.13 1.59 -2.72
C PHE E 259 29.77 2.88 -1.99
N LEU E 260 28.53 2.99 -1.52
CA LEU E 260 28.12 4.25 -0.90
C LEU E 260 28.73 4.42 0.49
N VAL E 261 28.87 3.35 1.27
CA VAL E 261 29.46 3.46 2.60
C VAL E 261 30.93 3.84 2.50
N GLY E 262 31.63 3.28 1.51
CA GLY E 262 33.04 3.61 1.33
C GLY E 262 33.25 5.07 0.99
N THR E 263 32.37 5.62 0.16
CA THR E 263 32.42 7.05 -0.15
C THR E 263 32.18 7.91 1.10
N PHE E 264 31.34 7.44 2.02
CA PHE E 264 31.07 8.21 3.24
C PHE E 264 32.32 8.26 4.10
N ILE E 265 33.01 7.14 4.20
CA ILE E 265 34.19 7.03 5.05
C ILE E 265 35.28 7.99 4.59
N ILE E 266 35.52 8.05 3.28
CA ILE E 266 36.64 8.85 2.79
C ILE E 266 36.34 10.34 2.90
N THR E 267 35.08 10.73 2.63
CA THR E 267 34.74 12.14 2.74
C THR E 267 34.73 12.62 4.19
N ALA E 268 34.38 11.74 5.14
CA ALA E 268 34.47 12.13 6.55
C ALA E 268 35.90 12.30 7.00
N LEU E 269 36.83 11.54 6.41
CA LEU E 269 38.21 11.60 6.86
C LEU E 269 38.86 12.93 6.46
N VAL E 270 38.37 13.54 5.38
CA VAL E 270 38.90 14.85 4.97
C VAL E 270 38.60 15.94 6.00
N VAL E 271 37.47 15.84 6.69
CA VAL E 271 37.13 16.81 7.74
C VAL E 271 38.11 16.68 8.90
N LEU E 272 38.42 15.45 9.27
CA LEU E 272 39.26 15.20 10.42
C LEU E 272 40.70 15.63 10.16
N GLY E 273 41.15 15.46 8.91
CA GLY E 273 42.51 15.84 8.57
C GLY E 273 42.76 17.33 8.62
N ASN E 274 41.79 18.11 8.11
CA ASN E 274 41.95 19.56 8.08
C ASN E 274 41.88 20.16 9.47
N VAL E 275 41.15 19.55 10.40
CA VAL E 275 41.23 20.00 11.79
C VAL E 275 42.62 19.80 12.35
N TRP E 276 43.26 18.67 12.02
CA TRP E 276 44.59 18.43 12.56
C TRP E 276 45.64 19.37 11.96
N LEU E 277 45.49 19.73 10.67
CA LEU E 277 46.42 20.69 10.06
C LEU E 277 46.30 22.07 10.72
N ARG E 278 45.07 22.47 11.08
CA ARG E 278 44.88 23.72 11.82
C ARG E 278 45.53 23.67 13.20
N ARG E 279 45.53 22.50 13.85
CA ARG E 279 46.16 22.39 15.16
C ARG E 279 47.66 22.56 15.04
N LEU E 280 48.27 21.97 14.01
CA LEU E 280 49.71 22.13 13.79
C LEU E 280 50.07 23.58 13.53
N GLU E 281 49.24 24.30 12.76
CA GLU E 281 49.47 25.72 12.54
C GLU E 281 49.42 26.52 13.84
N ASN E 282 48.46 26.19 14.72
CA ASN E 282 48.34 26.93 15.98
C ASN E 282 49.52 26.69 16.90
N HIS E 283 50.15 25.51 16.84
CA HIS E 283 51.33 25.18 17.63
C HIS E 283 52.62 25.64 16.95
N GLY E 284 52.51 26.36 15.83
CA GLY E 284 53.64 26.93 15.12
C GLY E 284 54.45 25.98 14.25
N LYS E 285 53.82 24.93 13.73
CA LYS E 285 54.51 23.98 12.87
C LYS E 285 53.93 24.05 11.46
N GLN E 286 53.99 25.24 10.86
CA GLN E 286 53.43 25.48 9.53
C GLN E 286 54.12 24.66 8.45
N ALA E 287 55.45 24.61 8.47
CA ALA E 287 56.20 23.92 7.42
C ALA E 287 55.90 22.42 7.38
N LEU E 288 55.73 21.80 8.56
CA LEU E 288 55.38 20.39 8.60
C LEU E 288 53.98 20.16 8.07
N ALA E 289 53.04 21.05 8.42
CA ALA E 289 51.66 20.94 7.94
C ALA E 289 51.61 21.11 6.43
N ARG E 290 52.40 22.05 5.91
CA ARG E 290 52.50 22.29 4.48
C ARG E 290 53.07 21.07 3.74
N LYS E 291 53.94 20.31 4.40
CA LYS E 291 54.47 19.09 3.78
C LYS E 291 53.42 17.97 3.74
N LEU E 292 52.70 17.78 4.84
CA LEU E 292 51.66 16.75 4.88
C LEU E 292 50.57 17.03 3.85
N ASP E 293 50.28 18.30 3.58
CA ASP E 293 49.28 18.69 2.59
C ASP E 293 49.65 18.15 1.20
N ILE E 294 50.94 18.17 0.87
CA ILE E 294 51.40 17.72 -0.44
C ILE E 294 51.20 16.21 -0.59
N TYR E 295 51.36 15.45 0.49
CA TYR E 295 51.09 14.02 0.44
C TYR E 295 49.60 13.72 0.33
N ALA E 296 48.74 14.56 0.93
CA ALA E 296 47.31 14.34 0.86
C ALA E 296 46.78 14.48 -0.55
N ILE E 297 47.31 15.44 -1.31
CA ILE E 297 46.79 15.73 -2.64
C ILE E 297 46.92 14.51 -3.55
N THR E 298 48.09 13.85 -3.52
CA THR E 298 48.32 12.71 -4.42
C THR E 298 47.68 11.42 -3.92
N SER E 299 47.62 11.20 -2.60
CA SER E 299 47.09 9.93 -2.11
C SER E 299 45.56 9.84 -2.16
N TYR E 300 44.85 10.97 -2.23
CA TYR E 300 43.39 10.93 -2.29
C TYR E 300 42.86 10.15 -3.50
N PRO E 301 43.28 10.43 -4.74
CA PRO E 301 42.79 9.62 -5.87
C PRO E 301 43.24 8.17 -5.83
N LEU E 302 44.40 7.89 -5.23
CA LEU E 302 44.90 6.52 -5.14
C LEU E 302 44.02 5.68 -4.22
N ALA E 303 43.46 6.30 -3.18
CA ALA E 303 42.56 5.60 -2.28
C ALA E 303 41.30 5.15 -2.99
N TYR E 304 40.77 5.97 -3.91
CA TYR E 304 39.55 5.55 -4.61
C TYR E 304 39.86 4.44 -5.62
N LEU E 305 41.02 4.52 -6.27
CA LEU E 305 41.40 3.51 -7.26
C LEU E 305 41.61 2.14 -6.62
N LEU E 306 42.22 2.12 -5.44
CA LEU E 306 42.47 0.88 -4.72
C LEU E 306 41.21 0.33 -4.07
N GLY E 307 40.27 1.21 -3.73
CA GLY E 307 38.98 0.76 -3.26
C GLY E 307 38.18 0.08 -4.35
N ALA E 308 38.19 0.65 -5.56
CA ALA E 308 37.52 0.03 -6.70
C ALA E 308 38.03 -1.39 -6.94
N LEU E 309 39.35 -1.55 -6.88
CA LEU E 309 40.00 -2.83 -7.12
C LEU E 309 39.57 -3.84 -6.06
N THR E 310 39.47 -3.37 -4.82
CA THR E 310 39.06 -4.21 -3.71
C THR E 310 37.63 -4.71 -3.87
N LEU E 311 36.72 -3.81 -4.25
CA LEU E 311 35.32 -4.19 -4.46
C LEU E 311 35.19 -5.22 -5.57
N TRP E 312 35.94 -5.06 -6.66
CA TRP E 312 35.92 -6.02 -7.75
C TRP E 312 36.34 -7.40 -7.28
N LEU E 313 37.38 -7.47 -6.45
CA LEU E 313 37.86 -8.77 -5.97
C LEU E 313 36.85 -9.42 -5.04
N LEU E 314 36.22 -8.65 -4.17
CA LEU E 314 35.34 -9.25 -3.16
C LEU E 314 34.01 -9.69 -3.74
N PHE E 315 33.51 -8.99 -4.77
CA PHE E 315 32.18 -9.30 -5.30
C PHE E 315 32.20 -10.11 -6.58
N PHE E 316 33.18 -9.89 -7.47
CA PHE E 316 33.19 -10.62 -8.73
C PHE E 316 34.21 -11.75 -8.77
N TRP E 317 35.06 -11.87 -7.75
CA TRP E 317 35.90 -13.06 -7.58
C TRP E 317 35.98 -13.45 -6.10
#